data_2FGO
# 
_entry.id   2FGO 
# 
_audit_conform.dict_name       mmcif_pdbx.dic 
_audit_conform.dict_version    5.377 
_audit_conform.dict_location   http://mmcif.pdb.org/dictionaries/ascii/mmcif_pdbx.dic 
# 
loop_
_database_2.database_id 
_database_2.database_code 
_database_2.pdbx_database_accession 
_database_2.pdbx_DOI 
PDB   2FGO         pdb_00002fgo 10.2210/pdb2fgo/pdb 
RCSB  RCSB035856   ?            ?                   
WWPDB D_1000035856 ?            ?                   
# 
_pdbx_database_status.status_code                     REL 
_pdbx_database_status.entry_id                        2FGO 
_pdbx_database_status.recvd_initial_deposition_date   2005-12-22 
_pdbx_database_status.deposit_site                    RCSB 
_pdbx_database_status.process_site                    RCSB 
_pdbx_database_status.status_code_sf                  REL 
_pdbx_database_status.status_code_mr                  ? 
_pdbx_database_status.SG_entry                        ? 
_pdbx_database_status.pdb_format_compatible           Y 
_pdbx_database_status.status_code_cs                  ? 
_pdbx_database_status.status_code_nmr_data            ? 
_pdbx_database_status.methods_development_category    ? 
# 
loop_
_audit_author.name 
_audit_author.pdbx_ordinal 
'Giastas, P.'    1 
'Pinotsis, N.'   2 
'Mavridis, I.M.' 3 
# 
_citation.id                        primary 
_citation.title                     
;The structure of the 2[4Fe-4S] ferredoxin from Pseudomonas aeruginosa at 1.32-A resolution: comparison with other high-resolution structures of ferredoxins and contributing structural features to reduction potential values.
;
_citation.journal_abbrev            J.Biol.Inorg.Chem. 
_citation.journal_volume            11 
_citation.page_first                445 
_citation.page_last                 458 
_citation.year                      2006 
_citation.journal_id_ASTM           JJBCFA 
_citation.country                   GW 
_citation.journal_id_ISSN           0949-8257 
_citation.journal_id_CSD            2154 
_citation.book_publisher            ? 
_citation.pdbx_database_id_PubMed   16596388 
_citation.pdbx_database_id_DOI      10.1007/s00775-006-0094-9 
# 
loop_
_citation_author.citation_id 
_citation_author.name 
_citation_author.ordinal 
_citation_author.identifier_ORCID 
primary 'Giastas, P.'    1 ? 
primary 'Pinotsis, N.'   2 ? 
primary 'Efthymiou, G.'  3 ? 
primary 'Wilmanns, M.'   4 ? 
primary 'Kyritsis, P.'   5 ? 
primary 'Moulis, J.-M.'  6 ? 
primary 'Mavridis, I.M.' 7 ? 
# 
_cell.entry_id           2FGO 
_cell.length_a           39.087 
_cell.length_b           45.129 
_cell.length_c           51.953 
_cell.angle_alpha        90.00 
_cell.angle_beta         90.00 
_cell.angle_gamma        90.00 
_cell.Z_PDB              4 
_cell.pdbx_unique_axis   ? 
_cell.length_a_esd       ? 
_cell.length_b_esd       ? 
_cell.length_c_esd       ? 
_cell.angle_alpha_esd    ? 
_cell.angle_beta_esd     ? 
_cell.angle_gamma_esd    ? 
# 
_symmetry.entry_id                         2FGO 
_symmetry.space_group_name_H-M             'P 21 21 21' 
_symmetry.pdbx_full_space_group_name_H-M   ? 
_symmetry.cell_setting                     ? 
_symmetry.Int_Tables_number                19 
_symmetry.space_group_name_Hall            ? 
# 
loop_
_entity.id 
_entity.type 
_entity.src_method 
_entity.pdbx_description 
_entity.formula_weight 
_entity.pdbx_number_of_molecules 
_entity.pdbx_ec 
_entity.pdbx_mutation 
_entity.pdbx_fragment 
_entity.details 
1 polymer     man Ferredoxin            9102.208 1   ? ? ? ? 
2 non-polymer syn 'IRON/SULFUR CLUSTER' 351.640  2   ? ? ? ? 
3 water       nat water                 18.015   141 ? ? ? ? 
# 
_entity_poly.entity_id                      1 
_entity_poly.type                           'polypeptide(L)' 
_entity_poly.nstd_linkage                   no 
_entity_poly.nstd_monomer                   no 
_entity_poly.pdbx_seq_one_letter_code       
;SLKITDDCINCDVCEPECPNGAISQGEEIYVIDPNLCTECVGHYDEPQCQQVCPVDCIPLDDANVESKDQLMEKYRKITG
KA
;
_entity_poly.pdbx_seq_one_letter_code_can   
;SLKITDDCINCDVCEPECPNGAISQGEEIYVIDPNLCTECVGHYDEPQCQQVCPVDCIPLDDANVESKDQLMEKYRKITG
KA
;
_entity_poly.pdbx_strand_id                 A 
_entity_poly.pdbx_target_identifier         ? 
# 
loop_
_entity_poly_seq.entity_id 
_entity_poly_seq.num 
_entity_poly_seq.mon_id 
_entity_poly_seq.hetero 
1 1  SER n 
1 2  LEU n 
1 3  LYS n 
1 4  ILE n 
1 5  THR n 
1 6  ASP n 
1 7  ASP n 
1 8  CYS n 
1 9  ILE n 
1 10 ASN n 
1 11 CYS n 
1 12 ASP n 
1 13 VAL n 
1 14 CYS n 
1 15 GLU n 
1 16 PRO n 
1 17 GLU n 
1 18 CYS n 
1 19 PRO n 
1 20 ASN n 
1 21 GLY n 
1 22 ALA n 
1 23 ILE n 
1 24 SER n 
1 25 GLN n 
1 26 GLY n 
1 27 GLU n 
1 28 GLU n 
1 29 ILE n 
1 30 TYR n 
1 31 VAL n 
1 32 ILE n 
1 33 ASP n 
1 34 PRO n 
1 35 ASN n 
1 36 LEU n 
1 37 CYS n 
1 38 THR n 
1 39 GLU n 
1 40 CYS n 
1 41 VAL n 
1 42 GLY n 
1 43 HIS n 
1 44 TYR n 
1 45 ASP n 
1 46 GLU n 
1 47 PRO n 
1 48 GLN n 
1 49 CYS n 
1 50 GLN n 
1 51 GLN n 
1 52 VAL n 
1 53 CYS n 
1 54 PRO n 
1 55 VAL n 
1 56 ASP n 
1 57 CYS n 
1 58 ILE n 
1 59 PRO n 
1 60 LEU n 
1 61 ASP n 
1 62 ASP n 
1 63 ALA n 
1 64 ASN n 
1 65 VAL n 
1 66 GLU n 
1 67 SER n 
1 68 LYS n 
1 69 ASP n 
1 70 GLN n 
1 71 LEU n 
1 72 MET n 
1 73 GLU n 
1 74 LYS n 
1 75 TYR n 
1 76 ARG n 
1 77 LYS n 
1 78 ILE n 
1 79 THR n 
1 80 GLY n 
1 81 LYS n 
1 82 ALA n 
# 
_entity_src_gen.entity_id                          1 
_entity_src_gen.pdbx_src_id                        1 
_entity_src_gen.pdbx_alt_source_flag               sample 
_entity_src_gen.pdbx_seq_type                      ? 
_entity_src_gen.pdbx_beg_seq_num                   ? 
_entity_src_gen.pdbx_end_seq_num                   ? 
_entity_src_gen.gene_src_common_name               ? 
_entity_src_gen.gene_src_genus                     Pseudomonas 
_entity_src_gen.pdbx_gene_src_gene                 ? 
_entity_src_gen.gene_src_species                   ? 
_entity_src_gen.gene_src_strain                    ? 
_entity_src_gen.gene_src_tissue                    ? 
_entity_src_gen.gene_src_tissue_fraction           ? 
_entity_src_gen.gene_src_details                   ? 
_entity_src_gen.pdbx_gene_src_fragment             ? 
_entity_src_gen.pdbx_gene_src_scientific_name      'Pseudomonas aeruginosa' 
_entity_src_gen.pdbx_gene_src_ncbi_taxonomy_id     287 
_entity_src_gen.pdbx_gene_src_variant              ? 
_entity_src_gen.pdbx_gene_src_cell_line            ? 
_entity_src_gen.pdbx_gene_src_atcc                 ? 
_entity_src_gen.pdbx_gene_src_organ                ? 
_entity_src_gen.pdbx_gene_src_organelle            ? 
_entity_src_gen.pdbx_gene_src_cell                 ? 
_entity_src_gen.pdbx_gene_src_cellular_location    ? 
_entity_src_gen.host_org_common_name               ? 
_entity_src_gen.pdbx_host_org_scientific_name      'Escherichia coli' 
_entity_src_gen.pdbx_host_org_ncbi_taxonomy_id     562 
_entity_src_gen.host_org_genus                     Escherichia 
_entity_src_gen.pdbx_host_org_gene                 ? 
_entity_src_gen.pdbx_host_org_organ                ? 
_entity_src_gen.host_org_species                   ? 
_entity_src_gen.pdbx_host_org_tissue               ? 
_entity_src_gen.pdbx_host_org_tissue_fraction      ? 
_entity_src_gen.pdbx_host_org_strain               K38/pGP1-2 
_entity_src_gen.pdbx_host_org_variant              ? 
_entity_src_gen.pdbx_host_org_cell_line            ? 
_entity_src_gen.pdbx_host_org_atcc                 ? 
_entity_src_gen.pdbx_host_org_culture_collection   ? 
_entity_src_gen.pdbx_host_org_cell                 ? 
_entity_src_gen.pdbx_host_org_organelle            ? 
_entity_src_gen.pdbx_host_org_cellular_location    ? 
_entity_src_gen.pdbx_host_org_vector_type          PLASMID 
_entity_src_gen.pdbx_host_org_vector               ? 
_entity_src_gen.host_org_details                   ? 
_entity_src_gen.expression_system_id               ? 
_entity_src_gen.plasmid_name                       pT7-7 
_entity_src_gen.plasmid_details                    ? 
_entity_src_gen.pdbx_description                   ? 
# 
_struct_ref.id                         1 
_struct_ref.db_name                    UNP 
_struct_ref.db_code                    Q9I6D2_PSEAE 
_struct_ref.pdbx_db_accession          Q9I6D2 
_struct_ref.entity_id                  1 
_struct_ref.pdbx_seq_one_letter_code   
;SLKITDDCINCDVCEPECPNGAISQGEEIYVIDPNLCTECVGHYDEPQCQQVCPVDCIPLDDANVESKDQLMEKYRKITG
KA
;
_struct_ref.pdbx_align_begin           2 
_struct_ref.pdbx_db_isoform            ? 
# 
_struct_ref_seq.align_id                      1 
_struct_ref_seq.ref_id                        1 
_struct_ref_seq.pdbx_PDB_id_code              2FGO 
_struct_ref_seq.pdbx_strand_id                A 
_struct_ref_seq.seq_align_beg                 1 
_struct_ref_seq.pdbx_seq_align_beg_ins_code   ? 
_struct_ref_seq.seq_align_end                 82 
_struct_ref_seq.pdbx_seq_align_end_ins_code   ? 
_struct_ref_seq.pdbx_db_accession             Q9I6D2 
_struct_ref_seq.db_align_beg                  2 
_struct_ref_seq.pdbx_db_align_beg_ins_code    ? 
_struct_ref_seq.db_align_end                  83 
_struct_ref_seq.pdbx_db_align_end_ins_code    ? 
_struct_ref_seq.pdbx_auth_seq_align_beg       1 
_struct_ref_seq.pdbx_auth_seq_align_end       82 
# 
loop_
_chem_comp.id 
_chem_comp.type 
_chem_comp.mon_nstd_flag 
_chem_comp.name 
_chem_comp.pdbx_synonyms 
_chem_comp.formula 
_chem_comp.formula_weight 
ALA 'L-peptide linking' y ALANINE               ? 'C3 H7 N O2'     89.093  
ARG 'L-peptide linking' y ARGININE              ? 'C6 H15 N4 O2 1' 175.209 
ASN 'L-peptide linking' y ASPARAGINE            ? 'C4 H8 N2 O3'    132.118 
ASP 'L-peptide linking' y 'ASPARTIC ACID'       ? 'C4 H7 N O4'     133.103 
CYS 'L-peptide linking' y CYSTEINE              ? 'C3 H7 N O2 S'   121.158 
GLN 'L-peptide linking' y GLUTAMINE             ? 'C5 H10 N2 O3'   146.144 
GLU 'L-peptide linking' y 'GLUTAMIC ACID'       ? 'C5 H9 N O4'     147.129 
GLY 'peptide linking'   y GLYCINE               ? 'C2 H5 N O2'     75.067  
HIS 'L-peptide linking' y HISTIDINE             ? 'C6 H10 N3 O2 1' 156.162 
HOH non-polymer         . WATER                 ? 'H2 O'           18.015  
ILE 'L-peptide linking' y ISOLEUCINE            ? 'C6 H13 N O2'    131.173 
LEU 'L-peptide linking' y LEUCINE               ? 'C6 H13 N O2'    131.173 
LYS 'L-peptide linking' y LYSINE                ? 'C6 H15 N2 O2 1' 147.195 
MET 'L-peptide linking' y METHIONINE            ? 'C5 H11 N O2 S'  149.211 
PRO 'L-peptide linking' y PROLINE               ? 'C5 H9 N O2'     115.130 
SER 'L-peptide linking' y SERINE                ? 'C3 H7 N O3'     105.093 
SF4 non-polymer         . 'IRON/SULFUR CLUSTER' ? 'Fe4 S4'         351.640 
THR 'L-peptide linking' y THREONINE             ? 'C4 H9 N O3'     119.119 
TYR 'L-peptide linking' y TYROSINE              ? 'C9 H11 N O3'    181.189 
VAL 'L-peptide linking' y VALINE                ? 'C5 H11 N O2'    117.146 
# 
_exptl.entry_id          2FGO 
_exptl.method            'X-RAY DIFFRACTION' 
_exptl.crystals_number   1 
# 
_exptl_crystal.id                    1 
_exptl_crystal.density_meas          ? 
_exptl_crystal.density_Matthews      2.48 
_exptl_crystal.density_percent_sol   50.40 
_exptl_crystal.description           ? 
_exptl_crystal.F_000                 ? 
_exptl_crystal.preparation           ? 
# 
_exptl_crystal_grow.crystal_id      1 
_exptl_crystal_grow.method          ? 
_exptl_crystal_grow.temp            277 
_exptl_crystal_grow.temp_details    ? 
_exptl_crystal_grow.pH              7.40 
_exptl_crystal_grow.pdbx_details    
'3.2M (NH4)2HPO4, 0.230M NaCl, pH 7.4, VAPOR DIFFUSION, HANGING DROP, temperature 277K, pH 7.40' 
_exptl_crystal_grow.pdbx_pH_range   . 
# 
_diffrn.id                     1 
_diffrn.ambient_temp           100.0 
_diffrn.ambient_temp_details   ? 
_diffrn.crystal_id             1 
# 
_diffrn_detector.diffrn_id              1 
_diffrn_detector.detector               'IMAGE PLATE' 
_diffrn_detector.type                   MARRESEARCH 
_diffrn_detector.pdbx_collection_date   2004-07-23 
_diffrn_detector.details                ? 
# 
_diffrn_radiation.diffrn_id                        1 
_diffrn_radiation.wavelength_id                    1 
_diffrn_radiation.pdbx_monochromatic_or_laue_m_l   M 
_diffrn_radiation.monochromator                    'TRIANGULAR MONOCHROMATOR' 
_diffrn_radiation.pdbx_diffrn_protocol             'SINGLE WAVELENGTH' 
_diffrn_radiation.pdbx_scattering_type             x-ray 
# 
_diffrn_radiation_wavelength.id           1 
_diffrn_radiation_wavelength.wavelength   0.8414 
_diffrn_radiation_wavelength.wt           1.0 
# 
_diffrn_source.diffrn_id                   1 
_diffrn_source.source                      SYNCHROTRON 
_diffrn_source.type                        'EMBL/DESY, HAMBURG BEAMLINE BW7B' 
_diffrn_source.pdbx_synchrotron_site       'EMBL/DESY, HAMBURG' 
_diffrn_source.pdbx_synchrotron_beamline   BW7B 
_diffrn_source.pdbx_wavelength             0.8414 
_diffrn_source.pdbx_wavelength_list        ? 
# 
_reflns.entry_id                     2FGO 
_reflns.observed_criterion_sigma_I   2.000 
_reflns.observed_criterion_sigma_F   ? 
_reflns.d_resolution_low             15.000 
_reflns.d_resolution_high            1.320 
_reflns.number_obs                   20405 
_reflns.number_all                   ? 
_reflns.percent_possible_obs         91.8 
_reflns.pdbx_Rmerge_I_obs            0.064 
_reflns.pdbx_Rsym_value              0.064 
_reflns.pdbx_netI_over_sigmaI        08.9 
_reflns.B_iso_Wilson_estimate        ? 
_reflns.pdbx_redundancy              5.200 
_reflns.R_free_details               ? 
_reflns.limit_h_max                  ? 
_reflns.limit_h_min                  ? 
_reflns.limit_k_max                  ? 
_reflns.limit_k_min                  ? 
_reflns.limit_l_max                  ? 
_reflns.limit_l_min                  ? 
_reflns.observed_criterion_F_max     ? 
_reflns.observed_criterion_F_min     ? 
_reflns.pdbx_chi_squared             ? 
_reflns.pdbx_scaling_rejects         ? 
_reflns.pdbx_diffrn_id               1 
_reflns.pdbx_ordinal                 1 
# 
_reflns_shell.d_res_high             1.32 
_reflns_shell.d_res_low              1.35 
_reflns_shell.percent_possible_all   100.0 
_reflns_shell.Rmerge_I_obs           0.373 
_reflns_shell.pdbx_Rsym_value        0.373 
_reflns_shell.meanI_over_sigI_obs    2.0 
_reflns_shell.pdbx_redundancy        ? 
_reflns_shell.percent_possible_obs   ? 
_reflns_shell.number_unique_all      ? 
_reflns_shell.number_measured_all    ? 
_reflns_shell.number_measured_obs    ? 
_reflns_shell.number_unique_obs      ? 
_reflns_shell.pdbx_chi_squared       ? 
_reflns_shell.pdbx_diffrn_id         ? 
_reflns_shell.pdbx_ordinal           1 
# 
_refine.entry_id                                 2FGO 
_refine.ls_number_reflns_obs                     15657 
_refine.ls_number_reflns_all                     20405 
_refine.pdbx_ls_sigma_I                          ? 
_refine.pdbx_ls_sigma_F                          0.000 
_refine.pdbx_data_cutoff_high_absF               ? 
_refine.pdbx_data_cutoff_low_absF                ? 
_refine.pdbx_data_cutoff_high_rms_absF           ? 
_refine.ls_d_res_low                             15.00 
_refine.ls_d_res_high                            1.32 
_refine.ls_percent_reflns_obs                    91.8 
_refine.ls_R_factor_obs                          ? 
_refine.ls_R_factor_all                          0.176 
_refine.ls_R_factor_R_work                       ? 
_refine.ls_R_factor_R_free                       ? 
_refine.ls_R_factor_R_free_error                 ? 
_refine.ls_R_factor_R_free_error_details         ? 
_refine.ls_percent_reflns_R_free                 ? 
_refine.ls_number_reflns_R_free                  ? 
_refine.ls_number_parameters                     6462 
_refine.ls_number_restraints                     1944 
_refine.occupancy_min                            ? 
_refine.occupancy_max                            ? 
_refine.correlation_coeff_Fo_to_Fc               ? 
_refine.correlation_coeff_Fo_to_Fc_free          ? 
_refine.B_iso_mean                               ? 
_refine.aniso_B[1][1]                            ? 
_refine.aniso_B[2][2]                            ? 
_refine.aniso_B[3][3]                            ? 
_refine.aniso_B[1][2]                            ? 
_refine.aniso_B[1][3]                            ? 
_refine.aniso_B[2][3]                            ? 
_refine.solvent_model_details                    ? 
_refine.solvent_model_param_ksol                 ? 
_refine.solvent_model_param_bsol                 ? 
_refine.pdbx_solvent_vdw_probe_radii             ? 
_refine.pdbx_solvent_ion_probe_radii             ? 
_refine.pdbx_solvent_shrinkage_radii             ? 
_refine.pdbx_ls_cross_valid_method               ? 
_refine.details                                  ? 
_refine.pdbx_starting_model                      'PDB ENTRY 1BLU' 
_refine.pdbx_method_to_determine_struct          'MOLECULAR REPLACEMENT' 
_refine.pdbx_isotropic_thermal_model             ? 
_refine.pdbx_stereochemistry_target_values       'Engh & Huber' 
_refine.pdbx_stereochem_target_val_spec_case     ? 
_refine.pdbx_R_Free_selection_details            ? 
_refine.pdbx_overall_ESU_R                       ? 
_refine.pdbx_overall_ESU_R_Free                  ? 
_refine.overall_SU_ML                            ? 
_refine.overall_SU_B                             ? 
_refine.ls_redundancy_reflns_obs                 ? 
_refine.B_iso_min                                ? 
_refine.B_iso_max                                ? 
_refine.overall_SU_R_Cruickshank_DPI             ? 
_refine.overall_SU_R_free                        ? 
_refine.ls_wR_factor_R_free                      ? 
_refine.ls_wR_factor_R_work                      ? 
_refine.overall_FOM_free_R_set                   ? 
_refine.overall_FOM_work_R_set                   ? 
_refine.pdbx_refine_id                           'X-RAY DIFFRACTION' 
_refine.pdbx_diffrn_id                           1 
_refine.pdbx_TLS_residual_ADP_flag               ? 
_refine.pdbx_overall_phase_error                 ? 
_refine.pdbx_overall_SU_R_free_Cruickshank_DPI   ? 
_refine.pdbx_overall_SU_R_Blow_DPI               ? 
_refine.pdbx_overall_SU_R_free_Blow_DPI          ? 
# 
_refine_analyze.entry_id                        2FGO 
_refine_analyze.Luzzati_coordinate_error_obs    ? 
_refine_analyze.Luzzati_sigma_a_obs             ? 
_refine_analyze.Luzzati_d_res_low_obs           ? 
_refine_analyze.Luzzati_coordinate_error_free   ? 
_refine_analyze.Luzzati_sigma_a_free            ? 
_refine_analyze.Luzzati_d_res_low_free          ? 
_refine_analyze.number_disordered_residues      2 
_refine_analyze.occupancy_sum_hydrogen          0.0 
_refine_analyze.occupancy_sum_non_hydrogen      759.75 
_refine_analyze.pdbx_Luzzati_d_res_high_obs     ? 
_refine_analyze.pdbx_refine_id                  'X-RAY DIFFRACTION' 
# 
_refine_hist.pdbx_refine_id                   'X-RAY DIFFRACTION' 
_refine_hist.cycle_id                         LAST 
_refine_hist.pdbx_number_atoms_protein        639 
_refine_hist.pdbx_number_atoms_nucleic_acid   0 
_refine_hist.pdbx_number_atoms_ligand         16 
_refine_hist.number_atoms_solvent             141 
_refine_hist.number_atoms_total               796 
_refine_hist.d_res_high                       1.32 
_refine_hist.d_res_low                        15.00 
# 
loop_
_refine_ls_restr.type 
_refine_ls_restr.dev_ideal 
_refine_ls_restr.dev_ideal_target 
_refine_ls_restr.weight 
_refine_ls_restr.number 
_refine_ls_restr.pdbx_refine_id 
_refine_ls_restr.pdbx_restraint_function 
s_bond_d               0.009 ? ? ? 'X-RAY DIFFRACTION' ? 
s_angle_d              0.029 ? ? ? 'X-RAY DIFFRACTION' ? 
s_similar_dist         ?     ? ? ? 'X-RAY DIFFRACTION' ? 
s_from_restr_planes    0.350 ? ? ? 'X-RAY DIFFRACTION' ? 
s_zero_chiral_vol      0.050 ? ? ? 'X-RAY DIFFRACTION' ? 
s_non_zero_chiral_vol  0.085 ? ? ? 'X-RAY DIFFRACTION' ? 
s_anti_bump_dis_restr  0.030 ? ? ? 'X-RAY DIFFRACTION' ? 
s_rigid_bond_adp_cmpnt ?     ? ? ? 'X-RAY DIFFRACTION' ? 
s_similar_adp_cmpnt    ?     ? ? ? 'X-RAY DIFFRACTION' ? 
s_approx_iso_adps      ?     ? ? ? 'X-RAY DIFFRACTION' ? 
# 
_pdbx_refine.entry_id                                    2FGO 
_pdbx_refine.R_factor_all_no_cutoff                      0.176 
_pdbx_refine.R_factor_obs_no_cutoff                      ? 
_pdbx_refine.free_R_factor_no_cutoff                     ? 
_pdbx_refine.free_R_val_test_set_size_perc_no_cutoff     ? 
_pdbx_refine.free_R_val_test_set_ct_no_cutoff            ? 
_pdbx_refine.R_factor_all_4sig_cutoff                    0.152 
_pdbx_refine.R_factor_obs_4sig_cutoff                    ? 
_pdbx_refine.free_R_factor_4sig_cutoff                   ? 
_pdbx_refine.free_R_val_test_set_size_perc_4sig_cutoff   ? 
_pdbx_refine.free_R_val_test_set_ct_4sig_cutoff          ? 
_pdbx_refine.number_reflns_obs_4sig_cutoff               15657 
_pdbx_refine.pdbx_refine_id                              'X-RAY DIFFRACTION' 
_pdbx_refine.free_R_error_no_cutoff                      ? 
# 
_struct.entry_id                  2FGO 
_struct.title                     'Structure of the 2[4FE-4S] ferredoxin from Pseudomonas aeruginosa' 
_struct.pdbx_model_details        ? 
_struct.pdbx_CASP_flag            ? 
_struct.pdbx_model_type_details   ? 
# 
_struct_keywords.entry_id        2FGO 
_struct_keywords.pdbx_keywords   'ELECTRON TRANSPORT' 
_struct_keywords.text            
;Ferredoxin, Pseudomonas aeruginosa, Allochromatium vinosum, [4Fe-4S] cluster, reduction potential, Iron binding protein, ELECTRON TRANSPORT
;
# 
loop_
_struct_asym.id 
_struct_asym.pdbx_blank_PDB_chainid_flag 
_struct_asym.pdbx_modified 
_struct_asym.entity_id 
_struct_asym.details 
A N N 1 ? 
B N N 2 ? 
C N N 2 ? 
D N N 3 ? 
# 
loop_
_struct_conf.conf_type_id 
_struct_conf.id 
_struct_conf.pdbx_PDB_helix_id 
_struct_conf.beg_label_comp_id 
_struct_conf.beg_label_asym_id 
_struct_conf.beg_label_seq_id 
_struct_conf.pdbx_beg_PDB_ins_code 
_struct_conf.end_label_comp_id 
_struct_conf.end_label_asym_id 
_struct_conf.end_label_seq_id 
_struct_conf.pdbx_end_PDB_ins_code 
_struct_conf.beg_auth_comp_id 
_struct_conf.beg_auth_asym_id 
_struct_conf.beg_auth_seq_id 
_struct_conf.end_auth_comp_id 
_struct_conf.end_auth_asym_id 
_struct_conf.end_auth_seq_id 
_struct_conf.pdbx_PDB_helix_class 
_struct_conf.details 
_struct_conf.pdbx_PDB_helix_length 
HELX_P HELX_P1 1 CYS A 14 ? CYS A 18 ? CYS A 14 CYS A 18 5 ? 5  
HELX_P HELX_P2 2 PRO A 47 ? CYS A 53 ? PRO A 47 CYS A 53 1 ? 7  
HELX_P HELX_P3 3 SER A 67 ? GLY A 80 ? SER A 67 GLY A 80 1 ? 14 
# 
_struct_conf_type.id          HELX_P 
_struct_conf_type.criteria    ? 
_struct_conf_type.reference   ? 
# 
loop_
_struct_conn.id 
_struct_conn.conn_type_id 
_struct_conn.pdbx_leaving_atom_flag 
_struct_conn.pdbx_PDB_id 
_struct_conn.ptnr1_label_asym_id 
_struct_conn.ptnr1_label_comp_id 
_struct_conn.ptnr1_label_seq_id 
_struct_conn.ptnr1_label_atom_id 
_struct_conn.pdbx_ptnr1_label_alt_id 
_struct_conn.pdbx_ptnr1_PDB_ins_code 
_struct_conn.pdbx_ptnr1_standard_comp_id 
_struct_conn.ptnr1_symmetry 
_struct_conn.ptnr2_label_asym_id 
_struct_conn.ptnr2_label_comp_id 
_struct_conn.ptnr2_label_seq_id 
_struct_conn.ptnr2_label_atom_id 
_struct_conn.pdbx_ptnr2_label_alt_id 
_struct_conn.pdbx_ptnr2_PDB_ins_code 
_struct_conn.ptnr1_auth_asym_id 
_struct_conn.ptnr1_auth_comp_id 
_struct_conn.ptnr1_auth_seq_id 
_struct_conn.ptnr2_auth_asym_id 
_struct_conn.ptnr2_auth_comp_id 
_struct_conn.ptnr2_auth_seq_id 
_struct_conn.ptnr2_symmetry 
_struct_conn.pdbx_ptnr3_label_atom_id 
_struct_conn.pdbx_ptnr3_label_seq_id 
_struct_conn.pdbx_ptnr3_label_comp_id 
_struct_conn.pdbx_ptnr3_label_asym_id 
_struct_conn.pdbx_ptnr3_label_alt_id 
_struct_conn.pdbx_ptnr3_PDB_ins_code 
_struct_conn.details 
_struct_conn.pdbx_dist_value 
_struct_conn.pdbx_value_order 
_struct_conn.pdbx_role 
metalc1 metalc ? ? A CYS 8  SG ? ? ? 1_555 B SF4 . FE1 ? ? A CYS 8  A SF4 201 1_555 ? ? ? ? ? ? ? 2.296 ? ? 
metalc2 metalc ? ? A CYS 11 SG ? ? ? 1_555 B SF4 . FE2 ? ? A CYS 11 A SF4 201 1_555 ? ? ? ? ? ? ? 2.243 ? ? 
metalc3 metalc ? ? A CYS 14 SG ? ? ? 1_555 B SF4 . FE3 ? ? A CYS 14 A SF4 201 1_555 ? ? ? ? ? ? ? 2.259 ? ? 
metalc4 metalc ? ? A CYS 18 SG ? ? ? 1_555 C SF4 . FE4 ? ? A CYS 18 A SF4 202 1_555 ? ? ? ? ? ? ? 2.316 ? ? 
metalc5 metalc ? ? A CYS 37 SG ? ? ? 1_555 C SF4 . FE1 ? ? A CYS 37 A SF4 202 1_555 ? ? ? ? ? ? ? 2.322 ? ? 
metalc6 metalc ? ? A CYS 40 SG ? ? ? 1_555 C SF4 . FE2 ? ? A CYS 40 A SF4 202 1_555 ? ? ? ? ? ? ? 2.261 ? ? 
metalc7 metalc ? ? A CYS 49 SG ? ? ? 1_555 C SF4 . FE3 ? ? A CYS 49 A SF4 202 1_555 ? ? ? ? ? ? ? 2.274 ? ? 
metalc8 metalc ? ? A CYS 53 SG ? ? ? 1_555 B SF4 . FE4 ? ? A CYS 53 A SF4 201 1_555 ? ? ? ? ? ? ? 2.323 ? ? 
# 
_struct_conn_type.id          metalc 
_struct_conn_type.criteria    ? 
_struct_conn_type.reference   ? 
# 
_struct_sheet.id               A 
_struct_sheet.type             ? 
_struct_sheet.number_strands   2 
_struct_sheet.details          ? 
# 
_struct_sheet_order.sheet_id     A 
_struct_sheet_order.range_id_1   1 
_struct_sheet_order.range_id_2   2 
_struct_sheet_order.offset       ? 
_struct_sheet_order.sense        anti-parallel 
# 
loop_
_struct_sheet_range.sheet_id 
_struct_sheet_range.id 
_struct_sheet_range.beg_label_comp_id 
_struct_sheet_range.beg_label_asym_id 
_struct_sheet_range.beg_label_seq_id 
_struct_sheet_range.pdbx_beg_PDB_ins_code 
_struct_sheet_range.end_label_comp_id 
_struct_sheet_range.end_label_asym_id 
_struct_sheet_range.end_label_seq_id 
_struct_sheet_range.pdbx_end_PDB_ins_code 
_struct_sheet_range.beg_auth_comp_id 
_struct_sheet_range.beg_auth_asym_id 
_struct_sheet_range.beg_auth_seq_id 
_struct_sheet_range.end_auth_comp_id 
_struct_sheet_range.end_auth_asym_id 
_struct_sheet_range.end_auth_seq_id 
A 1 ILE A 23 ? GLN A 25 ? ILE A 23 GLN A 25 
A 2 TYR A 30 ? ILE A 32 ? TYR A 30 ILE A 32 
# 
_pdbx_struct_sheet_hbond.sheet_id                A 
_pdbx_struct_sheet_hbond.range_id_1              1 
_pdbx_struct_sheet_hbond.range_id_2              2 
_pdbx_struct_sheet_hbond.range_1_label_atom_id   N 
_pdbx_struct_sheet_hbond.range_1_label_comp_id   SER 
_pdbx_struct_sheet_hbond.range_1_label_asym_id   A 
_pdbx_struct_sheet_hbond.range_1_label_seq_id    24 
_pdbx_struct_sheet_hbond.range_1_PDB_ins_code    ? 
_pdbx_struct_sheet_hbond.range_1_auth_atom_id    N 
_pdbx_struct_sheet_hbond.range_1_auth_comp_id    SER 
_pdbx_struct_sheet_hbond.range_1_auth_asym_id    A 
_pdbx_struct_sheet_hbond.range_1_auth_seq_id     24 
_pdbx_struct_sheet_hbond.range_2_label_atom_id   O 
_pdbx_struct_sheet_hbond.range_2_label_comp_id   VAL 
_pdbx_struct_sheet_hbond.range_2_label_asym_id   A 
_pdbx_struct_sheet_hbond.range_2_label_seq_id    31 
_pdbx_struct_sheet_hbond.range_2_PDB_ins_code    ? 
_pdbx_struct_sheet_hbond.range_2_auth_atom_id    O 
_pdbx_struct_sheet_hbond.range_2_auth_comp_id    VAL 
_pdbx_struct_sheet_hbond.range_2_auth_asym_id    A 
_pdbx_struct_sheet_hbond.range_2_auth_seq_id     31 
# 
loop_
_struct_site.id 
_struct_site.pdbx_evidence_code 
_struct_site.pdbx_auth_asym_id 
_struct_site.pdbx_auth_comp_id 
_struct_site.pdbx_auth_seq_id 
_struct_site.pdbx_auth_ins_code 
_struct_site.pdbx_num_residues 
_struct_site.details 
AC1 Software A SF4 201 ? 9 'BINDING SITE FOR RESIDUE SF4 A 201' 
AC2 Software A SF4 202 ? 8 'BINDING SITE FOR RESIDUE SF4 A 202' 
# 
loop_
_struct_site_gen.id 
_struct_site_gen.site_id 
_struct_site_gen.pdbx_num_res 
_struct_site_gen.label_comp_id 
_struct_site_gen.label_asym_id 
_struct_site_gen.label_seq_id 
_struct_site_gen.pdbx_auth_ins_code 
_struct_site_gen.auth_comp_id 
_struct_site_gen.auth_asym_id 
_struct_site_gen.auth_seq_id 
_struct_site_gen.label_atom_id 
_struct_site_gen.label_alt_id 
_struct_site_gen.symmetry 
_struct_site_gen.details 
1  AC1 9 CYS A 8  ? CYS A 8  . ? 1_555 ? 
2  AC1 9 ILE A 9  ? ILE A 9  . ? 1_555 ? 
3  AC1 9 CYS A 11 ? CYS A 11 . ? 1_555 ? 
4  AC1 9 ASP A 12 ? ASP A 12 . ? 1_555 ? 
5  AC1 9 VAL A 13 ? VAL A 13 . ? 1_555 ? 
6  AC1 9 CYS A 14 ? CYS A 14 . ? 1_555 ? 
7  AC1 9 TYR A 30 ? TYR A 30 . ? 1_555 ? 
8  AC1 9 CYS A 53 ? CYS A 53 . ? 1_555 ? 
9  AC1 9 CYS A 57 ? CYS A 57 . ? 1_555 ? 
10 AC2 8 LEU A 2  ? LEU A 2  . ? 1_555 ? 
11 AC2 8 CYS A 18 ? CYS A 18 . ? 1_555 ? 
12 AC2 8 CYS A 37 ? CYS A 37 . ? 1_555 ? 
13 AC2 8 THR A 38 ? THR A 38 . ? 1_555 ? 
14 AC2 8 GLU A 39 ? GLU A 39 . ? 1_555 ? 
15 AC2 8 CYS A 40 ? CYS A 40 . ? 1_555 ? 
16 AC2 8 PRO A 47 ? PRO A 47 . ? 1_555 ? 
17 AC2 8 CYS A 49 ? CYS A 49 . ? 1_555 ? 
# 
_atom_sites.entry_id                    2FGO 
_atom_sites.fract_transf_matrix[1][1]   0.00210357 
_atom_sites.fract_transf_matrix[1][2]   -0.01029160 
_atom_sites.fract_transf_matrix[1][3]   -0.02332807 
_atom_sites.fract_transf_matrix[2][1]   0.00435303 
_atom_sites.fract_transf_matrix[2][2]   0.02002093 
_atom_sites.fract_transf_matrix[2][3]   -0.00844007 
_atom_sites.fract_transf_matrix[3][1]   0.01880648 
_atom_sites.fract_transf_matrix[3][2]   -0.00284497 
_atom_sites.fract_transf_matrix[3][3]   0.00295095 
_atom_sites.fract_transf_vector[1]      0.178403 
_atom_sites.fract_transf_vector[2]      0.398230 
_atom_sites.fract_transf_vector[3]      0.448445 
# 
loop_
_atom_type.symbol 
C  
FE 
N  
O  
S  
# 
loop_
_atom_site.group_PDB 
_atom_site.id 
_atom_site.type_symbol 
_atom_site.label_atom_id 
_atom_site.label_alt_id 
_atom_site.label_comp_id 
_atom_site.label_asym_id 
_atom_site.label_entity_id 
_atom_site.label_seq_id 
_atom_site.pdbx_PDB_ins_code 
_atom_site.Cartn_x 
_atom_site.Cartn_y 
_atom_site.Cartn_z 
_atom_site.occupancy 
_atom_site.B_iso_or_equiv 
_atom_site.pdbx_formal_charge 
_atom_site.auth_seq_id 
_atom_site.auth_comp_id 
_atom_site.auth_asym_id 
_atom_site.auth_atom_id 
_atom_site.pdbx_PDB_model_num 
ATOM   1   N  N   A SER A 1 1  ? -4.464  1.356   6.130   0.50 17.65 ? 1   SER A N   1 
ATOM   2   N  N   B SER A 1 1  ? -4.498  1.194   5.985   0.50 17.94 ? 1   SER A N   1 
ATOM   3   C  CA  A SER A 1 1  ? -3.701  1.536   4.889   0.50 17.35 ? 1   SER A CA  1 
ATOM   4   C  CA  B SER A 1 1  ? -3.674  1.357   4.786   0.50 17.45 ? 1   SER A CA  1 
ATOM   5   C  C   A SER A 1 1  ? -2.295  2.030   5.190   0.50 17.67 ? 1   SER A C   1 
ATOM   6   C  C   B SER A 1 1  ? -2.343  2.018   5.131   0.50 17.56 ? 1   SER A C   1 
ATOM   7   O  O   A SER A 1 1  ? -2.065  2.559   6.281   0.50 18.26 ? 1   SER A O   1 
ATOM   8   O  O   B SER A 1 1  ? -2.246  2.654   6.183   0.50 18.98 ? 1   SER A O   1 
ATOM   9   C  CB  A SER A 1 1  ? -4.472  2.510   4.007   0.50 17.71 ? 1   SER A CB  1 
ATOM   10  C  CB  B SER A 1 1  ? -4.436  2.201   3.764   0.50 19.32 ? 1   SER A CB  1 
ATOM   11  O  OG  A SER A 1 1  ? -3.818  2.819   2.798   0.50 18.03 ? 1   SER A OG  1 
ATOM   12  O  OG  B SER A 1 1  ? -4.685  3.487   4.313   0.50 20.07 ? 1   SER A OG  1 
ATOM   13  N  N   . LEU A 1 2  ? -1.359  1.877   4.261   1.00 16.86 ? 2   LEU A N   1 
ATOM   14  C  CA  . LEU A 1 2  ? -0.076  2.563   4.399   1.00 17.46 ? 2   LEU A CA  1 
ATOM   15  C  C   . LEU A 1 2  ? -0.190  3.897   3.643   1.00 17.42 ? 2   LEU A C   1 
ATOM   16  O  O   . LEU A 1 2  ? -1.164  4.160   2.919   1.00 18.76 ? 2   LEU A O   1 
ATOM   17  C  CB  . LEU A 1 2  ? 1.078   1.754   3.835   1.00 17.50 ? 2   LEU A CB  1 
ATOM   18  C  CG  . LEU A 1 2  ? 1.229   0.324   4.356   1.00 16.77 ? 2   LEU A CG  1 
ATOM   19  C  CD1 . LEU A 1 2  ? 2.530   -0.297  3.847   1.00 16.48 ? 2   LEU A CD1 1 
ATOM   20  C  CD2 . LEU A 1 2  ? 1.226   0.250   5.878   1.00 19.36 ? 2   LEU A CD2 1 
ATOM   21  N  N   . LYS A 1 3  ? 0.818   4.728   3.755   1.00 18.79 ? 3   LYS A N   1 
ATOM   22  C  CA  . LYS A 1 3  ? 0.891   5.964   2.972   1.00 19.84 ? 3   LYS A CA  1 
ATOM   23  C  C   . LYS A 1 3  ? 2.358   6.190   2.569   1.00 20.00 ? 3   LYS A C   1 
ATOM   24  O  O   . LYS A 1 3  ? 3.251   5.658   3.232   1.00 21.10 ? 3   LYS A O   1 
ATOM   25  C  CB  . LYS A 1 3  ? 0.340   7.182   3.766   1.00 22.30 ? 3   LYS A CB  1 
ATOM   26  C  CG  . LYS A 1 3  ? 1.221   7.556   4.945   1.00 24.62 ? 3   LYS A CG  1 
ATOM   27  C  CD  . LYS A 1 3  ? 0.812   8.910   5.547   1.00 32.42 ? 3   LYS A CD  1 
ATOM   28  C  CE  . LYS A 1 3  ? 1.855   9.367   6.551   1.00 37.12 ? 3   LYS A CE  1 
ATOM   29  N  NZ  . LYS A 1 3  ? 1.611   10.722  7.119   1.00 59.96 ? 3   LYS A NZ  1 
ATOM   30  N  N   . ILE A 1 4  ? 2.595   6.974   1.543   1.00 18.73 ? 4   ILE A N   1 
ATOM   31  C  CA  . ILE A 1 4  ? 3.943   7.343   1.108   1.00 17.39 ? 4   ILE A CA  1 
ATOM   32  C  C   . ILE A 1 4  ? 4.214   8.770   1.566   1.00 20.39 ? 4   ILE A C   1 
ATOM   33  O  O   . ILE A 1 4  ? 3.471   9.719   1.304   1.00 23.05 ? 4   ILE A O   1 
ATOM   34  C  CB  . ILE A 1 4  ? 4.085   7.151   -0.411  1.00 17.24 ? 4   ILE A CB  1 
ATOM   35  C  CG1 . ILE A 1 4  ? 4.007   5.656   -0.748  1.00 19.05 ? 4   ILE A CG1 1 
ATOM   36  C  CG2 . ILE A 1 4  ? 5.330   7.800   -0.983  1.00 18.36 ? 4   ILE A CG2 1 
ATOM   37  C  CD1 . ILE A 1 4  ? 3.897   5.302   -2.223  1.00 19.18 ? 4   ILE A CD1 1 
ATOM   38  N  N   . THR A 1 5  ? 5.317   8.956   2.285   1.00 21.70 ? 5   THR A N   1 
ATOM   39  C  CA  . THR A 1 5  ? 5.674   10.282  2.782   1.00 23.41 ? 5   THR A CA  1 
ATOM   40  C  C   . THR A 1 5  ? 6.525   11.087  1.790   1.00 23.18 ? 5   THR A C   1 
ATOM   41  O  O   . THR A 1 5  ? 6.965   10.633  0.737   1.00 22.78 ? 5   THR A O   1 
ATOM   42  C  CB  . THR A 1 5  ? 6.476   10.200  4.088   1.00 21.62 ? 5   THR A CB  1 
ATOM   43  O  OG1 . THR A 1 5  ? 7.824   9.820   3.782   1.00 26.20 ? 5   THR A OG1 1 
ATOM   44  C  CG2 . THR A 1 5  ? 5.927   9.162   5.067   1.00 24.18 ? 5   THR A CG2 1 
ATOM   45  N  N   . ASP A 1 6  ? 6.808   12.323  2.207   1.00 25.77 ? 6   ASP A N   1 
ATOM   46  C  CA  . ASP A 1 6  ? 7.626   13.312  1.515   1.00 28.28 ? 6   ASP A CA  1 
ATOM   47  C  C   . ASP A 1 6  ? 9.076   12.902  1.290   1.00 25.68 ? 6   ASP A C   1 
ATOM   48  O  O   . ASP A 1 6  ? 9.839   13.511  0.531   1.00 28.73 ? 6   ASP A O   1 
ATOM   49  C  CB  . ASP A 1 6  ? 7.636   14.637  2.314   1.00 33.71 ? 6   ASP A CB  1 
ATOM   50  C  CG  . ASP A 1 6  ? 6.484   15.509  1.841   1.00 36.73 ? 6   ASP A CG  1 
ATOM   51  O  OD1 . ASP A 1 6  ? 6.264   16.613  2.371   1.00 47.71 ? 6   ASP A OD1 1 
ATOM   52  O  OD2 . ASP A 1 6  ? 5.793   15.037  0.910   1.00 46.09 ? 6   ASP A OD2 1 
ATOM   53  N  N   . ASP A 1 7  ? 9.497   11.834  1.949   1.00 25.23 ? 7   ASP A N   1 
ATOM   54  C  CA  . ASP A 1 7  ? 10.840  11.332  1.733   1.00 25.83 ? 7   ASP A CA  1 
ATOM   55  C  C   . ASP A 1 7  ? 10.997  10.533  0.450   1.00 24.22 ? 7   ASP A C   1 
ATOM   56  O  O   . ASP A 1 7  ? 12.119  10.219  0.056   1.00 24.19 ? 7   ASP A O   1 
ATOM   57  C  CB  . ASP A 1 7  ? 11.233  10.469  2.942   1.00 26.78 ? 7   ASP A CB  1 
ATOM   58  C  CG  . ASP A 1 7  ? 11.414  11.367  4.152   1.00 32.04 ? 7   ASP A CG  1 
ATOM   59  O  OD1 . ASP A 1 7  ? 11.936  12.479  3.919   1.00 37.18 ? 7   ASP A OD1 1 
ATOM   60  O  OD2 . ASP A 1 7  ? 11.035  10.937  5.263   1.00 50.38 ? 7   ASP A OD2 1 
ATOM   61  N  N   . CYS A 1 8  ? 9.886   10.216  -0.208  1.00 23.79 ? 8   CYS A N   1 
ATOM   62  C  CA  . CYS A 1 8  ? 9.921   9.460   -1.467  1.00 22.30 ? 8   CYS A CA  1 
ATOM   63  C  C   . CYS A 1 8  ? 10.888  10.073  -2.486  1.00 21.73 ? 8   CYS A C   1 
ATOM   64  O  O   . CYS A 1 8  ? 10.860  11.279  -2.727  1.00 24.39 ? 8   CYS A O   1 
ATOM   65  C  CB  . CYS A 1 8  ? 8.502   9.379   -2.052  1.00 20.82 ? 8   CYS A CB  1 
ATOM   66  S  SG  . CYS A 1 8  ? 8.376   8.554   -3.658  1.00 21.29 ? 8   CYS A SG  1 
ATOM   67  N  N   . ILE A 1 9  ? 11.728  9.225   -3.087  1.00 21.37 ? 9   ILE A N   1 
ATOM   68  C  CA  . ILE A 1 9  ? 12.685  9.724   -4.091  1.00 22.03 ? 9   ILE A CA  1 
ATOM   69  C  C   . ILE A 1 9  ? 12.233  9.404   -5.508  1.00 20.21 ? 9   ILE A C   1 
ATOM   70  O  O   . ILE A 1 9  ? 12.986  9.508   -6.485  1.00 23.02 ? 9   ILE A O   1 
ATOM   71  C  CB  . ILE A 1 9  ? 14.097  9.177   -3.766  1.00 22.54 ? 9   ILE A CB  1 
ATOM   72  C  CG1 . ILE A 1 9  ? 14.196  7.651   -3.871  1.00 22.77 ? 9   ILE A CG1 1 
ATOM   73  C  CG2 . ILE A 1 9  ? 14.532  9.714   -2.409  1.00 25.54 ? 9   ILE A CG2 1 
ATOM   74  C  CD1 . ILE A 1 9  ? 15.607  7.093   -3.967  1.00 24.88 ? 9   ILE A CD1 1 
ATOM   75  N  N   . ASN A 1 10 ? 10.970  9.014   -5.706  1.00 21.67 ? 10  ASN A N   1 
ATOM   76  C  CA  . ASN A 1 10 ? 10.391  8.759   -7.024  1.00 21.26 ? 10  ASN A CA  1 
ATOM   77  C  C   . ASN A 1 10 ? 11.134  7.714   -7.842  1.00 20.25 ? 10  ASN A C   1 
ATOM   78  O  O   . ASN A 1 10 ? 11.304  7.842   -9.078  1.00 23.45 ? 10  ASN A O   1 
ATOM   79  C  CB  . ASN A 1 10 ? 10.253  10.087  -7.808  1.00 23.28 ? 10  ASN A CB  1 
ATOM   80  C  CG  . ASN A 1 10 ? 9.216   10.950  -7.095  1.00 21.31 ? 10  ASN A CG  1 
ATOM   81  O  OD1 . ASN A 1 10 ? 8.001   10.752  -7.167  1.00 26.53 ? 10  ASN A OD1 1 
ATOM   82  N  ND2 . ASN A 1 10 ? 9.672   11.951  -6.365  1.00 26.01 ? 10  ASN A ND2 1 
ATOM   83  N  N   . CYS A 1 11 ? 11.593  6.640   -7.213  1.00 20.52 ? 11  CYS A N   1 
ATOM   84  C  CA  . CYS A 1 11 ? 12.413  5.604   -7.831  1.00 20.54 ? 11  CYS A CA  1 
ATOM   85  C  C   . CYS A 1 11 ? 11.578  4.576   -8.604  1.00 21.48 ? 11  CYS A C   1 
ATOM   86  O  O   . CYS A 1 11 ? 12.137  3.835   -9.409  1.00 20.89 ? 11  CYS A O   1 
ATOM   87  C  CB  . CYS A 1 11 ? 13.267  4.900   -6.764  1.00 21.44 ? 11  CYS A CB  1 
ATOM   88  S  SG  . CYS A 1 11 ? 12.351  3.664   -5.762  1.00 20.05 ? 11  CYS A SG  1 
ATOM   89  N  N   . ASP A 1 12 ? 10.260  4.511   -8.410  1.00 21.12 ? 12  ASP A N   1 
ATOM   90  C  CA  . ASP A 1 12 ? 9.293   3.650   -9.055  1.00 21.20 ? 12  ASP A CA  1 
ATOM   91  C  C   . ASP A 1 12 ? 9.296   2.200   -8.574  1.00 21.08 ? 12  ASP A C   1 
ATOM   92  O  O   . ASP A 1 12 ? 8.372   1.448   -8.971  1.00 23.48 ? 12  ASP A O   1 
ATOM   93  C  CB  . ASP A 1 12 ? 9.443   3.629   -10.596 1.00 21.08 ? 12  ASP A CB  1 
ATOM   94  C  CG  . ASP A 1 12 ? 8.175   3.084   -11.246 1.00 24.99 ? 12  ASP A CG  1 
ATOM   95  O  OD1 . ASP A 1 12 ? 8.183   2.100   -12.012 1.00 28.08 ? 12  ASP A OD1 1 
ATOM   96  O  OD2 . ASP A 1 12 ? 7.095   3.696   -10.996 1.00 27.79 ? 12  ASP A OD2 1 
ATOM   97  N  N   . VAL A 1 13 ? 10.225  1.721   -7.750  1.00 20.97 ? 13  VAL A N   1 
ATOM   98  C  CA  . VAL A 1 13 ? 10.301  0.278   -7.571  1.00 22.04 ? 13  VAL A CA  1 
ATOM   99  C  C   . VAL A 1 13 ? 9.062   -0.275  -6.860  1.00 20.21 ? 13  VAL A C   1 
ATOM   100 O  O   . VAL A 1 13 ? 8.770   -1.447  -7.089  1.00 21.11 ? 13  VAL A O   1 
ATOM   101 C  CB  . VAL A 1 13 ? 11.427  -0.377  -6.717  1.00 26.37 ? 13  VAL A CB  1 
ATOM   102 C  CG1 . VAL A 1 13 ? 12.532  -0.811  -7.644  1.00 38.24 ? 13  VAL A CG1 1 
ATOM   103 C  CG2 . VAL A 1 13 ? 11.866  0.468   -5.545  1.00 24.69 ? 13  VAL A CG2 1 
ATOM   104 N  N   . CYS A 1 14 ? 8.381   0.488   -6.016  1.00 20.18 ? 14  CYS A N   1 
ATOM   105 C  CA  . CYS A 1 14 ? 7.186   -0.050  -5.350  1.00 18.58 ? 14  CYS A CA  1 
ATOM   106 C  C   . CYS A 1 14 ? 6.001   -0.265  -6.266  1.00 17.69 ? 14  CYS A C   1 
ATOM   107 O  O   . CYS A 1 14 ? 5.165   -1.154  -5.995  1.00 19.54 ? 14  CYS A O   1 
ATOM   108 C  CB  . CYS A 1 14 ? 6.790   0.905   -4.227  1.00 18.72 ? 14  CYS A CB  1 
ATOM   109 S  SG  . CYS A 1 14 ? 6.446   2.597   -4.797  1.00 18.79 ? 14  CYS A SG  1 
ATOM   110 N  N   . GLU A 1 15 ? 5.894   0.532   -7.323  1.00 20.19 ? 15  GLU A N   1 
ATOM   111 C  CA  . GLU A 1 15 ? 4.638   0.491   -8.094  1.00 18.77 ? 15  GLU A CA  1 
ATOM   112 C  C   . GLU A 1 15 ? 4.341   -0.890  -8.653  1.00 19.80 ? 15  GLU A C   1 
ATOM   113 O  O   . GLU A 1 15 ? 3.161   -1.297  -8.569  1.00 20.05 ? 15  GLU A O   1 
ATOM   114 C  CB  . GLU A 1 15 ? 4.680   1.565   -9.163  1.00 21.47 ? 15  GLU A CB  1 
ATOM   115 C  CG  . GLU A 1 15 ? 3.387   1.832   -9.907  1.00 22.20 ? 15  GLU A CG  1 
ATOM   116 C  CD  . GLU A 1 15 ? 3.061   0.906   -11.046 1.00 26.97 ? 15  GLU A CD  1 
ATOM   117 O  OE1 . GLU A 1 15 ? 3.947   0.119   -11.456 1.00 30.22 ? 15  GLU A OE1 1 
ATOM   118 O  OE2 . GLU A 1 15 ? 1.905   0.870   -11.507 1.00 31.37 ? 15  GLU A OE2 1 
ATOM   119 N  N   . PRO A 1 16 ? 5.251   -1.601  -9.285  1.00 21.02 ? 16  PRO A N   1 
ATOM   120 C  CA  . PRO A 1 16 ? 4.869   -2.925  -9.795  1.00 21.57 ? 16  PRO A CA  1 
ATOM   121 C  C   . PRO A 1 16 ? 4.647   -3.991  -8.721  1.00 20.75 ? 16  PRO A C   1 
ATOM   122 O  O   . PRO A 1 16 ? 4.142   -5.093  -9.000  1.00 22.18 ? 16  PRO A O   1 
ATOM   123 C  CB  . PRO A 1 16 ? 6.094   -3.328  -10.639 1.00 27.53 ? 16  PRO A CB  1 
ATOM   124 C  CG  . PRO A 1 16 ? 6.878   -2.071  -10.870 1.00 26.53 ? 16  PRO A CG  1 
ATOM   125 C  CD  . PRO A 1 16 ? 6.622   -1.210  -9.637  1.00 22.80 ? 16  PRO A CD  1 
ATOM   126 N  N   . GLU A 1 17 ? 5.061   -3.712  -7.485  1.00 20.60 ? 17  GLU A N   1 
ATOM   127 C  CA  . GLU A 1 17 ? 4.951   -4.690  -6.407  1.00 19.98 ? 17  GLU A CA  1 
ATOM   128 C  C   . GLU A 1 17 ? 3.547   -4.804  -5.813  1.00 19.14 ? 17  GLU A C   1 
ATOM   129 O  O   . GLU A 1 17 ? 3.173   -5.803  -5.169  1.00 21.36 ? 17  GLU A O   1 
ATOM   130 C  CB  . GLU A 1 17 ? 5.917   -4.359  -5.253  1.00 20.21 ? 17  GLU A CB  1 
ATOM   131 C  CG  . GLU A 1 17 ? 7.379   -4.448  -5.641  1.00 21.96 ? 17  GLU A CG  1 
ATOM   132 C  CD  . GLU A 1 17 ? 7.751   -5.819  -6.183  1.00 21.38 ? 17  GLU A CD  1 
ATOM   133 O  OE1 . GLU A 1 17 ? 7.308   -6.873  -5.686  1.00 31.03 ? 17  GLU A OE1 1 
ATOM   134 O  OE2 . GLU A 1 17 ? 8.494   -5.819  -7.164  1.00 27.33 ? 17  GLU A OE2 1 
ATOM   135 N  N   . CYS A 1 18 ? 2.728   -3.762  -5.988  1.00 17.53 ? 18  CYS A N   1 
ATOM   136 C  CA  . CYS A 1 18 ? 1.443   -3.796  -5.280  1.00 17.26 ? 18  CYS A CA  1 
ATOM   137 C  C   . CYS A 1 18 ? 0.470   -4.772  -5.903  1.00 16.91 ? 18  CYS A C   1 
ATOM   138 O  O   . CYS A 1 18 ? 0.153   -4.594  -7.100  1.00 18.00 ? 18  CYS A O   1 
ATOM   139 C  CB  . CYS A 1 18 ? 0.824   -2.379  -5.257  1.00 17.95 ? 18  CYS A CB  1 
ATOM   140 S  SG  . CYS A 1 18 ? -0.737  -2.455  -4.281  1.00 17.26 ? 18  CYS A SG  1 
ATOM   141 N  N   . PRO A 1 19 ? -0.013  -5.786  -5.201  1.00 17.12 ? 19  PRO A N   1 
ATOM   142 C  CA  . PRO A 1 19 ? -0.918  -6.745  -5.817  1.00 18.34 ? 19  PRO A CA  1 
ATOM   143 C  C   . PRO A 1 19 ? -2.267  -6.122  -6.173  1.00 16.79 ? 19  PRO A C   1 
ATOM   144 O  O   . PRO A 1 19 ? -2.970  -6.682  -6.999  1.00 19.18 ? 19  PRO A O   1 
ATOM   145 C  CB  . PRO A 1 19 ? -1.111  -7.803  -4.718  1.00 18.89 ? 19  PRO A CB  1 
ATOM   146 C  CG  . PRO A 1 19 ? -0.925  -7.041  -3.441  1.00 18.35 ? 19  PRO A CG  1 
ATOM   147 C  CD  . PRO A 1 19 ? 0.259   -6.132  -3.773  1.00 17.49 ? 19  PRO A CD  1 
ATOM   148 N  N   . ASN A 1 20 ? -2.632  -4.999  -5.567  1.00 17.58 ? 20  ASN A N   1 
ATOM   149 C  CA  . ASN A 1 20 ? -3.939  -4.373  -5.832  1.00 18.26 ? 20  ASN A CA  1 
ATOM   150 C  C   . ASN A 1 20 ? -3.814  -3.113  -6.664  1.00 18.44 ? 20  ASN A C   1 
ATOM   151 O  O   . ASN A 1 20 ? -4.799  -2.416  -6.900  1.00 19.85 ? 20  ASN A O   1 
ATOM   152 C  CB  . ASN A 1 20 ? -4.605  -4.035  -4.500  1.00 18.88 ? 20  ASN A CB  1 
ATOM   153 C  CG  . ASN A 1 20 ? -4.766  -5.262  -3.624  1.00 18.19 ? 20  ASN A CG  1 
ATOM   154 O  OD1 . ASN A 1 20 ? -4.439  -5.269  -2.422  1.00 21.57 ? 20  ASN A OD1 1 
ATOM   155 N  ND2 . ASN A 1 20 ? -5.310  -6.290  -4.230  1.00 17.95 ? 20  ASN A ND2 1 
ATOM   156 N  N   . GLY A 1 21 ? -2.635  -2.736  -7.148  1.00 18.94 ? 21  GLY A N   1 
ATOM   157 C  CA  . GLY A 1 21 ? -2.529  -1.533  -7.959  1.00 19.72 ? 21  GLY A CA  1 
ATOM   158 C  C   . GLY A 1 21 ? -2.744  -0.252  -7.194  1.00 19.24 ? 21  GLY A C   1 
ATOM   159 O  O   . GLY A 1 21 ? -3.179  0.742   -7.792  1.00 20.42 ? 21  GLY A O   1 
ATOM   160 N  N   . ALA A 1 22 ? -2.440  -0.249  -5.905  1.00 17.24 ? 22  ALA A N   1 
ATOM   161 C  CA  . ALA A 1 22 ? -2.779  0.901   -5.079  1.00 16.76 ? 22  ALA A CA  1 
ATOM   162 C  C   . ALA A 1 22 ? -1.793  2.063   -5.241  1.00 16.67 ? 22  ALA A C   1 
ATOM   163 O  O   . ALA A 1 22 ? -2.141  3.161   -4.770  1.00 19.33 ? 22  ALA A O   1 
ATOM   164 C  CB  . ALA A 1 22 ? -2.831  0.525   -3.586  1.00 16.56 ? 22  ALA A CB  1 
ATOM   165 N  N   . ILE A 1 23 ? -0.627  1.792   -5.832  1.00 16.57 ? 23  ILE A N   1 
ATOM   166 C  CA  . ILE A 1 23 ? 0.390   2.827   -5.938  1.00 17.40 ? 23  ILE A CA  1 
ATOM   167 C  C   . ILE A 1 23 ? 0.450   3.452   -7.311  1.00 18.70 ? 23  ILE A C   1 
ATOM   168 O  O   . ILE A 1 23 ? 0.397   2.774   -8.332  1.00 21.09 ? 23  ILE A O   1 
ATOM   169 C  CB  . ILE A 1 23 ? 1.784   2.265   -5.566  1.00 17.92 ? 23  ILE A CB  1 
ATOM   170 C  CG1 . ILE A 1 23 ? 1.768   1.832   -4.093  1.00 18.54 ? 23  ILE A CG1 1 
ATOM   171 C  CG2 . ILE A 1 23 ? 2.925   3.220   -5.864  1.00 18.59 ? 23  ILE A CG2 1 
ATOM   172 C  CD1 . ILE A 1 23 ? 2.987   1.052   -3.695  1.00 22.49 ? 23  ILE A CD1 1 
ATOM   173 N  N   . SER A 1 24 ? 0.570   4.779   -7.340  1.00 19.87 ? 24  SER A N   1 
ATOM   174 C  CA  . SER A 1 24 ? 0.810   5.454   -8.641  1.00 21.23 ? 24  SER A CA  1 
ATOM   175 C  C   . SER A 1 24 ? 1.708   6.656   -8.415  1.00 23.50 ? 24  SER A C   1 
ATOM   176 O  O   . SER A 1 24 ? 1.925   7.123   -7.291  1.00 23.91 ? 24  SER A O   1 
ATOM   177 C  CB  . SER A 1 24 ? -0.505  5.857   -9.301  1.00 25.22 ? 24  SER A CB  1 
ATOM   178 O  OG  . SER A 1 24 ? -1.139  6.901   -8.581  1.00 25.49 ? 24  SER A OG  1 
ATOM   179 N  N   . GLN A 1 25 ? 2.274   7.177   -9.484  1.00 23.70 ? 25  GLN A N   1 
ATOM   180 C  CA  . GLN A 1 25 ? 3.117   8.353   -9.344  1.00 24.15 ? 25  GLN A CA  1 
ATOM   181 C  C   . GLN A 1 25 ? 2.264   9.615   -9.233  1.00 23.42 ? 25  GLN A C   1 
ATOM   182 O  O   . GLN A 1 25 ? 1.406   9.799   -10.091 1.00 29.74 ? 25  GLN A O   1 
ATOM   183 C  CB  . GLN A 1 25 ? 4.071   8.403   -10.544 1.00 26.26 ? 25  GLN A CB  1 
ATOM   184 C  CG  . GLN A 1 25 ? 4.968   9.626   -10.408 1.00 29.98 ? 25  GLN A CG  1 
ATOM   185 C  CD  . GLN A 1 25 ? 6.111   9.663   -11.401 1.00 34.64 ? 25  GLN A CD  1 
ATOM   186 O  OE1 . GLN A 1 25 ? 6.048   9.026   -12.459 1.00 39.17 ? 25  GLN A OE1 1 
ATOM   187 N  NE2 . GLN A 1 25 ? 7.149   10.429  -11.030 1.00 38.79 ? 25  GLN A NE2 1 
ATOM   188 N  N   . GLY A 1 26 ? 2.485   10.445  -8.209  1.00 25.18 ? 26  GLY A N   1 
ATOM   189 C  CA  . GLY A 1 26 ? 1.764   11.704  -8.053  1.00 26.41 ? 26  GLY A CA  1 
ATOM   190 C  C   . GLY A 1 26 ? 2.581   12.872  -8.574  1.00 30.34 ? 26  GLY A C   1 
ATOM   191 O  O   . GLY A 1 26 ? 3.611   12.699  -9.226  1.00 29.21 ? 26  GLY A O   1 
ATOM   192 N  N   . GLU A 1 27 ? 2.130   14.098  -8.298  1.00 32.28 ? 27  GLU A N   1 
ATOM   193 C  CA  . GLU A 1 27 ? 2.799   15.288  -8.802  1.00 33.60 ? 27  GLU A CA  1 
ATOM   194 C  C   . GLU A 1 27 ? 4.219   15.480  -8.274  1.00 32.30 ? 27  GLU A C   1 
ATOM   195 O  O   . GLU A 1 27 ? 5.037   15.957  -9.063  1.00 40.44 ? 27  GLU A O   1 
ATOM   196 C  CB  . GLU A 1 27 ? 2.015   16.563  -8.460  1.00 40.83 ? 27  GLU A CB  1 
ATOM   197 C  CG  . GLU A 1 27 ? 0.829   16.812  -9.362  1.00 50.40 ? 27  GLU A CG  1 
ATOM   198 C  CD  . GLU A 1 27 ? 1.132   17.131  -10.806 1.00 57.57 ? 27  GLU A CD  1 
ATOM   199 O  OE1 . GLU A 1 27 ? 2.293   17.446  -11.142 1.00 75.74 ? 27  GLU A OE1 1 
ATOM   200 O  OE2 . GLU A 1 27 ? 0.193   17.083  -11.638 1.00 67.35 ? 27  GLU A OE2 1 
ATOM   201 N  N   . GLU A 1 28 ? 4.492   15.148  -7.029  1.00 32.80 ? 28  GLU A N   1 
ATOM   202 C  CA  . GLU A 1 28 ? 5.775   15.357  -6.366  1.00 33.16 ? 28  GLU A CA  1 
ATOM   203 C  C   . GLU A 1 28 ? 6.398   14.061  -5.838  1.00 28.80 ? 28  GLU A C   1 
ATOM   204 O  O   . GLU A 1 28 ? 7.627   13.913  -5.786  1.00 29.05 ? 28  GLU A O   1 
ATOM   205 C  CB  . GLU A 1 28 ? 5.620   16.326  -5.187  1.00 37.40 ? 28  GLU A CB  1 
ATOM   206 C  CG  . GLU A 1 28 ? 4.851   17.597  -5.480  1.00 49.15 ? 28  GLU A CG  1 
ATOM   207 C  CD  . GLU A 1 28 ? 5.476   18.424  -6.583  1.00 58.40 ? 28  GLU A CD  1 
ATOM   208 O  OE1 . GLU A 1 28 ? 6.718   18.582  -6.578  1.00 72.61 ? 28  GLU A OE1 1 
ATOM   209 O  OE2 . GLU A 1 28 ? 4.718   18.916  -7.452  1.00 77.31 ? 28  GLU A OE2 1 
ATOM   210 N  N   . ILE A 1 29 ? 5.549   13.128  -5.439  1.00 28.48 ? 29  ILE A N   1 
ATOM   211 C  CA  . ILE A 1 29 ? 5.909   11.836  -4.856  1.00 24.21 ? 29  ILE A CA  1 
ATOM   212 C  C   . ILE A 1 29 ? 4.924   10.760  -5.276  1.00 20.59 ? 29  ILE A C   1 
ATOM   213 O  O   . ILE A 1 29 ? 3.886   11.036  -5.886  1.00 24.12 ? 29  ILE A O   1 
ATOM   214 C  CB  . ILE A 1 29 ? 5.920   11.893  -3.312  1.00 25.17 ? 29  ILE A CB  1 
ATOM   215 C  CG1 . ILE A 1 29 ? 4.547   12.339  -2.767  1.00 25.60 ? 29  ILE A CG1 1 
ATOM   216 C  CG2 . ILE A 1 29 ? 7.092   12.723  -2.816  1.00 27.77 ? 29  ILE A CG2 1 
ATOM   217 C  CD1 . ILE A 1 29 ? 4.501   12.367  -1.241  1.00 28.34 ? 29  ILE A CD1 1 
ATOM   218 N  N   . TYR A 1 30 ? 5.214   9.505   -4.960  1.00 21.51 ? 30  TYR A N   1 
ATOM   219 C  CA  . TYR A 1 30 ? 4.286   8.401   -5.227  1.00 21.81 ? 30  TYR A CA  1 
ATOM   220 C  C   . TYR A 1 30 ? 3.164   8.477   -4.195  1.00 19.58 ? 30  TYR A C   1 
ATOM   221 O  O   . TYR A 1 30 ? 3.306   9.104   -3.136  1.00 21.45 ? 30  TYR A O   1 
ATOM   222 C  CB  . TYR A 1 30 ? 5.071   7.086   -5.295  1.00 19.88 ? 30  TYR A CB  1 
ATOM   223 C  CG  . TYR A 1 30 ? 5.669   6.839   -6.678  1.00 21.31 ? 30  TYR A CG  1 
ATOM   224 C  CD1 . TYR A 1 30 ? 6.647   7.666   -7.222  1.00 21.87 ? 30  TYR A CD1 1 
ATOM   225 C  CD2 . TYR A 1 30 ? 5.268   5.771   -7.459  1.00 23.30 ? 30  TYR A CD2 1 
ATOM   226 C  CE1 . TYR A 1 30 ? 7.172   7.430   -8.463  1.00 22.55 ? 30  TYR A CE1 1 
ATOM   227 C  CE2 . TYR A 1 30 ? 5.785   5.508   -8.718  1.00 27.20 ? 30  TYR A CE2 1 
ATOM   228 C  CZ  . TYR A 1 30 ? 6.760   6.359   -9.231  1.00 23.61 ? 30  TYR A CZ  1 
ATOM   229 O  OH  . TYR A 1 30 ? 7.308   6.149   -10.473 1.00 25.20 ? 30  TYR A OH  1 
ATOM   230 N  N   . VAL A 1 31 ? 2.024   7.884   -4.542  1.00 21.54 ? 31  VAL A N   1 
ATOM   231 C  CA  . VAL A 1 31 ? 0.808   7.959   -3.753  1.00 20.84 ? 31  VAL A CA  1 
ATOM   232 C  C   . VAL A 1 31 ? 0.100   6.611   -3.665  1.00 17.72 ? 31  VAL A C   1 
ATOM   233 O  O   . VAL A 1 31 ? -0.028  5.921   -4.690  1.00 19.53 ? 31  VAL A O   1 
ATOM   234 C  CB  A VAL A 1 31 ? -0.306  8.813   -4.422  0.70 27.44 ? 31  VAL A CB  1 
ATOM   235 C  CB  B VAL A 1 31 ? -0.143  9.054   -4.274  0.30 25.69 ? 31  VAL A CB  1 
ATOM   236 C  CG1 . VAL A 1 31 ? -1.363  9.163   -3.373  1.00 31.36 ? 31  VAL A CG1 1 
ATOM   237 C  CG2 A VAL A 1 31 ? 0.263   10.040  -5.109  0.70 33.25 ? 31  VAL A CG2 1 
ATOM   238 C  CG2 B VAL A 1 31 ? 0.519   10.428  -4.331  0.30 19.44 ? 31  VAL A CG2 1 
ATOM   239 N  N   . ILE A 1 32 ? -0.376  6.315   -2.467  1.00 18.07 ? 32  ILE A N   1 
ATOM   240 C  CA  . ILE A 1 32 ? -1.198  5.141   -2.226  1.00 17.36 ? 32  ILE A CA  1 
ATOM   241 C  C   . ILE A 1 32 ? -2.678  5.554   -2.193  1.00 17.30 ? 32  ILE A C   1 
ATOM   242 O  O   . ILE A 1 32 ? -3.076  6.491   -1.499  1.00 19.92 ? 32  ILE A O   1 
ATOM   243 C  CB  . ILE A 1 32 ? -0.809  4.416   -0.942  1.00 18.16 ? 32  ILE A CB  1 
ATOM   244 C  CG1 . ILE A 1 32 ? 0.563   3.685   -1.105  1.00 19.30 ? 32  ILE A CG1 1 
ATOM   245 C  CG2 . ILE A 1 32 ? -1.845  3.411   -0.438  1.00 19.74 ? 32  ILE A CG2 1 
ATOM   246 C  CD1 . ILE A 1 32 ? 1.115   3.139   0.193   1.00 18.29 ? 32  ILE A CD1 1 
ATOM   247 N  N   . ASP A 1 33 ? -3.506  4.832   -2.929  1.00 18.15 ? 33  ASP A N   1 
ATOM   248 C  CA  . ASP A 1 33 ? -4.951  4.950   -2.837  1.00 17.79 ? 33  ASP A CA  1 
ATOM   249 C  C   . ASP A 1 33 ? -5.412  4.082   -1.684  1.00 17.00 ? 33  ASP A C   1 
ATOM   250 O  O   . ASP A 1 33 ? -5.396  2.847   -1.777  1.00 17.50 ? 33  ASP A O   1 
ATOM   251 C  CB  . ASP A 1 33 ? -5.588  4.494   -4.158  1.00 19.32 ? 33  ASP A CB  1 
ATOM   252 C  CG  . ASP A 1 33 ? -7.091  4.734   -4.138  1.00 19.59 ? 33  ASP A CG  1 
ATOM   253 O  OD1 . ASP A 1 33 ? -7.692  4.875   -3.042  1.00 22.11 ? 33  ASP A OD1 1 
ATOM   254 O  OD2 . ASP A 1 33 ? -7.608  4.807   -5.274  1.00 22.16 ? 33  ASP A OD2 1 
ATOM   255 N  N   . PRO A 1 34 ? -5.862  4.702   -0.603  1.00 17.84 ? 34  PRO A N   1 
ATOM   256 C  CA  . PRO A 1 34 ? -6.261  3.909   0.573   1.00 19.12 ? 34  PRO A CA  1 
ATOM   257 C  C   . PRO A 1 34 ? -7.388  2.939   0.270   1.00 19.77 ? 34  PRO A C   1 
ATOM   258 O  O   . PRO A 1 34 ? -7.519  1.919   0.962   1.00 21.43 ? 34  PRO A O   1 
ATOM   259 C  CB  . PRO A 1 34 ? -6.742  4.967   1.585   1.00 20.60 ? 34  PRO A CB  1 
ATOM   260 C  CG  . PRO A 1 34 ? -6.945  6.209   0.811   1.00 24.15 ? 34  PRO A CG  1 
ATOM   261 C  CD  . PRO A 1 34 ? -6.050  6.142   -0.385  1.00 21.50 ? 34  PRO A CD  1 
ATOM   262 N  N   . ASN A 1 35 ? -8.214  3.203   -0.749  1.00 18.74 ? 35  ASN A N   1 
ATOM   263 C  CA  . ASN A 1 35 ? -9.261  2.209   -1.054  1.00 20.72 ? 35  ASN A CA  1 
ATOM   264 C  C   . ASN A 1 35 ? -8.769  0.914   -1.671  1.00 19.36 ? 35  ASN A C   1 
ATOM   265 O  O   . ASN A 1 35 ? -9.507  -0.067  -1.764  1.00 21.57 ? 35  ASN A O   1 
ATOM   266 C  CB  . ASN A 1 35 ? -10.273 2.888   -1.978  1.00 21.14 ? 35  ASN A CB  1 
ATOM   267 C  CG  . ASN A 1 35 ? -10.958 4.021   -1.252  1.00 24.76 ? 35  ASN A CG  1 
ATOM   268 O  OD1 . ASN A 1 35 ? -11.497 3.782   -0.175  1.00 27.98 ? 35  ASN A OD1 1 
ATOM   269 N  ND2 . ASN A 1 35 ? -10.914 5.193   -1.862  1.00 27.22 ? 35  ASN A ND2 1 
ATOM   270 N  N   . LEU A 1 36 ? -7.503  0.864   -2.107  1.00 19.13 ? 36  LEU A N   1 
ATOM   271 C  CA  . LEU A 1 36 ? -6.924  -0.313  -2.708  1.00 17.17 ? 36  LEU A CA  1 
ATOM   272 C  C   . LEU A 1 36 ? -5.806  -0.890  -1.832  1.00 17.14 ? 36  LEU A C   1 
ATOM   273 O  O   . LEU A 1 36 ? -5.347  -1.990  -2.119  1.00 17.95 ? 36  LEU A O   1 
ATOM   274 C  CB  . LEU A 1 36 ? -6.332  -0.004  -4.083  1.00 18.82 ? 36  LEU A CB  1 
ATOM   275 C  CG  . LEU A 1 36 ? -7.344  0.300   -5.196  1.00 18.40 ? 36  LEU A CG  1 
ATOM   276 C  CD1 . LEU A 1 36 ? -6.661  0.807   -6.448  1.00 19.95 ? 36  LEU A CD1 1 
ATOM   277 C  CD2 . LEU A 1 36 ? -8.164  -0.963  -5.465  1.00 20.28 ? 36  LEU A CD2 1 
ATOM   278 N  N   . CYS A 1 37 ? -5.371  -0.190  -0.795  1.00 16.22 ? 37  CYS A N   1 
ATOM   279 C  CA  . CYS A 1 37 ? -4.295  -0.711  0.052   1.00 15.54 ? 37  CYS A CA  1 
ATOM   280 C  C   . CYS A 1 37 ? -4.880  -1.529  1.201   1.00 17.29 ? 37  CYS A C   1 
ATOM   281 O  O   . CYS A 1 37 ? -5.574  -1.056  2.101   1.00 18.07 ? 37  CYS A O   1 
ATOM   282 C  CB  . CYS A 1 37 ? -3.393  0.418   0.588   1.00 16.71 ? 37  CYS A CB  1 
ATOM   283 S  SG  . CYS A 1 37 ? -2.117  -0.240  1.729   1.00 17.14 ? 37  CYS A SG  1 
ATOM   284 N  N   . THR A 1 38 ? -4.592  -2.831  1.154   1.00 16.24 ? 38  THR A N   1 
ATOM   285 C  CA  . THR A 1 38 ? -4.981  -3.808  2.149   1.00 16.57 ? 38  THR A CA  1 
ATOM   286 C  C   . THR A 1 38 ? -3.841  -4.068  3.148   1.00 16.44 ? 38  THR A C   1 
ATOM   287 O  O   . THR A 1 38 ? -3.911  -5.022  3.919   1.00 15.94 ? 38  THR A O   1 
ATOM   288 C  CB  . THR A 1 38 ? -5.287  -5.141  1.445   1.00 16.11 ? 38  THR A CB  1 
ATOM   289 O  OG1 . THR A 1 38 ? -4.055  -5.412  0.718   1.00 18.71 ? 38  THR A OG1 1 
ATOM   290 C  CG2 . THR A 1 38 ? -6.446  -5.047  0.458   1.00 19.22 ? 38  THR A CG2 1 
ATOM   291 N  N   . GLU A 1 39 ? -2.769  -3.260  3.064   1.00 15.93 ? 39  GLU A N   1 
ATOM   292 C  CA  . GLU A 1 39 ? -1.506  -3.554  3.767   1.00 15.65 ? 39  GLU A CA  1 
ATOM   293 C  C   . GLU A 1 39 ? -1.066  -4.973  3.401   1.00 16.51 ? 39  GLU A C   1 
ATOM   294 O  O   . GLU A 1 39 ? -0.472  -5.704  4.214   1.00 18.11 ? 39  GLU A O   1 
ATOM   295 C  CB  . GLU A 1 39 ? -1.656  -3.352  5.283   1.00 15.34 ? 39  GLU A CB  1 
ATOM   296 C  CG  . GLU A 1 39 ? -2.090  -1.932  5.643   1.00 17.22 ? 39  GLU A CG  1 
ATOM   297 C  CD  . GLU A 1 39 ? -2.303  -1.706  7.135   1.00 16.47 ? 39  GLU A CD  1 
ATOM   298 O  OE1 . GLU A 1 39 ? -1.755  -2.413  7.986   1.00 18.86 ? 39  GLU A OE1 1 
ATOM   299 O  OE2 . GLU A 1 39 ? -3.062  -0.766  7.457   1.00 17.68 ? 39  GLU A OE2 1 
ATOM   300 N  N   . CYS A 1 40 ? -1.345  -5.376  2.177   1.00 15.50 ? 40  CYS A N   1 
ATOM   301 C  CA  . CYS A 1 40 ? -1.093  -6.683  1.553   1.00 16.74 ? 40  CYS A CA  1 
ATOM   302 C  C   . CYS A 1 40 ? -1.819  -7.841  2.233   1.00 15.99 ? 40  CYS A C   1 
ATOM   303 O  O   . CYS A 1 40 ? -1.547  -8.999  1.881   1.00 18.04 ? 40  CYS A O   1 
ATOM   304 C  CB  . CYS A 1 40 ? 0.418   -6.971  1.467   1.00 16.89 ? 40  CYS A CB  1 
ATOM   305 S  SG  . CYS A 1 40 ? 1.144   -6.114  0.030   1.00 16.18 ? 40  CYS A SG  1 
ATOM   306 N  N   . VAL A 1 41 ? -2.737  -7.569  3.185   1.00 16.53 ? 41  VAL A N   1 
ATOM   307 C  CA  . VAL A 1 41 ? -3.305  -8.803  3.785   1.00 17.96 ? 41  VAL A CA  1 
ATOM   308 C  C   . VAL A 1 41 ? -4.236  -9.476  2.770   1.00 17.22 ? 41  VAL A C   1 
ATOM   309 O  O   . VAL A 1 41 ? -4.957  -8.881  1.982   1.00 19.59 ? 41  VAL A O   1 
ATOM   310 C  CB  . VAL A 1 41 ? -3.864  -8.700  5.204   1.00 30.44 ? 41  VAL A CB  1 
ATOM   311 C  CG1 . VAL A 1 41 ? -3.564  -7.418  5.977   1.00 22.75 ? 41  VAL A CG1 1 
ATOM   312 C  CG2 . VAL A 1 41 ? -5.341  -9.031  5.277   1.00 22.79 ? 41  VAL A CG2 1 
ATOM   313 N  N   . GLY A 1 42 ? -4.116  -10.808 2.749   1.00 18.52 ? 42  GLY A N   1 
ATOM   314 C  CA  . GLY A 1 42 ? -4.687  -11.685 1.760   1.00 18.24 ? 42  GLY A CA  1 
ATOM   315 C  C   . GLY A 1 42 ? -3.761  -12.091 0.627   1.00 18.40 ? 42  GLY A C   1 
ATOM   316 O  O   . GLY A 1 42 ? -4.030  -13.084 -0.081  1.00 23.25 ? 42  GLY A O   1 
ATOM   317 N  N   . HIS A 1 43 ? -2.680  -11.351 0.411   1.00 19.12 ? 43  HIS A N   1 
ATOM   318 C  CA  . HIS A 1 43 ? -1.666  -11.640 -0.583  1.00 16.99 ? 43  HIS A CA  1 
ATOM   319 C  C   . HIS A 1 43 ? -0.291  -11.989 -0.002  1.00 18.96 ? 43  HIS A C   1 
ATOM   320 O  O   . HIS A 1 43 ? 0.327   -12.961 -0.442  1.00 20.14 ? 43  HIS A O   1 
ATOM   321 C  CB  . HIS A 1 43 ? -1.443  -10.482 -1.568  1.00 18.51 ? 43  HIS A CB  1 
ATOM   322 C  CG  . HIS A 1 43 ? -2.540  -10.307 -2.566  1.00 19.04 ? 43  HIS A CG  1 
ATOM   323 N  ND1 . HIS A 1 43 ? -3.397  -9.230  -2.503  1.00 19.41 ? 43  HIS A ND1 1 
ATOM   324 C  CD2 . HIS A 1 43 ? -2.879  -11.034 -3.674  1.00 20.89 ? 43  HIS A CD2 1 
ATOM   325 C  CE1 . HIS A 1 43 ? -4.247  -9.317  -3.510  1.00 18.25 ? 43  HIS A CE1 1 
ATOM   326 N  NE2 . HIS A 1 43 ? -3.969  -10.393 -4.227  1.00 20.74 ? 43  HIS A NE2 1 
ATOM   327 N  N   . TYR A 1 44 ? 0.196   -11.201 0.943   1.00 18.19 ? 44  TYR A N   1 
ATOM   328 C  CA  . TYR A 1 44 ? 1.525   -11.393 1.531   1.00 17.80 ? 44  TYR A CA  1 
ATOM   329 C  C   . TYR A 1 44 ? 1.452   -11.259 3.054   1.00 18.10 ? 44  TYR A C   1 
ATOM   330 O  O   . TYR A 1 44 ? 0.570   -10.557 3.541   1.00 21.69 ? 44  TYR A O   1 
ATOM   331 C  CB  . TYR A 1 44 ? 2.569   -10.381 1.027   1.00 17.13 ? 44  TYR A CB  1 
ATOM   332 C  CG  . TYR A 1 44 ? 2.811   -10.401 -0.467  1.00 15.66 ? 44  TYR A CG  1 
ATOM   333 C  CD1 . TYR A 1 44 ? 2.173   -9.489  -1.306  1.00 18.62 ? 44  TYR A CD1 1 
ATOM   334 C  CD2 . TYR A 1 44 ? 3.681   -11.335 -1.028  1.00 18.36 ? 44  TYR A CD2 1 
ATOM   335 C  CE1 . TYR A 1 44 ? 2.392   -9.501  -2.672  1.00 18.87 ? 44  TYR A CE1 1 
ATOM   336 C  CE2 . TYR A 1 44 ? 3.909   -11.342 -2.411  1.00 20.78 ? 44  TYR A CE2 1 
ATOM   337 C  CZ  . TYR A 1 44 ? 3.256   -10.423 -3.222  1.00 20.65 ? 44  TYR A CZ  1 
ATOM   338 O  OH  . TYR A 1 44 ? 3.445   -10.387 -4.585  1.00 22.88 ? 44  TYR A OH  1 
ATOM   339 N  N   . ASP A 1 45 ? 2.358   -11.888 3.756   1.00 18.09 ? 45  ASP A N   1 
ATOM   340 C  CA  . ASP A 1 45 ? 2.480   -11.768 5.179   1.00 21.16 ? 45  ASP A CA  1 
ATOM   341 C  C   . ASP A 1 45 ? 2.970   -10.389 5.629   1.00 19.85 ? 45  ASP A C   1 
ATOM   342 O  O   . ASP A 1 45 ? 2.741   -10.013 6.780   1.00 21.16 ? 45  ASP A O   1 
ATOM   343 C  CB  . ASP A 1 45 ? 3.477   -12.850 5.659   1.00 24.48 ? 45  ASP A CB  1 
ATOM   344 C  CG  . ASP A 1 45 ? 2.877   -14.248 5.642   1.00 29.34 ? 45  ASP A CG  1 
ATOM   345 O  OD1 . ASP A 1 45 ? 1.644   -14.472 5.586   1.00 35.84 ? 45  ASP A OD1 1 
ATOM   346 O  OD2 . ASP A 1 45 ? 3.686   -15.196 5.691   1.00 37.99 ? 45  ASP A OD2 1 
ATOM   347 N  N   . GLU A 1 46 ? 3.656   -9.662  4.768   1.00 21.58 ? 46  GLU A N   1 
ATOM   348 C  CA  . GLU A 1 46 ? 4.176   -8.317  5.024   1.00 26.33 ? 46  GLU A CA  1 
ATOM   349 C  C   . GLU A 1 46 ? 3.938   -7.409  3.802   1.00 20.99 ? 46  GLU A C   1 
ATOM   350 O  O   . GLU A 1 46 ? 3.937   -7.912  2.672   1.00 20.87 ? 46  GLU A O   1 
ATOM   351 C  CB  . GLU A 1 46 ? 5.671   -8.278  5.310   1.00 30.70 ? 46  GLU A CB  1 
ATOM   352 C  CG  . GLU A 1 46 ? 6.206   -9.104  6.459   1.00 38.96 ? 46  GLU A CG  1 
ATOM   353 C  CD  . GLU A 1 46 ? 7.701   -9.316  6.299   1.00 46.76 ? 46  GLU A CD  1 
ATOM   354 O  OE1 . GLU A 1 46 ? 8.222   -9.200  5.170   1.00 45.10 ? 46  GLU A OE1 1 
ATOM   355 O  OE2 . GLU A 1 46 ? 8.343   -9.609  7.326   1.00 64.73 ? 46  GLU A OE2 1 
ATOM   356 N  N   . PRO A 1 47 ? 3.732   -6.114  3.994   1.00 18.44 ? 47  PRO A N   1 
ATOM   357 C  CA  . PRO A 1 47 ? 3.608   -5.194  2.850   1.00 17.42 ? 47  PRO A CA  1 
ATOM   358 C  C   . PRO A 1 47 ? 4.784   -5.324  1.888   1.00 18.47 ? 47  PRO A C   1 
ATOM   359 O  O   . PRO A 1 47 ? 5.948   -5.231  2.265   1.00 20.73 ? 47  PRO A O   1 
ATOM   360 C  CB  . PRO A 1 47 ? 3.580   -3.812  3.532   1.00 17.88 ? 47  PRO A CB  1 
ATOM   361 C  CG  . PRO A 1 47 ? 2.911   -4.095  4.844   1.00 20.08 ? 47  PRO A CG  1 
ATOM   362 C  CD  . PRO A 1 47 ? 3.537   -5.399  5.286   1.00 22.79 ? 47  PRO A CD  1 
ATOM   363 N  N   . GLN A 1 48 ? 4.475   -5.523  0.607   1.00 17.90 ? 48  GLN A N   1 
ATOM   364 C  CA  . GLN A 1 48 ? 5.494   -5.808  -0.400  1.00 17.79 ? 48  GLN A CA  1 
ATOM   365 C  C   . GLN A 1 48 ? 6.204   -4.527  -0.816  1.00 17.74 ? 48  GLN A C   1 
ATOM   366 O  O   . GLN A 1 48 ? 7.426   -4.526  -1.057  1.00 19.24 ? 48  GLN A O   1 
ATOM   367 C  CB  . GLN A 1 48 ? 4.831   -6.525  -1.572  1.00 20.98 ? 48  GLN A CB  1 
ATOM   368 C  CG  . GLN A 1 48 ? 5.675   -6.911  -2.768  1.00 26.01 ? 48  GLN A CG  1 
ATOM   369 C  CD  . GLN A 1 48 ? 6.432   -8.209  -2.520  1.00 29.24 ? 48  GLN A CD  1 
ATOM   370 O  OE1 . GLN A 1 48 ? 6.626   -8.635  -1.365  1.00 26.10 ? 48  GLN A OE1 1 
ATOM   371 N  NE2 . GLN A 1 48 ? 6.849   -8.791  -3.637  1.00 30.76 ? 48  GLN A NE2 1 
ATOM   372 N  N   . CYS A 1 49 ? 5.461   -3.428  -0.872  1.00 16.63 ? 49  CYS A N   1 
ATOM   373 C  CA  . CYS A 1 49 ? 6.055   -2.138  -1.191  1.00 17.17 ? 49  CYS A CA  1 
ATOM   374 C  C   . CYS A 1 49 ? 7.144   -1.804  -0.168  1.00 17.90 ? 49  CYS A C   1 
ATOM   375 O  O   . CYS A 1 49 ? 8.240   -1.374  -0.551  1.00 19.46 ? 49  CYS A O   1 
ATOM   376 C  CB  . CYS A 1 49 ? 4.987   -1.049  -1.264  1.00 16.01 ? 49  CYS A CB  1 
ATOM   377 S  SG  . CYS A 1 49 ? 4.010   -0.872  0.262   1.00 17.16 ? 49  CYS A SG  1 
ATOM   378 N  N   . GLN A 1 50 ? 6.893   -2.005  1.128   1.00 18.24 ? 50  GLN A N   1 
ATOM   379 C  CA  . GLN A 1 50 ? 7.915   -1.656  2.134   1.00 18.04 ? 50  GLN A CA  1 
ATOM   380 C  C   . GLN A 1 50 ? 9.197   -2.442  1.935   1.00 18.64 ? 50  GLN A C   1 
ATOM   381 O  O   . GLN A 1 50 ? 10.317  -2.007  2.217   1.00 22.33 ? 50  GLN A O   1 
ATOM   382 C  CB  . GLN A 1 50 ? 7.390   -1.953  3.548   1.00 19.22 ? 50  GLN A CB  1 
ATOM   383 C  CG  . GLN A 1 50 ? 6.336   -0.994  4.084   1.00 21.16 ? 50  GLN A CG  1 
ATOM   384 C  CD  . GLN A 1 50 ? 5.840   -1.383  5.478   1.00 19.67 ? 50  GLN A CD  1 
ATOM   385 O  OE1 . GLN A 1 50 ? 5.971   -2.541  5.865   1.00 21.10 ? 50  GLN A OE1 1 
ATOM   386 N  NE2 . GLN A 1 50 ? 5.294   -0.398  6.190   1.00 18.76 ? 50  GLN A NE2 1 
ATOM   387 N  N   . GLN A 1 51 ? 9.049   -3.683  1.464   1.00 19.40 ? 51  GLN A N   1 
ATOM   388 C  CA  . GLN A 1 51 ? 10.205  -4.554  1.301   1.00 20.62 ? 51  GLN A CA  1 
ATOM   389 C  C   . GLN A 1 51 ? 11.144  -4.061  0.201   1.00 22.47 ? 51  GLN A C   1 
ATOM   390 O  O   . GLN A 1 51 ? 12.328  -4.398  0.262   1.00 25.34 ? 51  GLN A O   1 
ATOM   391 C  CB  . GLN A 1 51 ? 9.752   -5.980  1.001   1.00 22.41 ? 51  GLN A CB  1 
ATOM   392 C  CG  . GLN A 1 51 ? 8.997   -6.622  2.188   1.00 24.62 ? 51  GLN A CG  1 
ATOM   393 C  CD  . GLN A 1 51 ? 9.919   -6.808  3.373   1.00 33.66 ? 51  GLN A CD  1 
ATOM   394 O  OE1 . GLN A 1 51 ? 10.919  -7.518  3.201   1.00 37.34 ? 51  GLN A OE1 1 
ATOM   395 N  NE2 . GLN A 1 51 ? 9.651   -6.233  4.541   1.00 37.60 ? 51  GLN A NE2 1 
ATOM   396 N  N   . VAL A 1 52 ? 10.712  -3.273  -0.765  1.00 21.23 ? 52  VAL A N   1 
ATOM   397 C  CA  . VAL A 1 52 ? 11.594  -2.858  -1.842  1.00 19.82 ? 52  VAL A CA  1 
ATOM   398 C  C   . VAL A 1 52 ? 11.954  -1.391  -1.746  1.00 17.87 ? 52  VAL A C   1 
ATOM   399 O  O   . VAL A 1 52 ? 12.869  -0.946  -2.441  1.00 20.47 ? 52  VAL A O   1 
ATOM   400 C  CB  . VAL A 1 52 ? 10.968  -3.059  -3.241  1.00 20.92 ? 52  VAL A CB  1 
ATOM   401 C  CG1 . VAL A 1 52 ? 10.781  -4.529  -3.599  1.00 23.09 ? 52  VAL A CG1 1 
ATOM   402 C  CG2 . VAL A 1 52 ? 9.621   -2.354  -3.383  1.00 20.07 ? 52  VAL A CG2 1 
ATOM   403 N  N   . CYS A 1 53 ? 11.257  -0.600  -0.913  1.00 18.21 ? 53  CYS A N   1 
ATOM   404 C  CA  . CYS A 1 53 ? 11.519  0.853   -0.901  1.00 18.46 ? 53  CYS A CA  1 
ATOM   405 C  C   . CYS A 1 53 ? 12.924  1.163   -0.388  1.00 19.33 ? 53  CYS A C   1 
ATOM   406 O  O   . CYS A 1 53 ? 13.311  0.678   0.681   1.00 20.44 ? 53  CYS A O   1 
ATOM   407 C  CB  . CYS A 1 53 ? 10.509  1.525   0.016   1.00 18.75 ? 53  CYS A CB  1 
ATOM   408 S  SG  . CYS A 1 53 ? 10.690  3.323   0.136   1.00 19.79 ? 53  CYS A SG  1 
ATOM   409 N  N   . PRO A 1 54 ? 13.712  1.950   -1.112  1.00 20.94 ? 54  PRO A N   1 
ATOM   410 C  CA  . PRO A 1 54 ? 15.087  2.176   -0.672  1.00 24.11 ? 54  PRO A CA  1 
ATOM   411 C  C   . PRO A 1 54 ? 15.207  3.127   0.506   1.00 25.45 ? 54  PRO A C   1 
ATOM   412 O  O   . PRO A 1 54 ? 16.253  3.071   1.157   1.00 27.36 ? 54  PRO A O   1 
ATOM   413 C  CB  . PRO A 1 54 ? 15.722  2.839   -1.906  1.00 25.07 ? 54  PRO A CB  1 
ATOM   414 C  CG  . PRO A 1 54 ? 14.581  3.599   -2.510  1.00 24.53 ? 54  PRO A CG  1 
ATOM   415 C  CD  . PRO A 1 54 ? 13.402  2.651   -2.383  1.00 22.19 ? 54  PRO A CD  1 
ATOM   416 N  N   . VAL A 1 55 ? 14.202  3.952   0.779   1.00 24.05 ? 55  VAL A N   1 
ATOM   417 C  CA  . VAL A 1 55 ? 14.309  4.954   1.858   1.00 23.51 ? 55  VAL A CA  1 
ATOM   418 C  C   . VAL A 1 55 ? 13.277  4.757   2.961   1.00 23.02 ? 55  VAL A C   1 
ATOM   419 O  O   . VAL A 1 55 ? 13.123  5.660   3.817   1.00 27.06 ? 55  VAL A O   1 
ATOM   420 C  CB  . VAL A 1 55 ? 14.239  6.372   1.238   1.00 23.48 ? 55  VAL A CB  1 
ATOM   421 C  CG1 . VAL A 1 55 ? 15.437  6.593   0.296   1.00 26.17 ? 55  VAL A CG1 1 
ATOM   422 C  CG2 . VAL A 1 55 ? 12.954  6.623   0.495   1.00 23.97 ? 55  VAL A CG2 1 
ATOM   423 N  N   . ASP A 1 56 ? 12.584  3.632   3.022   1.00 23.10 ? 56  ASP A N   1 
ATOM   424 C  CA  . ASP A 1 56 ? 11.586  3.339   4.053   1.00 24.39 ? 56  ASP A CA  1 
ATOM   425 C  C   . ASP A 1 56 ? 10.632  4.506   4.296   1.00 23.47 ? 56  ASP A C   1 
ATOM   426 O  O   . ASP A 1 56 ? 10.480  4.912   5.454   1.00 24.63 ? 56  ASP A O   1 
ATOM   427 C  CB  . ASP A 1 56 ? 12.261  2.900   5.359   1.00 30.07 ? 56  ASP A CB  1 
ATOM   428 C  CG  . ASP A 1 56 ? 13.295  1.808   5.163   1.00 34.23 ? 56  ASP A CG  1 
ATOM   429 O  OD1 . ASP A 1 56 ? 13.088  0.831   4.420   1.00 31.16 ? 56  ASP A OD1 1 
ATOM   430 O  OD2 . ASP A 1 56 ? 14.376  1.946   5.805   1.00 51.24 ? 56  ASP A OD2 1 
ATOM   431 N  N   . CYS A 1 57 ? 10.021  5.025   3.228   1.00 21.71 ? 57  CYS A N   1 
ATOM   432 C  CA  . CYS A 1 57 ? 9.073   6.129   3.385   1.00 21.68 ? 57  CYS A CA  1 
ATOM   433 C  C   . CYS A 1 57 ? 7.614   5.671   3.219   1.00 21.25 ? 57  CYS A C   1 
ATOM   434 O  O   . CYS A 1 57 ? 6.775   6.473   2.786   1.00 22.72 ? 57  CYS A O   1 
ATOM   435 C  CB  . CYS A 1 57 ? 9.377   7.231   2.381   1.00 23.05 ? 57  CYS A CB  1 
ATOM   436 S  SG  . CYS A 1 57 ? 9.319   6.668   0.646   1.00 22.28 ? 57  CYS A SG  1 
ATOM   437 N  N   . ILE A 1 58 ? 7.298   4.414   3.557   1.00 20.77 ? 58  ILE A N   1 
ATOM   438 C  CA  . ILE A 1 58 ? 5.913   3.925   3.432   1.00 19.55 ? 58  ILE A CA  1 
ATOM   439 C  C   . ILE A 1 58 ? 5.377   3.404   4.762   1.00 17.90 ? 58  ILE A C   1 
ATOM   440 O  O   . ILE A 1 58 ? 5.200   2.192   4.959   1.00 19.67 ? 58  ILE A O   1 
ATOM   441 C  CB  . ILE A 1 58 ? 5.847   2.838   2.350   1.00 19.11 ? 58  ILE A CB  1 
ATOM   442 C  CG1 . ILE A 1 58 ? 6.688   3.156   1.095   1.00 18.72 ? 58  ILE A CG1 1 
ATOM   443 C  CG2 . ILE A 1 58 ? 4.395   2.592   1.958   1.00 18.22 ? 58  ILE A CG2 1 
ATOM   444 C  CD1 . ILE A 1 58 ? 6.678   2.096   0.017   1.00 22.57 ? 58  ILE A CD1 1 
ATOM   445 N  N   . PRO A 1 59 ? 5.102   4.310   5.692   1.00 19.05 ? 59  PRO A N   1 
ATOM   446 C  CA  . PRO A 1 59 ? 4.607   3.889   6.991   1.00 19.61 ? 59  PRO A CA  1 
ATOM   447 C  C   . PRO A 1 59 ? 3.101   3.648   6.989   1.00 18.42 ? 59  PRO A C   1 
ATOM   448 O  O   . PRO A 1 59 ? 2.375   3.998   6.060   1.00 19.58 ? 59  PRO A O   1 
ATOM   449 C  CB  . PRO A 1 59 ? 4.903   5.120   7.876   1.00 20.90 ? 59  PRO A CB  1 
ATOM   450 C  CG  . PRO A 1 59 ? 4.740   6.277   6.940   1.00 23.01 ? 59  PRO A CG  1 
ATOM   451 C  CD  . PRO A 1 59 ? 5.218   5.778   5.585   1.00 21.05 ? 59  PRO A CD  1 
ATOM   452 N  N   . LEU A 1 60 ? 2.635   3.049   8.073   1.00 18.79 ? 60  LEU A N   1 
ATOM   453 C  CA  . LEU A 1 60 ? 1.229   3.045   8.417   1.00 18.90 ? 60  LEU A CA  1 
ATOM   454 C  C   . LEU A 1 60 ? 0.640   4.438   8.280   1.00 18.98 ? 60  LEU A C   1 
ATOM   455 O  O   . LEU A 1 60 ? 1.258   5.435   8.670   1.00 22.38 ? 60  LEU A O   1 
ATOM   456 C  CB  . LEU A 1 60 ? 1.063   2.510   9.843   1.00 20.24 ? 60  LEU A CB  1 
ATOM   457 C  CG  . LEU A 1 60 ? 1.340   1.011   10.005  1.00 19.88 ? 60  LEU A CG  1 
ATOM   458 C  CD1 . LEU A 1 60 ? 1.670   0.691   11.460  1.00 19.79 ? 60  LEU A CD1 1 
ATOM   459 C  CD2 . LEU A 1 60 ? 0.151   0.201   9.494   1.00 20.05 ? 60  LEU A CD2 1 
ATOM   460 N  N   . ASP A 1 61 ? -0.576  4.561   7.752   1.00 18.74 ? 61  ASP A N   1 
ATOM   461 C  CA  . ASP A 1 61 ? -1.235  5.874   7.646   1.00 20.21 ? 61  ASP A CA  1 
ATOM   462 C  C   . ASP A 1 61 ? -2.076  6.177   8.893   1.00 19.30 ? 61  ASP A C   1 
ATOM   463 O  O   . ASP A 1 61 ? -3.092  5.500   9.128   1.00 19.06 ? 61  ASP A O   1 
ATOM   464 C  CB  . ASP A 1 61 ? -2.128  5.901   6.408   1.00 20.93 ? 61  ASP A CB  1 
ATOM   465 C  CG  . ASP A 1 61 ? -2.806  7.226   6.131   1.00 21.21 ? 61  ASP A CG  1 
ATOM   466 O  OD1 . ASP A 1 61 ? -2.735  8.162   6.959   1.00 24.31 ? 61  ASP A OD1 1 
ATOM   467 O  OD2 . ASP A 1 61 ? -3.421  7.366   5.040   1.00 24.54 ? 61  ASP A OD2 1 
ATOM   468 N  N   . ASP A 1 62 ? -1.646  7.188   9.656   1.00 20.51 ? 62  ASP A N   1 
ATOM   469 C  CA  . ASP A 1 62 ? -2.356  7.535   10.902  1.00 22.16 ? 62  ASP A CA  1 
ATOM   470 C  C   . ASP A 1 62 ? -3.808  7.982   10.650  1.00 20.44 ? 62  ASP A C   1 
ATOM   471 O  O   . ASP A 1 62 ? -4.671  8.034   11.518  1.00 24.99 ? 62  ASP A O   1 
ATOM   472 C  CB  . ASP A 1 62 ? -1.619  8.629   11.684  1.00 27.09 ? 62  ASP A CB  1 
ATOM   473 C  CG  . ASP A 1 62 ? -0.290  8.177   12.267  1.00 32.66 ? 62  ASP A CG  1 
ATOM   474 O  OD1 . ASP A 1 62 ? 0.006   6.958   12.260  1.00 35.81 ? 62  ASP A OD1 1 
ATOM   475 O  OD2 . ASP A 1 62 ? 0.462   9.070   12.719  1.00 33.77 ? 62  ASP A OD2 1 
ATOM   476 N  N   . ALA A 1 63 ? -4.101  8.363   9.410   1.00 21.52 ? 63  ALA A N   1 
ATOM   477 C  CA  . ALA A 1 63 ? -5.418  8.870   9.065   1.00 22.74 ? 63  ALA A CA  1 
ATOM   478 C  C   . ALA A 1 63 ? -6.316  7.727   8.581   1.00 24.47 ? 63  ALA A C   1 
ATOM   479 O  O   . ALA A 1 63 ? -7.500  7.949   8.334   1.00 26.38 ? 63  ALA A O   1 
ATOM   480 C  CB  . ALA A 1 63 ? -5.361  9.971   8.008   1.00 26.69 ? 63  ALA A CB  1 
ATOM   481 N  N   . ASN A 1 64 ? -5.720  6.535   8.476   1.00 22.25 ? 64  ASN A N   1 
ATOM   482 C  CA  . ASN A 1 64 ? -6.459  5.380   7.957   1.00 22.09 ? 64  ASN A CA  1 
ATOM   483 C  C   . ASN A 1 64 ? -6.086  4.101   8.701   1.00 18.96 ? 64  ASN A C   1 
ATOM   484 O  O   . ASN A 1 64 ? -5.523  3.150   8.136   1.00 20.79 ? 64  ASN A O   1 
ATOM   485 C  CB  . ASN A 1 64 ? -6.168  5.233   6.472   1.00 23.41 ? 64  ASN A CB  1 
ATOM   486 C  CG  . ASN A 1 64 ? -6.850  6.201   5.537   1.00 25.41 ? 64  ASN A CG  1 
ATOM   487 O  OD1 . ASN A 1 64 ? -6.280  7.063   4.838   1.00 30.64 ? 64  ASN A OD1 1 
ATOM   488 N  ND2 . ASN A 1 64 ? -8.171  6.053   5.481   1.00 34.25 ? 64  ASN A ND2 1 
ATOM   489 N  N   . VAL A 1 65 ? -6.387  4.048   9.979   1.00 20.13 ? 65  VAL A N   1 
ATOM   490 C  CA  . VAL A 1 65 ? -6.046  2.920   10.830  1.00 19.86 ? 65  VAL A CA  1 
ATOM   491 C  C   . VAL A 1 65 ? -7.048  1.799   10.640  1.00 18.50 ? 65  VAL A C   1 
ATOM   492 O  O   . VAL A 1 65 ? -8.250  2.037   10.804  1.00 22.64 ? 65  VAL A O   1 
ATOM   493 C  CB  . VAL A 1 65 ? -6.018  3.345   12.318  1.00 19.54 ? 65  VAL A CB  1 
ATOM   494 C  CG1 . VAL A 1 65 ? -5.688  2.151   13.196  1.00 22.34 ? 65  VAL A CG1 1 
ATOM   495 C  CG2 . VAL A 1 65 ? -5.039  4.501   12.468  1.00 23.56 ? 65  VAL A CG2 1 
ATOM   496 N  N   . GLU A 1 66 ? -6.557  0.620   10.293  1.00 18.86 ? 66  GLU A N   1 
ATOM   497 C  CA  . GLU A 1 66 ? -7.437  -0.508  9.992   1.00 19.05 ? 66  GLU A CA  1 
ATOM   498 C  C   . GLU A 1 66 ? -6.968  -1.770  10.707  1.00 18.94 ? 66  GLU A C   1 
ATOM   499 O  O   . GLU A 1 66 ? -5.789  -2.016  10.894  1.00 21.33 ? 66  GLU A O   1 
ATOM   500 C  CB  . GLU A 1 66 ? -7.471  -0.772  8.483   1.00 18.29 ? 66  GLU A CB  1 
ATOM   501 C  CG  . GLU A 1 66 ? -7.977  0.416   7.674   1.00 19.75 ? 66  GLU A CG  1 
ATOM   502 C  CD  . GLU A 1 66 ? -8.054  0.189   6.195   1.00 20.42 ? 66  GLU A CD  1 
ATOM   503 O  OE1 . GLU A 1 66 ? -7.067  0.537   5.497   1.00 20.94 ? 66  GLU A OE1 1 
ATOM   504 O  OE2 . GLU A 1 66 ? -9.081  -0.337  5.745   1.00 26.23 ? 66  GLU A OE2 1 
ATOM   505 N  N   . SER A 1 67 ? -7.926  -2.600  11.109  1.00 19.59 ? 67  SER A N   1 
ATOM   506 C  CA  . SER A 1 67 ? -7.647  -3.904  11.690  1.00 20.06 ? 67  SER A CA  1 
ATOM   507 C  C   . SER A 1 67 ? -7.419  -4.961  10.618  1.00 19.95 ? 67  SER A C   1 
ATOM   508 O  O   . SER A 1 67 ? -7.782  -4.761  9.450   1.00 19.07 ? 67  SER A O   1 
ATOM   509 C  CB  . SER A 1 67 ? -8.814  -4.344  12.589  1.00 19.94 ? 67  SER A CB  1 
ATOM   510 O  OG  . SER A 1 67 ? -9.955  -4.550  11.741  1.00 21.36 ? 67  SER A OG  1 
ATOM   511 N  N   . LYS A 1 68 ? -6.826  -6.089  11.012  1.00 20.79 ? 68  LYS A N   1 
ATOM   512 C  CA  . LYS A 1 68 ? -6.658  -7.203  10.073  1.00 19.33 ? 68  LYS A CA  1 
ATOM   513 C  C   . LYS A 1 68 ? -8.025  -7.612  9.526   1.00 20.24 ? 68  LYS A C   1 
ATOM   514 O  O   . LYS A 1 68 ? -8.132  -7.859  8.298   1.00 22.67 ? 68  LYS A O   1 
ATOM   515 C  CB  . LYS A 1 68 ? -5.933  -8.404  10.683  1.00 19.57 ? 68  LYS A CB  1 
ATOM   516 C  CG  . LYS A 1 68 ? -5.759  -9.535  9.678   1.00 25.45 ? 68  LYS A CG  1 
ATOM   517 C  CD  . LYS A 1 68 ? -4.886  -10.672 10.164  1.00 34.80 ? 68  LYS A CD  1 
ATOM   518 C  CE  . LYS A 1 68 ? -5.068  -11.950 9.362   1.00 39.16 ? 68  LYS A CE  1 
ATOM   519 N  NZ  . LYS A 1 68 ? -4.645  -13.144 10.161  1.00 50.32 ? 68  LYS A NZ  1 
ATOM   520 N  N   . ASP A 1 69 ? -9.048  -7.661  10.363  1.00 21.47 ? 69  ASP A N   1 
ATOM   521 C  CA  . ASP A 1 69 ? -10.369 -8.039  9.859   1.00 23.35 ? 69  ASP A CA  1 
ATOM   522 C  C   . ASP A 1 69 ? -10.853 -7.048  8.813   1.00 24.03 ? 69  ASP A C   1 
ATOM   523 O  O   . ASP A 1 69 ? -11.399 -7.466  7.772   1.00 23.32 ? 69  ASP A O   1 
ATOM   524 C  CB  . ASP A 1 69 ? -11.407 -8.116  10.981  1.00 24.10 ? 69  ASP A CB  1 
ATOM   525 C  CG  . ASP A 1 69 ? -11.285 -9.367  11.814  1.00 30.03 ? 69  ASP A CG  1 
ATOM   526 O  OD1 . ASP A 1 69 ? -10.635 -10.339 11.378  1.00 31.12 ? 69  ASP A OD1 1 
ATOM   527 O  OD2 . ASP A 1 69 ? -11.864 -9.344  12.932  1.00 37.22 ? 69  ASP A OD2 1 
ATOM   528 N  N   . GLN A 1 70 ? -10.663 -5.753  9.073   1.00 21.37 ? 70  GLN A N   1 
ATOM   529 C  CA  . GLN A 1 70 ? -11.084 -4.762  8.060   1.00 21.59 ? 70  GLN A CA  1 
ATOM   530 C  C   . GLN A 1 70 ? -10.314 -4.903  6.746   1.00 21.32 ? 70  GLN A C   1 
ATOM   531 O  O   . GLN A 1 70 ? -10.866 -4.788  5.658   1.00 21.04 ? 70  GLN A O   1 
ATOM   532 C  CB  . GLN A 1 70 ? -10.925 -3.348  8.607   1.00 21.31 ? 70  GLN A CB  1 
ATOM   533 C  CG  . GLN A 1 70 ? -12.002 -3.074  9.676   1.00 23.38 ? 70  GLN A CG  1 
ATOM   534 C  CD  . GLN A 1 70 ? -11.699 -1.861  10.507  1.00 28.27 ? 70  GLN A CD  1 
ATOM   535 O  OE1 . GLN A 1 70 ? -10.582 -1.403  10.677  1.00 28.42 ? 70  GLN A OE1 1 
ATOM   536 N  NE2 . GLN A 1 70 ? -12.720 -1.233  11.095  1.00 34.02 ? 70  GLN A NE2 1 
ATOM   537 N  N   . LEU A 1 71 ? -9.003  -5.164  6.853   1.00 19.48 ? 71  LEU A N   1 
ATOM   538 C  CA  . LEU A 1 71 ? -8.161  -5.247  5.668   1.00 18.60 ? 71  LEU A CA  1 
ATOM   539 C  C   . LEU A 1 71 ? -8.511  -6.483  4.841   1.00 20.31 ? 71  LEU A C   1 
ATOM   540 O  O   . LEU A 1 71 ? -8.511  -6.438  3.622   1.00 20.76 ? 71  LEU A O   1 
ATOM   541 C  CB  . LEU A 1 71 ? -6.663  -5.235  6.076   1.00 19.57 ? 71  LEU A CB  1 
ATOM   542 C  CG  . LEU A 1 71 ? -6.234  -3.896  6.695   1.00 19.24 ? 71  LEU A CG  1 
ATOM   543 C  CD1 . LEU A 1 71 ? -4.945  -4.022  7.514   1.00 17.97 ? 71  LEU A CD1 1 
ATOM   544 C  CD2 . LEU A 1 71 ? -6.122  -2.850  5.599   1.00 19.10 ? 71  LEU A CD2 1 
ATOM   545 N  N   . MET A 1 72 ? -8.797  -7.579  5.537   1.00 21.08 ? 72  MET A N   1 
ATOM   546 C  CA  . MET A 1 72 ? -9.160  -8.821  4.846   1.00 22.41 ? 72  MET A CA  1 
ATOM   547 C  C   . MET A 1 72 ? -10.506 -8.612  4.167   1.00 23.88 ? 72  MET A C   1 
ATOM   548 O  O   . MET A 1 72 ? -10.676 -9.102  3.053   1.00 23.02 ? 72  MET A O   1 
ATOM   549 C  CB  . MET A 1 72 ? -9.139  -10.024 5.801   1.00 27.25 ? 72  MET A CB  1 
ATOM   550 C  CG  . MET A 1 72 ? -9.353  -11.373 5.127   1.00 28.51 ? 72  MET A CG  1 
ATOM   551 S  SD  . MET A 1 72 ? -8.006  -11.790 3.993   1.00 29.72 ? 72  MET A SD  1 
ATOM   552 C  CE  . MET A 1 72 ? -6.900  -12.680 5.108   1.00 48.28 ? 72  MET A CE  1 
ATOM   553 N  N   . GLU A 1 73 ? -11.440 -7.895  4.777   1.00 22.07 ? 73  GLU A N   1 
ATOM   554 C  CA  . GLU A 1 73 ? -12.710 -7.589  4.117   1.00 22.96 ? 73  GLU A CA  1 
ATOM   555 C  C   . GLU A 1 73 ? -12.473 -6.763  2.859   1.00 20.50 ? 73  GLU A C   1 
ATOM   556 O  O   . GLU A 1 73 ? -13.123 -6.972  1.827   1.00 21.79 ? 73  GLU A O   1 
ATOM   557 C  CB  . GLU A 1 73 ? -13.631 -6.846  5.090   1.00 24.63 ? 73  GLU A CB  1 
ATOM   558 C  CG  . GLU A 1 73 ? -14.904 -6.291  4.498   1.00 38.02 ? 73  GLU A CG  1 
ATOM   559 C  CD  . GLU A 1 73 ? -15.841 -5.554  5.423   1.00 48.84 ? 73  GLU A CD  1 
ATOM   560 O  OE1 . GLU A 1 73 ? -17.035 -5.449  5.048   1.00 66.49 ? 73  GLU A OE1 1 
ATOM   561 O  OE2 . GLU A 1 73 ? -15.448 -5.063  6.512   1.00 60.69 ? 73  GLU A OE2 1 
ATOM   562 N  N   . LYS A 1 74 ? -11.527 -5.822  2.931   1.00 20.82 ? 74  LYS A N   1 
ATOM   563 C  CA  . LYS A 1 74 ? -11.197 -5.017  1.747   1.00 20.41 ? 74  LYS A CA  1 
ATOM   564 C  C   . LYS A 1 74 ? -10.595 -5.869  0.639   1.00 19.59 ? 74  LYS A C   1 
ATOM   565 O  O   . LYS A 1 74 ? -10.909 -5.749  -0.558  1.00 21.85 ? 74  LYS A O   1 
ATOM   566 C  CB  . LYS A 1 74 ? -10.234 -3.894  2.143   1.00 20.92 ? 74  LYS A CB  1 
ATOM   567 C  CG  . LYS A 1 74 ? -10.078 -2.841  1.061   1.00 21.21 ? 74  LYS A CG  1 
ATOM   568 C  CD  . LYS A 1 74 ? -8.942  -1.856  1.319   1.00 21.87 ? 74  LYS A CD  1 
ATOM   569 C  CE  . LYS A 1 74 ? -9.100  -1.185  2.645   1.00 23.38 ? 74  LYS A CE  1 
ATOM   570 N  NZ  . LYS A 1 74 ? -8.146  -0.056  2.839   1.00 21.18 ? 74  LYS A NZ  1 
ATOM   571 N  N   . TYR A 1 75 ? -9.710  -6.780  1.031   1.00 20.43 ? 75  TYR A N   1 
ATOM   572 C  CA  . TYR A 1 75 ? -9.145  -7.757  0.105   1.00 20.34 ? 75  TYR A CA  1 
ATOM   573 C  C   . TYR A 1 75 ? -10.242 -8.537  -0.624  1.00 21.20 ? 75  TYR A C   1 
ATOM   574 O  O   . TYR A 1 75 ? -10.211 -8.737  -1.851  1.00 20.75 ? 75  TYR A O   1 
ATOM   575 C  CB  . TYR A 1 75 ? -8.203  -8.700  0.869   1.00 20.81 ? 75  TYR A CB  1 
ATOM   576 C  CG  . TYR A 1 75 ? -7.849  -9.967  0.108   1.00 20.45 ? 75  TYR A CG  1 
ATOM   577 C  CD1 . TYR A 1 75 ? -6.842  -10.000 -0.854  1.00 21.17 ? 75  TYR A CD1 1 
ATOM   578 C  CD2 . TYR A 1 75 ? -8.512  -11.155 0.355   1.00 23.34 ? 75  TYR A CD2 1 
ATOM   579 C  CE1 . TYR A 1 75 ? -6.507  -11.158 -1.544  1.00 21.99 ? 75  TYR A CE1 1 
ATOM   580 C  CE2 . TYR A 1 75 ? -8.201  -12.317 -0.325  1.00 24.44 ? 75  TYR A CE2 1 
ATOM   581 C  CZ  . TYR A 1 75 ? -7.201  -12.313 -1.274  1.00 25.00 ? 75  TYR A CZ  1 
ATOM   582 O  OH  . TYR A 1 75 ? -6.933  -13.494 -1.928  1.00 27.07 ? 75  TYR A OH  1 
ATOM   583 N  N   . ARG A 1 76 ? -11.227 -9.027  0.128   1.00 20.67 ? 76  ARG A N   1 
ATOM   584 C  CA  . ARG A 1 76 ? -12.288 -9.813  -0.508  1.00 21.94 ? 76  ARG A CA  1 
ATOM   585 C  C   . ARG A 1 76 ? -13.066 -8.989  -1.505  1.00 22.75 ? 76  ARG A C   1 
ATOM   586 O  O   . ARG A 1 76 ? -13.442 -9.467  -2.579  1.00 25.02 ? 76  ARG A O   1 
ATOM   587 C  CB  . ARG A 1 76 ? -13.217 -10.368 0.577   1.00 28.36 ? 76  ARG A CB  1 
ATOM   588 C  CG  . ARG A 1 76 ? -12.590 -11.556 1.318   1.00 30.56 ? 76  ARG A CG  1 
ATOM   589 C  CD  . ARG A 1 76 ? -13.574 -12.048 2.372   1.00 38.10 ? 76  ARG A CD  1 
ATOM   590 N  NE  . ARG A 1 76 ? -12.934 -12.835 3.419   1.00 40.49 ? 76  ARG A NE  1 
ATOM   591 C  CZ  . ARG A 1 76 ? -12.875 -12.449 4.682   1.00 39.48 ? 76  ARG A CZ  1 
ATOM   592 N  NH1 . ARG A 1 76 ? -13.411 -11.284 5.022   1.00 37.56 ? 76  ARG A NH1 1 
ATOM   593 N  NH2 . ARG A 1 76 ? -12.272 -13.251 5.536   1.00 50.58 ? 76  ARG A NH2 1 
ATOM   594 N  N   . LYS A 1 77 ? -13.326 -7.730  -1.151  1.00 23.71 ? 77  LYS A N   1 
ATOM   595 C  CA  . LYS A 1 77 ? -14.121 -6.901  -2.079  1.00 23.22 ? 77  LYS A CA  1 
ATOM   596 C  C   . LYS A 1 77 ? -13.296 -6.583  -3.303  1.00 23.83 ? 77  LYS A C   1 
ATOM   597 O  O   . LYS A 1 77 ? -13.769 -6.560  -4.435  1.00 29.00 ? 77  LYS A O   1 
ATOM   598 C  CB  . LYS A 1 77 ? -14.598 -5.614  -1.408  1.00 25.11 ? 77  LYS A CB  1 
ATOM   599 C  CG  . LYS A 1 77 ? -15.643 -5.925  -0.353  1.00 29.66 ? 77  LYS A CG  1 
ATOM   600 C  CD  . LYS A 1 77 ? -15.876 -4.791  0.615   1.00 38.70 ? 77  LYS A CD  1 
ATOM   601 C  CE  . LYS A 1 77 ? -16.738 -5.257  1.774   1.00 44.23 ? 77  LYS A CE  1 
ATOM   602 N  NZ  . LYS A 1 77 ? -16.779 -4.256  2.881   1.00 54.64 ? 77  LYS A NZ  1 
ATOM   603 N  N   . ILE A 1 78 ? -12.009 -6.320  -3.135  1.00 22.82 ? 78  ILE A N   1 
ATOM   604 C  CA  . ILE A 1 78 ? -11.226 -5.925  -4.294  1.00 22.26 ? 78  ILE A CA  1 
ATOM   605 C  C   . ILE A 1 78 ? -11.067 -7.097  -5.233  1.00 23.72 ? 78  ILE A C   1 
ATOM   606 O  O   . ILE A 1 78 ? -11.132 -6.902  -6.444  1.00 25.22 ? 78  ILE A O   1 
ATOM   607 C  CB  . ILE A 1 78 ? -9.844  -5.412  -3.829  1.00 21.45 ? 78  ILE A CB  1 
ATOM   608 C  CG1 . ILE A 1 78 ? -9.905  -4.029  -3.156  1.00 21.56 ? 78  ILE A CG1 1 
ATOM   609 C  CG2 . ILE A 1 78 ? -8.825  -5.432  -4.953  1.00 23.12 ? 78  ILE A CG2 1 
ATOM   610 C  CD1 . ILE A 1 78 ? -8.643  -3.676  -2.372  1.00 23.99 ? 78  ILE A CD1 1 
ATOM   611 N  N   . THR A 1 79 ? -10.826 -8.283  -4.672  1.00 25.26 ? 79  THR A N   1 
ATOM   612 C  CA  . THR A 1 79 ? -10.455 -9.444  -5.462  1.00 23.94 ? 79  THR A CA  1 
ATOM   613 C  C   . THR A 1 79 ? -11.645 -10.335 -5.804  1.00 27.12 ? 79  THR A C   1 
ATOM   614 O  O   . THR A 1 79 ? -11.502 -11.183 -6.679  1.00 31.68 ? 79  THR A O   1 
ATOM   615 C  CB  . THR A 1 79 ? -9.413  -10.354 -4.757  1.00 25.00 ? 79  THR A CB  1 
ATOM   616 O  OG1 . THR A 1 79 ? -10.000 -10.858 -3.547  1.00 24.68 ? 79  THR A OG1 1 
ATOM   617 C  CG2 . THR A 1 79 ? -8.153  -9.590  -4.416  1.00 25.87 ? 79  THR A CG2 1 
ATOM   618 N  N   . GLY A 1 80 ? -12.765 -10.200 -5.123  1.00 31.03 ? 80  GLY A N   1 
ATOM   619 C  CA  . GLY A 1 80 ? -13.915 -11.076 -5.252  1.00 34.01 ? 80  GLY A CA  1 
ATOM   620 C  C   . GLY A 1 80 ? -13.689 -12.422 -4.586  1.00 40.86 ? 80  GLY A C   1 
ATOM   621 O  O   . GLY A 1 80 ? -14.518 -13.341 -4.699  1.00 42.24 ? 80  GLY A O   1 
ATOM   622 N  N   A LYS A 1 81 ? -12.566 -12.555 -3.883  0.50 42.24 ? 81  LYS A N   1 
ATOM   623 N  N   B LYS A 1 81 ? -12.481 -12.629 -4.072  0.50 41.63 ? 81  LYS A N   1 
ATOM   624 C  CA  A LYS A 1 81 ? -12.151 -13.852 -3.347  0.50 41.26 ? 81  LYS A CA  1 
ATOM   625 C  CA  B LYS A 1 81 ? -12.119 -13.984 -3.550  0.50 43.09 ? 81  LYS A CA  1 
ATOM   626 C  C   A LYS A 1 81 ? -12.739 -14.075 -1.954  0.50 42.28 ? 81  LYS A C   1 
ATOM   627 C  C   B LYS A 1 81 ? -11.682 -15.139 -4.451  0.50 43.82 ? 81  LYS A C   1 
ATOM   628 O  O   A LYS A 1 81 ? -13.142 -13.092 -1.324  0.50 39.97 ? 81  LYS A O   1 
ATOM   629 O  O   B LYS A 1 81 ? -12.020 -15.225 -5.647  0.50 48.98 ? 81  LYS A O   1 
ATOM   630 C  CB  A LYS A 1 81 ? -10.628 -13.985 -3.292  0.50 41.51 ? 81  LYS A CB  1 
ATOM   631 C  CB  B LYS A 1 81 ? -12.718 -14.434 -2.223  0.50 40.80 ? 81  LYS A CB  1 
ATOM   632 C  CG  A LYS A 1 81 ? -10.126 -15.170 -2.469  0.50 41.21 ? 81  LYS A CG  1 
ATOM   633 C  CG  B LYS A 1 81 ? -12.158 -15.699 -1.604  0.50 41.45 ? 81  LYS A CG  1 
ATOM   634 C  CD  A LYS A 1 81 ? -8.691  -15.499 -2.853  0.50 42.01 ? 81  LYS A CD  1 
ATOM   635 C  CD  B LYS A 1 81 ? -10.793 -15.516 -0.973  0.50 38.18 ? 81  LYS A CD  1 
ATOM   636 C  CE  A LYS A 1 81 ? -7.898  -16.172 -1.749  0.50 37.84 ? 81  LYS A CE  1 
ATOM   637 C  CE  B LYS A 1 81 ? -10.862 -15.146 0.503   0.50 38.23 ? 81  LYS A CE  1 
ATOM   638 N  NZ  A LYS A 1 81 ? -8.293  -15.801 -0.378  0.50 32.05 ? 81  LYS A NZ  1 
ATOM   639 N  NZ  B LYS A 1 81 ? -12.214 -15.369 1.100   0.50 40.27 ? 81  LYS A NZ  1 
HETATM 640 FE FE1 . SF4 B 2 .  ? 9.004   6.364   -3.377  1.00 20.11 ? 201 SF4 A FE1 1 
HETATM 641 FE FE2 . SF4 B 2 .  ? 10.693  4.479   -4.492  1.00 20.03 ? 201 SF4 A FE2 1 
HETATM 642 FE FE3 . SF4 B 2 .  ? 8.085   3.900   -3.950  1.00 18.70 ? 201 SF4 A FE3 1 
HETATM 643 FE FE4 . SF4 B 2 .  ? 9.827   4.233   -1.819  1.00 19.94 ? 201 SF4 A FE4 1 
HETATM 644 S  S1  . SF4 B 2 .  ? 9.844   2.647   -3.488  1.00 18.92 ? 201 SF4 A S1  1 
HETATM 645 S  S2  . SF4 B 2 .  ? 7.716   5.065   -2.018  1.00 19.63 ? 201 SF4 A S2  1 
HETATM 646 S  S3  . SF4 B 2 .  ? 11.158  5.907   -2.755  1.00 19.74 ? 201 SF4 A S3  1 
HETATM 647 S  S4  . SF4 B 2 .  ? 8.866   5.412   -5.477  1.00 19.51 ? 201 SF4 A S4  1 
HETATM 648 FE FE1 . SF4 C 2 .  ? -0.718  -1.482  0.355   1.00 16.62 ? 202 SF4 A FE1 1 
HETATM 649 FE FE2 . SF4 C 2 .  ? 0.509   -3.945  -0.048  1.00 16.43 ? 202 SF4 A FE2 1 
HETATM 650 FE FE3 . SF4 C 2 .  ? 1.923   -1.578  -0.304  1.00 16.67 ? 202 SF4 A FE3 1 
HETATM 651 FE FE4 . SF4 C 2 .  ? -0.002  -2.271  -2.093  1.00 16.48 ? 202 SF4 A FE4 1 
HETATM 652 S  S1  . SF4 C 2 .  ? 1.998   -3.311  -1.754  1.00 16.45 ? 202 SF4 A S1  1 
HETATM 653 S  S2  . SF4 C 2 .  ? 0.346   -0.211  -1.232  1.00 16.40 ? 202 SF4 A S2  1 
HETATM 654 S  S3  . SF4 C 2 .  ? -1.609  -3.277  -0.759  1.00 16.72 ? 202 SF4 A S3  1 
HETATM 655 S  S4  . SF4 C 2 .  ? 0.939   -2.436  1.616   1.00 16.86 ? 202 SF4 A S4  1 
HETATM 656 O  O   . HOH D 3 .  ? -3.664  0.445   9.873   1.00 17.48 ? 203 HOH A O   1 
HETATM 657 O  O   . HOH D 3 .  ? -4.294  -7.755  -0.440  1.00 18.94 ? 204 HOH A O   1 
HETATM 658 O  O   . HOH D 3 .  ? -0.858  4.348   12.520  1.00 18.80 ? 205 HOH A O   1 
HETATM 659 O  O   . HOH D 3 .  ? 5.696   -11.332 2.843   1.00 22.45 ? 206 HOH A O   1 
HETATM 660 O  O   . HOH D 3 .  ? 1.956   10.066  -0.987  1.00 23.16 ? 207 HOH A O   1 
HETATM 661 O  O   . HOH D 3 .  ? -2.508  3.025   10.523  1.00 19.04 ? 208 HOH A O   1 
HETATM 662 O  O   . HOH D 3 .  ? 4.142   -13.564 2.099   1.00 19.99 ? 209 HOH A O   1 
HETATM 663 O  O   . HOH D 3 .  ? -4.185  7.596   14.218  1.00 25.17 ? 210 HOH A O   1 
HETATM 664 O  O   . HOH D 3 .  ? 5.955   -8.977  1.182   1.00 23.03 ? 211 HOH A O   1 
HETATM 665 O  O   . HOH D 3 .  ? 0.478   -0.103  -7.954  1.00 20.12 ? 212 HOH A O   1 
HETATM 666 O  O   . HOH D 3 .  ? 0.278   7.929   -0.115  1.00 19.72 ? 213 HOH A O   1 
HETATM 667 O  O   . HOH D 3 .  ? -2.963  -2.232  10.552  1.00 21.18 ? 214 HOH A O   1 
HETATM 668 O  O   . HOH D 3 .  ? 0.376   -8.235  5.130   1.00 21.30 ? 215 HOH A O   1 
HETATM 669 O  O   . HOH D 3 .  ? -2.546  5.588   -6.476  1.00 23.16 ? 216 HOH A O   1 
HETATM 670 O  O   . HOH D 3 .  ? -8.920  -7.721  13.178  1.00 23.65 ? 217 HOH A O   1 
HETATM 671 O  O   . HOH D 3 .  ? 9.544   -3.621  -8.476  1.00 23.80 ? 218 HOH A O   1 
HETATM 672 O  O   . HOH D 3 .  ? -3.745  3.558   -7.737  1.00 23.84 ? 219 HOH A O   1 
HETATM 673 O  O   . HOH D 3 .  ? 8.706   2.190   4.741   1.00 24.64 ? 220 HOH A O   1 
HETATM 674 O  O   . HOH D 3 .  ? -3.201  5.955   2.680   1.00 26.84 ? 221 HOH A O   1 
HETATM 675 O  O   . HOH D 3 .  ? -12.023 -0.221  -0.789  1.00 23.57 ? 222 HOH A O   1 
HETATM 676 O  O   . HOH D 3 .  ? 14.386  -2.999  -3.812  1.00 27.89 ? 223 HOH A O   1 
HETATM 677 O  O   . HOH D 3 .  ? 0.824   -3.210  7.910   1.00 29.57 ? 224 HOH A O   1 
HETATM 678 O  O   . HOH D 3 .  ? -1.455  -14.995 -1.395  1.00 28.80 ? 225 HOH A O   1 
HETATM 679 O  O   . HOH D 3 .  ? 4.799   2.141   10.096  1.00 24.60 ? 226 HOH A O   1 
HETATM 680 O  O   . HOH D 3 .  ? -11.355 -7.195  14.487  1.00 27.10 ? 227 HOH A O   1 
HETATM 681 O  O   . HOH D 3 .  ? -10.139 5.644   -4.634  1.00 27.53 ? 228 HOH A O   1 
HETATM 682 O  O   . HOH D 3 .  ? 10.460  0.256   3.792   1.00 26.97 ? 229 HOH A O   1 
HETATM 683 O  O   . HOH D 3 .  ? -11.484 -0.444  6.452   1.00 37.05 ? 230 HOH A O   1 
HETATM 684 O  O   . HOH D 3 .  ? 2.198   5.544   -11.903 1.00 30.90 ? 231 HOH A O   1 
HETATM 685 O  O   . HOH D 3 .  ? -6.468  4.369   -7.603  1.00 31.02 ? 232 HOH A O   1 
HETATM 686 O  O   . HOH D 3 .  ? -12.003 -4.931  13.285  1.00 28.27 ? 233 HOH A O   1 
HETATM 687 O  O   . HOH D 3 .  ? 15.176  8.146   -7.762  1.00 27.60 ? 234 HOH A O   1 
HETATM 688 O  O   . HOH D 3 .  ? -2.492  7.826   0.809   1.00 28.32 ? 235 HOH A O   1 
HETATM 689 O  O   . HOH D 3 .  ? -5.962  -7.466  -6.501  1.00 30.24 ? 236 HOH A O   1 
HETATM 690 O  O   . HOH D 3 .  ? 1.303   -3.187  -9.210  1.00 26.66 ? 237 HOH A O   1 
HETATM 691 O  O   . HOH D 3 .  ? 14.589  10.479  1.388   1.00 29.93 ? 238 HOH A O   1 
HETATM 692 O  O   . HOH D 3 .  ? 4.809   -0.241  9.363   1.00 29.49 ? 239 HOH A O   1 
HETATM 693 O  O   . HOH D 3 .  ? -2.769  -9.008  -7.953  1.00 37.32 ? 240 HOH A O   1 
HETATM 694 O  O   . HOH D 3 .  ? -8.080  6.194   11.122  1.00 28.81 ? 241 HOH A O   1 
HETATM 695 O  O   . HOH D 3 .  ? 6.954   -5.048  5.005   1.00 30.13 ? 242 HOH A O   1 
HETATM 696 O  O   . HOH D 3 .  ? 18.168  4.609   3.136   1.00 39.43 ? 243 HOH A O   1 
HETATM 697 O  O   . HOH D 3 .  ? -6.838  -2.271  -8.908  1.00 33.89 ? 244 HOH A O   1 
HETATM 698 O  O   . HOH D 3 .  ? -10.735 -4.920  -8.165  1.00 27.52 ? 245 HOH A O   1 
HETATM 699 O  O   . HOH D 3 .  ? -12.679 -9.813  7.602   1.00 33.45 ? 246 HOH A O   1 
HETATM 700 O  O   . HOH D 3 .  ? 9.311   8.813   5.855   1.00 34.40 ? 247 HOH A O   1 
HETATM 701 O  O   . HOH D 3 .  ? 0.229   -5.617  7.147   1.00 28.54 ? 248 HOH A O   1 
HETATM 702 O  O   . HOH D 3 .  ? -14.482 -6.257  9.197   0.75 38.40 ? 249 HOH A O   1 
HETATM 703 O  O   . HOH D 3 .  ? -10.050 2.499   3.048   1.00 39.03 ? 250 HOH A O   1 
HETATM 704 O  O   . HOH D 3 .  ? 2.319   -8.381  -5.990  1.00 30.58 ? 251 HOH A O   1 
HETATM 705 O  O   . HOH D 3 .  ? 7.714   2.432   8.665   0.50 44.91 ? 252 HOH A O   1 
HETATM 706 O  O   . HOH D 3 .  ? 5.989   0.996   -13.014 1.00 31.19 ? 253 HOH A O   1 
HETATM 707 O  O   . HOH D 3 .  ? -12.878 -2.978  5.367   1.00 31.07 ? 254 HOH A O   1 
HETATM 708 O  O   . HOH D 3 .  ? 2.222   14.276  -4.957  1.00 36.65 ? 255 HOH A O   1 
HETATM 709 O  O   . HOH D 3 .  ? -5.618  -15.176 1.134   1.00 36.96 ? 256 HOH A O   1 
HETATM 710 O  O   . HOH D 3 .  ? 2.791   8.301   13.888  1.00 48.65 ? 257 HOH A O   1 
HETATM 711 O  O   . HOH D 3 .  ? 6.600   12.375  -8.717  1.00 36.59 ? 258 HOH A O   1 
HETATM 712 O  O   . HOH D 3 .  ? -1.074  -10.276 6.648   1.00 34.73 ? 259 HOH A O   1 
HETATM 713 O  O   . HOH D 3 .  ? 0.531   8.665   8.962   1.00 36.30 ? 260 HOH A O   1 
HETATM 714 O  O   . HOH D 3 .  ? 13.110  -1.702  1.977   1.00 31.80 ? 261 HOH A O   1 
HETATM 715 O  O   . HOH D 3 .  ? -14.496 -5.415  11.816  1.00 40.61 ? 262 HOH A O   1 
HETATM 716 O  O   . HOH D 3 .  ? 9.602   -9.053  -1.309  0.50 49.28 ? 263 HOH A O   1 
HETATM 717 O  O   . HOH D 3 .  ? 2.661   6.056   11.000  1.00 36.04 ? 264 HOH A O   1 
HETATM 718 O  O   . HOH D 3 .  ? 2.623   11.829  2.288   1.00 38.09 ? 265 HOH A O   1 
HETATM 719 O  O   . HOH D 3 .  ? -17.626 -2.681  1.137   1.00 35.37 ? 266 HOH A O   1 
HETATM 720 O  O   . HOH D 3 .  ? 5.116   13.507  4.418   1.00 37.20 ? 267 HOH A O   1 
HETATM 721 O  O   . HOH D 3 .  ? 12.266  -8.519  -1.059  1.00 49.95 ? 268 HOH A O   1 
HETATM 722 O  O   . HOH D 3 .  ? 14.951  -2.912  0.360   1.00 44.67 ? 269 HOH A O   1 
HETATM 723 O  O   . HOH D 3 .  ? -4.921  -10.526 -6.754  1.00 36.23 ? 270 HOH A O   1 
HETATM 724 O  O   . HOH D 3 .  ? -4.205  7.655   -6.381  1.00 36.05 ? 271 HOH A O   1 
HETATM 725 O  O   . HOH D 3 .  ? -2.013  -11.956 4.491   1.00 30.86 ? 272 HOH A O   1 
HETATM 726 O  O   . HOH D 3 .  ? -4.048  0.655   -10.186 0.50 34.46 ? 273 HOH A O   1 
HETATM 727 O  O   . HOH D 3 .  ? -6.461  6.859   15.800  0.50 42.94 ? 274 HOH A O   1 
HETATM 728 O  O   . HOH D 3 .  ? 14.538  7.726   -10.623 1.00 33.72 ? 275 HOH A O   1 
HETATM 729 O  O   . HOH D 3 .  ? 0.551   12.367  -1.338  1.00 35.84 ? 276 HOH A O   1 
HETATM 730 O  O   . HOH D 3 .  ? -0.818  -14.022 3.227   1.00 44.75 ? 277 HOH A O   1 
HETATM 731 O  O   . HOH D 3 .  ? 5.152   -3.820  8.207   1.00 28.90 ? 278 HOH A O   1 
HETATM 732 O  O   . HOH D 3 .  ? 15.372  -4.475  -1.564  0.50 30.60 ? 279 HOH A O   1 
HETATM 733 O  O   . HOH D 3 .  ? -0.060  -1.691  -10.960 1.00 36.37 ? 280 HOH A O   1 
HETATM 734 O  O   . HOH D 3 .  ? 2.976   -2.342  9.196   1.00 37.13 ? 281 HOH A O   1 
HETATM 735 O  O   . HOH D 3 .  ? 0.959   -11.383 8.827   1.00 43.57 ? 282 HOH A O   1 
HETATM 736 O  O   . HOH D 3 .  ? -9.424  3.892   6.412   1.00 42.07 ? 283 HOH A O   1 
HETATM 737 O  O   . HOH D 3 .  ? -7.930  -4.417  -8.676  1.00 40.83 ? 284 HOH A O   1 
HETATM 738 O  O   . HOH D 3 .  ? 3.611   -1.943  -12.984 0.50 40.40 ? 285 HOH A O   1 
HETATM 739 O  O   . HOH D 3 .  ? 12.336  12.838  -6.079  1.00 38.31 ? 286 HOH A O   1 
HETATM 740 O  O   . HOH D 3 .  ? -7.661  8.320   11.991  0.50 42.14 ? 287 HOH A O   1 
HETATM 741 O  O   . HOH D 3 .  ? -10.129 3.094   9.150   1.00 38.90 ? 288 HOH A O   1 
HETATM 742 O  O   . HOH D 3 .  ? 4.761   4.033   -12.549 1.00 32.28 ? 289 HOH A O   1 
HETATM 743 O  O   . HOH D 3 .  ? 7.232   -1.381  -14.664 1.00 45.24 ? 290 HOH A O   1 
HETATM 744 O  O   . HOH D 3 .  ? -0.379  13.940  -6.211  1.00 38.17 ? 291 HOH A O   1 
HETATM 745 O  O   . HOH D 3 .  ? 8.474   -10.141 2.522   0.50 40.56 ? 292 HOH A O   1 
HETATM 746 O  O   . HOH D 3 .  ? -12.004 1.375   1.170   1.00 35.51 ? 293 HOH A O   1 
HETATM 747 O  O   . HOH D 3 .  ? -7.712  -11.120 12.679  1.00 42.32 ? 294 HOH A O   1 
HETATM 748 O  O   . HOH D 3 .  ? -9.581  0.095   13.042  1.00 46.35 ? 295 HOH A O   1 
HETATM 749 O  O   . HOH D 3 .  ? -3.729  -14.569 -2.230  1.00 47.19 ? 296 HOH A O   1 
HETATM 750 O  O   . HOH D 3 .  ? 4.735   2.253   -14.904 0.50 39.23 ? 297 HOH A O   1 
HETATM 751 O  O   . HOH D 3 .  ? -0.219  2.510   -10.977 1.00 36.60 ? 298 HOH A O   1 
HETATM 752 O  O   . HOH D 3 .  ? 2.963   10.778  9.290   0.50 38.96 ? 299 HOH A O   1 
HETATM 753 O  O   . HOH D 3 .  ? 1.610   14.687  -0.946  0.50 32.65 ? 300 HOH A O   1 
HETATM 754 O  O   . HOH D 3 .  ? -2.245  -4.502  -10.847 0.50 37.37 ? 301 HOH A O   1 
HETATM 755 O  O   . HOH D 3 .  ? 10.575  0.204   -11.956 1.00 39.31 ? 302 HOH A O   1 
HETATM 756 O  O   . HOH D 3 .  ? -8.253  8.184   -2.793  0.50 38.52 ? 303 HOH A O   1 
HETATM 757 O  O   . HOH D 3 .  ? 1.912   0.986   -14.284 1.00 39.06 ? 304 HOH A O   1 
HETATM 758 O  O   . HOH D 3 .  ? -2.439  12.798  -5.270  0.50 30.62 ? 305 HOH A O   1 
HETATM 759 O  O   . HOH D 3 .  ? 13.837  -5.894  2.056   0.50 44.34 ? 306 HOH A O   1 
HETATM 760 O  O   . HOH D 3 .  ? -8.363  -12.253 8.254   1.00 43.61 ? 307 HOH A O   1 
HETATM 761 O  O   . HOH D 3 .  ? 1.608   -13.583 9.478   0.50 41.74 ? 308 HOH A O   1 
HETATM 762 O  O   . HOH D 3 .  ? 10.531  12.570  -10.596 0.50 39.42 ? 309 HOH A O   1 
HETATM 763 O  O   . HOH D 3 .  ? -1.447  9.354   -9.342  0.50 36.45 ? 310 HOH A O   1 
HETATM 764 O  O   . HOH D 3 .  ? 10.046  -3.361  6.845   0.50 44.08 ? 311 HOH A O   1 
HETATM 765 O  O   . HOH D 3 .  ? -15.234 -12.198 -2.039  0.50 30.69 ? 312 HOH A O   1 
HETATM 766 O  O   . HOH D 3 .  ? -8.788  10.546  8.096   1.00 43.86 ? 313 HOH A O   1 
HETATM 767 O  O   . HOH D 3 .  ? -7.513  11.853  10.942  0.50 40.11 ? 314 HOH A O   1 
HETATM 768 O  O   . HOH D 3 .  ? 1.599   -7.386  7.611   0.50 40.77 ? 315 HOH A O   1 
HETATM 769 O  O   . HOH D 3 .  ? 6.943   -12.586 7.285   1.00 41.23 ? 316 HOH A O   1 
HETATM 770 O  O   . HOH D 3 .  ? -2.924  -6.573  10.033  1.00 41.37 ? 317 HOH A O   1 
HETATM 771 O  O   . HOH D 3 .  ? 6.050   -8.659  -7.348  1.00 30.44 ? 318 HOH A O   1 
HETATM 772 O  O   . HOH D 3 .  ? 3.682   14.887  1.810   1.00 51.79 ? 319 HOH A O   1 
HETATM 773 O  O   . HOH D 3 .  ? -1.803  -12.462 10.598  0.50 32.49 ? 320 HOH A O   1 
HETATM 774 O  O   . HOH D 3 .  ? 8.860   15.361  -1.120  1.00 42.12 ? 321 HOH A O   1 
HETATM 775 O  O   . HOH D 3 .  ? 9.814   15.451  -4.328  1.00 45.87 ? 322 HOH A O   1 
HETATM 776 O  O   . HOH D 3 .  ? 4.076   17.754  3.141   0.50 35.29 ? 323 HOH A O   1 
HETATM 777 O  O   . HOH D 3 .  ? 8.788   -6.691  -2.745  1.00 39.77 ? 324 HOH A O   1 
HETATM 778 O  O   . HOH D 3 .  ? -7.149  -13.587 12.090  0.50 42.84 ? 325 HOH A O   1 
HETATM 779 O  O   . HOH D 3 .  ? -8.339  8.363   3.718   1.00 46.40 ? 326 HOH A O   1 
HETATM 780 O  O   . HOH D 3 .  ? -11.051 7.351   0.028   1.00 34.32 ? 327 HOH A O   1 
HETATM 781 O  O   . HOH D 3 .  ? -16.242 -9.787  -3.045  0.50 33.02 ? 328 HOH A O   1 
HETATM 782 O  O   . HOH D 3 .  ? 10.104  -12.827 7.115   0.50 34.17 ? 329 HOH A O   1 
HETATM 783 O  O   . HOH D 3 .  ? -3.763  9.894   4.371   0.50 41.44 ? 330 HOH A O   1 
HETATM 784 O  O   . HOH D 3 .  ? -14.390 -7.196  -6.784  0.50 33.41 ? 331 HOH A O   1 
HETATM 785 O  O   . HOH D 3 .  ? -4.614  9.094   -2.180  1.00 48.70 ? 332 HOH A O   1 
HETATM 786 O  O   . HOH D 3 .  ? -3.502  4.383   -10.307 0.50 55.05 ? 333 HOH A O   1 
HETATM 787 O  O   . HOH D 3 .  ? 8.330   14.402  -9.692  0.50 55.68 ? 334 HOH A O   1 
HETATM 788 O  O   . HOH D 3 .  ? -13.248 5.510   0.937   0.50 51.85 ? 335 HOH A O   1 
HETATM 789 O  O   . HOH D 3 .  ? 12.097  7.529   5.660   0.50 55.41 ? 336 HOH A O   1 
HETATM 790 O  O   . HOH D 3 .  ? -4.891  -5.924  -9.206  0.50 55.61 ? 337 HOH A O   1 
HETATM 791 O  O   . HOH D 3 .  ? -16.029 -7.266  -4.818  0.50 55.04 ? 338 HOH A O   1 
HETATM 792 O  O   . HOH D 3 .  ? -1.615  10.555  7.378   1.00 50.56 ? 339 HOH A O   1 
HETATM 793 O  O   . HOH D 3 .  ? 1.836   13.807  1.101   0.50 55.89 ? 340 HOH A O   1 
HETATM 794 O  O   . HOH D 3 .  ? -1.067  -5.166  8.928   0.50 54.95 ? 341 HOH A O   1 
HETATM 795 O  O   . HOH D 3 .  ? 11.268  -6.814  -2.067  1.00 49.91 ? 342 HOH A O   1 
HETATM 796 O  O   . HOH D 3 .  ? 4.948   7.370   -13.603 0.50 52.34 ? 343 HOH A O   1 
# 
loop_
_atom_site_anisotrop.id 
_atom_site_anisotrop.type_symbol 
_atom_site_anisotrop.pdbx_label_atom_id 
_atom_site_anisotrop.pdbx_label_alt_id 
_atom_site_anisotrop.pdbx_label_comp_id 
_atom_site_anisotrop.pdbx_label_asym_id 
_atom_site_anisotrop.pdbx_label_seq_id 
_atom_site_anisotrop.pdbx_PDB_ins_code 
_atom_site_anisotrop.U[1][1] 
_atom_site_anisotrop.U[2][2] 
_atom_site_anisotrop.U[3][3] 
_atom_site_anisotrop.U[1][2] 
_atom_site_anisotrop.U[1][3] 
_atom_site_anisotrop.U[2][3] 
_atom_site_anisotrop.pdbx_auth_seq_id 
_atom_site_anisotrop.pdbx_auth_comp_id 
_atom_site_anisotrop.pdbx_auth_asym_id 
_atom_site_anisotrop.pdbx_auth_atom_id 
1   N  N   A SER A 1  ? 0.1449 0.3083 0.2175 0.0653  0.0193  -0.0254 1   SER A N   
2   N  N   B SER A 1  ? 0.1745 0.2970 0.2102 0.0415  0.0309  -0.0145 1   SER A N   
3   C  CA  A SER A 1  ? 0.1458 0.2940 0.2192 0.0337  0.0122  -0.0094 1   SER A CA  
4   C  CA  B SER A 1  ? 0.1442 0.3264 0.1924 0.0321  0.0054  -0.0006 1   SER A CA  
5   C  C   A SER A 1  ? 0.1637 0.3028 0.2048 0.0196  0.0076  -0.0310 1   SER A C   
6   C  C   B SER A 1  ? 0.1591 0.2828 0.2252 0.0335  0.0137  -0.0328 1   SER A C   
7   O  O   A SER A 1  ? 0.1948 0.2909 0.2082 0.0536  -0.0103 -0.0354 1   SER A O   
8   O  O   B SER A 1  ? 0.1653 0.3664 0.1894 0.0408  -0.0070 -0.0290 1   SER A O   
9   C  CB  A SER A 1  ? 0.1853 0.2692 0.2184 0.0572  0.0045  -0.0347 1   SER A CB  
10  C  CB  B SER A 1  ? 0.1989 0.3191 0.2160 0.0613  -0.0058 0.0002  1   SER A CB  
11  O  OG  A SER A 1  ? 0.1752 0.3013 0.2087 0.0338  -0.0175 -0.0194 1   SER A OG  
12  O  OG  B SER A 1  ? 0.2431 0.3373 0.1819 0.0625  -0.0657 -0.0283 1   SER A OG  
13  N  N   . LEU A 2  ? 0.1394 0.2778 0.2233 0.0364  0.0029  -0.0326 2   LEU A N   
14  C  CA  . LEU A 2  ? 0.1557 0.2861 0.2216 0.0237  0.0077  -0.0500 2   LEU A CA  
15  C  C   . LEU A 2  ? 0.1461 0.2744 0.2413 0.0251  0.0092  -0.0564 2   LEU A C   
16  O  O   . LEU A 2  ? 0.1569 0.2951 0.2606 0.0286  -0.0059 -0.0428 2   LEU A O   
17  C  CB  . LEU A 2  ? 0.1503 0.2935 0.2212 0.0319  0.0347  0.0053  2   LEU A CB  
18  C  CG  . LEU A 2  ? 0.1523 0.2999 0.1851 0.0361  0.0253  0.0038  2   LEU A CG  
19  C  CD1 . LEU A 2  ? 0.1427 0.2689 0.2146 0.0125  0.0099  -0.0591 2   LEU A CD1 
20  C  CD2 . LEU A 2  ? 0.2330 0.3258 0.1769 0.0420  0.0112  -0.0189 2   LEU A CD2 
21  N  N   . LYS A 3  ? 0.1719 0.3016 0.2404 -0.0067 0.0029  -0.0591 3   LYS A N   
22  C  CA  . LYS A 3  ? 0.1924 0.2882 0.2733 0.0038  0.0450  -0.0680 3   LYS A CA  
23  C  C   . LYS A 3  ? 0.1918 0.3518 0.2164 0.0257  0.0407  -0.0216 3   LYS A C   
24  O  O   . LYS A 3  ? 0.1939 0.3663 0.2415 -0.0056 0.0235  0.0203  3   LYS A O   
25  C  CB  . LYS A 3  ? 0.2082 0.3227 0.3161 0.0334  0.0332  -0.0935 3   LYS A CB  
26  C  CG  . LYS A 3  ? 0.2777 0.4091 0.2488 0.0196  0.0558  -0.1132 3   LYS A CG  
27  C  CD  . LYS A 3  ? 0.4992 0.3944 0.3380 -0.0292 0.1202  -0.1534 3   LYS A CD  
28  C  CE  . LYS A 3  ? 0.5857 0.4455 0.3792 -0.1255 0.1082  -0.1709 3   LYS A CE  
29  N  NZ  . LYS A 3  ? 0.9713 0.5753 0.7315 -0.1420 0.1312  -0.4219 3   LYS A NZ  
30  N  N   . ILE A 4  ? 0.1893 0.2792 0.2431 0.0064  0.0057  -0.0239 4   ILE A N   
31  C  CA  . ILE A 4  ? 0.1863 0.2573 0.2170 0.0088  -0.0129 -0.0069 4   ILE A CA  
32  C  C   . ILE A 4  ? 0.2141 0.2782 0.2825 -0.0018 0.0101  -0.0547 4   ILE A C   
33  O  O   . ILE A 4  ? 0.2040 0.2765 0.3955 0.0193  0.0403  -0.0828 4   ILE A O   
34  C  CB  . ILE A 4  ? 0.1853 0.2553 0.2143 -0.0082 -0.0180 -0.0036 4   ILE A CB  
35  C  CG1 . ILE A 4  ? 0.2393 0.2582 0.2263 -0.0167 -0.0234 -0.0144 4   ILE A CG1 
36  C  CG2 . ILE A 4  ? 0.1844 0.2567 0.2564 0.0022  0.0116  -0.0155 4   ILE A CG2 
37  C  CD1 . ILE A 4  ? 0.1997 0.3009 0.2278 0.0071  -0.0082 -0.0348 4   ILE A CD1 
38  N  N   . THR A 5  ? 0.2308 0.3201 0.2737 -0.0260 0.0114  -0.0705 5   THR A N   
39  C  CA  . THR A 5  ? 0.2771 0.3348 0.2776 -0.0373 0.0202  -0.0946 5   THR A CA  
40  C  C   . THR A 5  ? 0.2645 0.3100 0.3061 -0.0230 0.0100  -0.0639 5   THR A C   
41  O  O   . THR A 5  ? 0.2175 0.3515 0.2964 -0.0211 0.0090  -0.0600 5   THR A O   
42  C  CB  . THR A 5  ? 0.2454 0.2976 0.2784 -0.0047 0.0320  -0.1004 5   THR A CB  
43  O  OG1 . THR A 5  ? 0.2453 0.4089 0.3413 -0.0068 0.0353  -0.1724 5   THR A OG1 
44  C  CG2 . THR A 5  ? 0.3275 0.3036 0.2876 -0.0466 0.0144  -0.0945 5   THR A CG2 
45  N  N   . ASP A 6  ? 0.2648 0.3184 0.3958 -0.0244 0.0073  -0.0863 6   ASP A N   
46  C  CA  . ASP A 6  ? 0.2714 0.3287 0.4746 -0.0519 0.0016  -0.0785 6   ASP A CA  
47  C  C   . ASP A 6  ? 0.2882 0.3625 0.3250 -0.0357 0.0246  -0.0841 6   ASP A C   
48  O  O   . ASP A 6  ? 0.3577 0.3476 0.3864 -0.0760 0.0725  -0.1007 6   ASP A O   
49  C  CB  . ASP A 6  ? 0.4065 0.2872 0.5871 -0.0006 0.0628  -0.0766 6   ASP A CB  
50  C  CG  . ASP A 6  ? 0.4769 0.3323 0.5866 0.0080  -0.0482 -0.0787 6   ASP A CG  
51  O  OD1 . ASP A 6  ? 0.5905 0.4322 0.7901 0.1675  -0.1618 -0.1901 6   ASP A OD1 
52  O  OD2 . ASP A 6  ? 0.7670 0.4701 0.5143 -0.0256 -0.1636 -0.0256 6   ASP A OD2 
53  N  N   . ASP A 7  ? 0.2820 0.3388 0.3379 -0.0223 0.0426  -0.1053 7   ASP A N   
54  C  CA  . ASP A 7  ? 0.2549 0.3426 0.3841 -0.0468 0.0252  -0.1254 7   ASP A CA  
55  C  C   . ASP A 7  ? 0.2021 0.3316 0.3867 -0.0207 0.0095  -0.1183 7   ASP A C   
56  O  O   . ASP A 7  ? 0.2097 0.3348 0.3745 -0.0204 0.0265  -0.0792 7   ASP A O   
57  C  CB  . ASP A 7  ? 0.2163 0.4162 0.3850 -0.0443 0.0235  -0.0971 7   ASP A CB  
58  C  CG  . ASP A 7  ? 0.4254 0.4122 0.3798 -0.0325 0.0182  -0.0910 7   ASP A CG  
59  O  OD1 . ASP A 7  ? 0.5485 0.4251 0.4390 -0.0977 -0.1151 -0.0731 7   ASP A OD1 
60  O  OD2 . ASP A 7  ? 0.9226 0.6425 0.3493 -0.2091 0.0008  -0.0543 7   ASP A OD2 
61  N  N   . CYS A 8  ? 0.2041 0.3507 0.3492 -0.0702 0.0306  -0.0880 8   CYS A N   
62  C  CA  . CYS A 8  ? 0.1652 0.3441 0.3381 -0.0453 0.0354  -0.0736 8   CYS A CA  
63  C  C   . CYS A 8  ? 0.1466 0.3451 0.3339 -0.0105 0.0119  -0.0205 8   CYS A C   
64  O  O   . CYS A 8  ? 0.2550 0.3245 0.3469 -0.0363 0.0518  -0.0659 8   CYS A O   
65  C  CB  . CYS A 8  ? 0.1597 0.3371 0.2942 -0.0184 0.0444  -0.0589 8   CYS A CB  
66  S  SG  . CYS A 8  ? 0.2124 0.3013 0.2953 -0.0045 0.0242  -0.0418 8   CYS A SG  
67  N  N   . ILE A 9  ? 0.2497 0.3284 0.2340 -0.0336 0.0331  -0.0545 9   ILE A N   
68  C  CA  . ILE A 9  ? 0.2146 0.3638 0.2584 -0.0165 0.0222  -0.0277 9   ILE A CA  
69  C  C   . ILE A 9  ? 0.2149 0.3162 0.2370 0.0079  0.0038  0.0182  9   ILE A C   
70  O  O   . ILE A 9  ? 0.2636 0.3516 0.2593 -0.0056 0.0285  0.0103  9   ILE A O   
71  C  CB  . ILE A 9  ? 0.2185 0.3761 0.2617 -0.0406 -0.0272 -0.0277 9   ILE A CB  
72  C  CG1 . ILE A 9  ? 0.1530 0.3772 0.3348 -0.0285 0.0081  -0.0470 9   ILE A CG1 
73  C  CG2 . ILE A 9  ? 0.2207 0.4800 0.2697 -0.0967 0.0158  -0.0831 9   ILE A CG2 
74  C  CD1 . ILE A 9  ? 0.1422 0.4360 0.3673 -0.0450 0.0328  -0.1093 9   ILE A CD1 
75  N  N   . ASN A 10 ? 0.2118 0.3175 0.2943 0.0289  0.0003  -0.0496 10  ASN A N   
76  C  CA  . ASN A 10 ? 0.1943 0.3141 0.2994 0.0482  -0.0070 -0.0368 10  ASN A CA  
77  C  C   . ASN A 10 ? 0.2246 0.2716 0.2731 0.0058  0.0549  -0.0126 10  ASN A C   
78  O  O   . ASN A 10 ? 0.2613 0.3490 0.2805 -0.0051 0.0609  0.0134  10  ASN A O   
79  C  CB  . ASN A 10 ? 0.2235 0.3302 0.3306 0.0841  0.0160  -0.0150 10  ASN A CB  
80  C  CG  . ASN A 10 ? 0.1968 0.2765 0.3365 0.0198  0.0219  -0.0434 10  ASN A CG  
81  O  OD1 . ASN A 10 ? 0.1925 0.3419 0.4737 0.0105  0.0522  -0.0160 10  ASN A OD1 
82  N  ND2 . ASN A 10 ? 0.3759 0.2883 0.3239 -0.0557 0.0433  -0.0369 10  ASN A ND2 
83  N  N   . CYS A 11 ? 0.2193 0.2757 0.2848 0.0128  0.0744  -0.0049 11  CYS A N   
84  C  CA  . CYS A 11 ? 0.2366 0.2796 0.2643 0.0219  0.0474  -0.0101 11  CYS A CA  
85  C  C   . CYS A 11 ? 0.2368 0.2985 0.2810 0.0131  0.0540  -0.0216 11  CYS A C   
86  O  O   . CYS A 11 ? 0.2248 0.3155 0.2536 0.0231  0.0277  -0.0207 11  CYS A O   
87  C  CB  . CYS A 11 ? 0.2374 0.3042 0.2731 0.0261  0.0522  0.0036  11  CYS A CB  
88  S  SG  . CYS A 11 ? 0.2079 0.2937 0.2601 0.0101  0.0190  -0.0055 11  CYS A SG  
89  N  N   . ASP A 12 ? 0.2299 0.3310 0.2417 0.0148  0.0298  -0.0162 12  ASP A N   
90  C  CA  . ASP A 12 ? 0.2487 0.3142 0.2424 0.0290  0.0095  -0.0217 12  ASP A CA  
91  C  C   . ASP A 12 ? 0.2626 0.3098 0.2284 0.0332  0.0014  -0.0267 12  ASP A C   
92  O  O   . ASP A 12 ? 0.2616 0.3097 0.3209 0.0381  -0.0375 -0.0274 12  ASP A O   
93  C  CB  . ASP A 12 ? 0.2508 0.3081 0.2420 0.0231  0.0231  -0.0180 12  ASP A CB  
94  C  CG  . ASP A 12 ? 0.2649 0.4225 0.2620 0.0100  0.0276  -0.1024 12  ASP A CG  
95  O  OD1 . ASP A 12 ? 0.4733 0.3480 0.2455 0.0059  -0.0511 -0.0494 12  ASP A OD1 
96  O  OD2 . ASP A 12 ? 0.2444 0.5605 0.2511 0.0407  0.0479  -0.0223 12  ASP A OD2 
97  N  N   . VAL A 13 ? 0.2433 0.3341 0.2194 0.0033  0.0110  0.0033  13  VAL A N   
98  C  CA  . VAL A 13 ? 0.2209 0.3400 0.2764 0.0263  0.0390  0.0356  13  VAL A CA  
99  C  C   . VAL A 13 ? 0.1942 0.2746 0.2992 0.0339  0.0349  -0.0288 13  VAL A C   
100 O  O   . VAL A 13 ? 0.2417 0.2825 0.2777 0.0131  -0.0002 -0.0378 13  VAL A O   
101 C  CB  . VAL A 13 ? 0.2025 0.3677 0.4318 -0.0036 -0.0561 0.0342  13  VAL A CB  
102 C  CG1 . VAL A 13 ? 0.2959 0.7489 0.4082 0.2123  -0.1341 -0.0592 13  VAL A CG1 
103 C  CG2 . VAL A 13 ? 0.1537 0.3247 0.4597 -0.0061 -0.0458 0.0335  13  VAL A CG2 
104 N  N   . CYS A 14 ? 0.1922 0.2802 0.2942 0.0329  0.0341  -0.0276 14  CYS A N   
105 C  CA  . CYS A 14 ? 0.1985 0.2783 0.2292 0.0189  0.0121  -0.0256 14  CYS A CA  
106 C  C   . CYS A 14 ? 0.1992 0.2267 0.2464 0.0357  0.0029  -0.0253 14  CYS A C   
107 O  O   . CYS A 14 ? 0.2093 0.2628 0.2703 0.0066  0.0439  -0.0634 14  CYS A O   
108 C  CB  . CYS A 14 ? 0.1968 0.2556 0.2591 0.0049  0.0175  -0.0418 14  CYS A CB  
109 S  SG  . CYS A 14 ? 0.1892 0.2789 0.2457 0.0214  -0.0053 -0.0343 14  CYS A SG  
110 N  N   . GLU A 15 ? 0.2345 0.2812 0.2513 0.0384  -0.0126 -0.0112 15  GLU A N   
111 C  CA  . GLU A 15 ? 0.2270 0.2704 0.2158 0.0330  0.0058  -0.0163 15  GLU A CA  
112 C  C   . GLU A 15 ? 0.2472 0.2838 0.2215 0.0069  0.0491  -0.0354 15  GLU A C   
113 O  O   . GLU A 15 ? 0.2167 0.2811 0.2641 0.0403  0.0107  -0.0353 15  GLU A O   
114 C  CB  . GLU A 15 ? 0.2710 0.2881 0.2567 0.0442  -0.0049 0.0147  15  GLU A CB  
115 C  CG  . GLU A 15 ? 0.2733 0.2868 0.2833 0.0231  -0.0178 0.0385  15  GLU A CG  
116 C  CD  . GLU A 15 ? 0.2634 0.4634 0.2979 0.0441  -0.0111 -0.0484 15  GLU A CD  
117 O  OE1 . GLU A 15 ? 0.3646 0.4005 0.3831 0.0772  -0.0082 -0.0494 15  GLU A OE1 
118 O  OE2 . GLU A 15 ? 0.2751 0.5937 0.3234 -0.0027 -0.0287 -0.0408 15  GLU A OE2 
119 N  N   . PRO A 16 ? 0.2280 0.3080 0.2627 0.0054  0.0360  -0.0692 16  PRO A N   
120 C  CA  . PRO A 16 ? 0.2560 0.2996 0.2639 0.0077  0.0371  -0.0663 16  PRO A CA  
121 C  C   . PRO A 16 ? 0.2137 0.2927 0.2819 0.0452  0.0293  -0.0566 16  PRO A C   
122 O  O   . PRO A 16 ? 0.2496 0.2912 0.3018 0.0308  0.0258  -0.0449 16  PRO A O   
123 C  CB  . PRO A 16 ? 0.3430 0.3279 0.3751 -0.0203 0.1392  -0.1059 16  PRO A CB  
124 C  CG  . PRO A 16 ? 0.3149 0.3245 0.3685 -0.0157 0.1293  -0.1150 16  PRO A CG  
125 C  CD  . PRO A 16 ? 0.2417 0.3433 0.2811 -0.0085 0.0523  -0.0768 16  PRO A CD  
126 N  N   . GLU A 17 ? 0.1824 0.3163 0.2839 0.0434  0.0171  -0.0352 17  GLU A N   
127 C  CA  . GLU A 17 ? 0.1804 0.2769 0.3018 0.0306  -0.0085 -0.0401 17  GLU A CA  
128 C  C   . GLU A 17 ? 0.1905 0.2718 0.2648 0.0329  -0.0052 -0.0331 17  GLU A C   
129 O  O   . GLU A 17 ? 0.2175 0.2824 0.3117 0.0204  0.0009  -0.0180 17  GLU A O   
130 C  CB  . GLU A 17 ? 0.1892 0.2707 0.3081 0.0578  -0.0202 -0.0580 17  GLU A CB  
131 C  CG  . GLU A 17 ? 0.1863 0.2787 0.3692 0.0180  -0.0201 -0.0771 17  GLU A CG  
132 C  CD  . GLU A 17 ? 0.1557 0.2723 0.3843 0.0343  0.0069  -0.0518 17  GLU A CD  
133 O  OE1 . GLU A 17 ? 0.4236 0.2738 0.4817 0.0574  0.1312  -0.0072 17  GLU A OE1 
134 O  OE2 . GLU A 17 ? 0.2551 0.3311 0.4521 -0.0231 0.0885  -0.1086 17  GLU A OE2 
135 N  N   . CYS A 18 ? 0.1768 0.2690 0.2204 0.0293  -0.0303 -0.0627 18  CYS A N   
136 C  CA  . CYS A 18 ? 0.1914 0.2682 0.1965 0.0365  -0.0220 -0.0323 18  CYS A CA  
137 C  C   . CYS A 18 ? 0.1774 0.2675 0.1976 0.0385  -0.0239 -0.0203 18  CYS A C   
138 O  O   . CYS A 18 ? 0.1818 0.3054 0.1969 0.0198  -0.0202 -0.0266 18  CYS A O   
139 C  CB  . CYS A 18 ? 0.2121 0.2660 0.2040 0.0383  0.0083  -0.0262 18  CYS A CB  
140 S  SG  . CYS A 18 ? 0.1803 0.2747 0.2008 0.0278  -0.0225 -0.0306 18  CYS A SG  
141 N  N   . PRO A 19 ? 0.1893 0.2642 0.1972 0.0358  -0.0299 -0.0277 19  PRO A N   
142 C  CA  . PRO A 19 ? 0.2282 0.2464 0.2221 0.0375  -0.0638 -0.0198 19  PRO A CA  
143 C  C   . PRO A 19 ? 0.1979 0.2820 0.1580 0.0271  -0.0306 -0.0322 19  PRO A C   
144 O  O   . PRO A 19 ? 0.2056 0.2924 0.2308 -0.0115 -0.0483 -0.0453 19  PRO A O   
145 C  CB  . PRO A 19 ? 0.2368 0.2637 0.2172 0.0194  -0.0547 -0.0185 19  PRO A CB  
146 C  CG  . PRO A 19 ? 0.2361 0.2391 0.2222 0.0177  -0.0287 -0.0199 19  PRO A CG  
147 C  CD  . PRO A 19 ? 0.2022 0.2600 0.2025 0.0255  -0.0398 -0.0123 19  PRO A CD  
148 N  N   . ASN A 20 ? 0.1953 0.2806 0.1919 0.0299  -0.0194 -0.0378 20  ASN A N   
149 C  CA  . ASN A 20 ? 0.1981 0.2892 0.2064 0.0299  -0.0151 -0.0179 20  ASN A CA  
150 C  C   . ASN A 20 ? 0.1967 0.2893 0.2144 0.0274  -0.0199 -0.0156 20  ASN A C   
151 O  O   . ASN A 20 ? 0.2163 0.3104 0.2275 0.0427  -0.0456 -0.0185 20  ASN A O   
152 C  CB  . ASN A 20 ? 0.1896 0.3052 0.2225 0.0319  -0.0014 -0.0115 20  ASN A CB  
153 C  CG  . ASN A 20 ? 0.1990 0.2990 0.1931 0.0161  -0.0393 -0.0212 20  ASN A CG  
154 O  OD1 . ASN A 20 ? 0.2675 0.3802 0.1720 0.0003  -0.0221 -0.0362 20  ASN A OD1 
155 N  ND2 . ASN A 20 ? 0.1645 0.3015 0.2161 0.0260  -0.0418 -0.0346 20  ASN A ND2 
156 N  N   . GLY A 21 ? 0.2035 0.3023 0.2137 -0.0148 -0.0425 -0.0189 21  GLY A N   
157 C  CA  . GLY A 21 ? 0.2424 0.3013 0.2053 0.0091  -0.0099 -0.0214 21  GLY A CA  
158 C  C   . GLY A 21 ? 0.2205 0.3074 0.2034 0.0576  -0.0343 -0.0123 21  GLY A C   
159 O  O   . GLY A 21 ? 0.2554 0.3137 0.2067 0.0464  -0.0091 0.0220  21  GLY A O   
160 N  N   . ALA A 22 ? 0.1837 0.2781 0.1932 0.0340  -0.0211 -0.0081 22  ALA A N   
161 C  CA  . ALA A 22 ? 0.1677 0.2697 0.1994 0.0386  0.0091  0.0058  22  ALA A CA  
162 C  C   . ALA A 22 ? 0.1653 0.2574 0.2104 0.0421  -0.0207 0.0125  22  ALA A C   
163 O  O   . ALA A 22 ? 0.2133 0.2738 0.2473 0.0452  -0.0232 -0.0220 22  ALA A O   
164 C  CB  . ALA A 22 ? 0.2012 0.2326 0.1954 0.0212  -0.0272 -0.0088 22  ALA A CB  
165 N  N   . ILE A 23 ? 0.1593 0.2721 0.1981 0.0204  -0.0251 -0.0004 23  ILE A N   
166 C  CA  . ILE A 23 ? 0.1712 0.2642 0.2256 0.0311  -0.0022 0.0127  23  ILE A CA  
167 C  C   . ILE A 23 ? 0.1937 0.2996 0.2171 0.0110  -0.0060 0.0118  23  ILE A C   
168 O  O   . ILE A 23 ? 0.2253 0.3464 0.2298 0.0160  -0.0067 -0.0151 23  ILE A O   
169 C  CB  . ILE A 23 ? 0.1547 0.2824 0.2436 0.0193  -0.0065 -0.0009 23  ILE A CB  
170 C  CG1 . ILE A 23 ? 0.1634 0.2709 0.2700 -0.0151 -0.0375 0.0392  23  ILE A CG1 
171 C  CG2 . ILE A 23 ? 0.1856 0.2948 0.2260 -0.0026 -0.0122 0.0119  23  ILE A CG2 
172 C  CD1 . ILE A 23 ? 0.1642 0.3824 0.3080 0.0302  -0.0005 0.0767  23  ILE A CD1 
173 N  N   . SER A 24 ? 0.2348 0.2896 0.2306 0.0617  -0.0198 0.0388  24  SER A N   
174 C  CA  . SER A 24 ? 0.2708 0.3194 0.2165 0.0280  -0.0507 0.0398  24  SER A CA  
175 C  C   . SER A 24 ? 0.3427 0.2421 0.3080 0.0482  0.0069  0.0159  24  SER A C   
176 O  O   . SER A 24 ? 0.2785 0.3039 0.3260 -0.0257 0.0583  -0.0243 24  SER A O   
177 C  CB  . SER A 24 ? 0.2914 0.4628 0.2041 0.1215  -0.0260 0.0359  24  SER A CB  
178 O  OG  . SER A 24 ? 0.3088 0.3506 0.3089 0.0635  -0.0055 0.0350  24  SER A OG  
179 N  N   . GLN A 25 ? 0.2940 0.3049 0.3016 0.0110  -0.0099 0.0023  25  GLN A N   
180 C  CA  . GLN A 25 ? 0.2695 0.3003 0.3476 0.0229  0.0030  -0.0009 25  GLN A CA  
181 C  C   . GLN A 25 ? 0.3338 0.2995 0.2564 0.0506  -0.0434 0.0289  25  GLN A C   
182 O  O   . GLN A 25 ? 0.3507 0.4323 0.3470 0.0489  -0.0971 0.0553  25  GLN A O   
183 C  CB  . GLN A 25 ? 0.3349 0.3130 0.3497 0.0211  0.0298  0.0368  25  GLN A CB  
184 C  CG  . GLN A 25 ? 0.3467 0.3368 0.4558 -0.0050 0.0427  0.0534  25  GLN A CG  
185 C  CD  . GLN A 25 ? 0.4547 0.4362 0.4254 -0.1062 0.0898  -0.0238 25  GLN A CD  
186 O  OE1 . GLN A 25 ? 0.5792 0.5074 0.4018 -0.0709 0.0347  -0.0255 25  GLN A OE1 
187 N  NE2 . GLN A 25 ? 0.4411 0.5675 0.4653 -0.1512 0.0996  -0.0250 25  GLN A NE2 
188 N  N   . GLY A 26 ? 0.3401 0.3095 0.3073 0.0015  0.0161  -0.0122 26  GLY A N   
189 C  CA  . GLY A 26 ? 0.3411 0.3134 0.3491 0.0102  -0.0061 -0.0187 26  GLY A CA  
190 C  C   . GLY A 26 ? 0.3929 0.3156 0.4441 -0.0036 -0.0020 0.0056  26  GLY A C   
191 O  O   . GLY A 26 ? 0.3720 0.2815 0.4564 -0.0075 -0.0050 0.0496  26  GLY A O   
192 N  N   . GLU A 27 ? 0.3766 0.3190 0.5308 0.0007  -0.0063 0.0140  27  GLU A N   
193 C  CA  . GLU A 27 ? 0.3930 0.3177 0.5658 0.0078  0.0420  0.0157  27  GLU A CA  
194 C  C   . GLU A 27 ? 0.3736 0.3433 0.5102 -0.0080 0.0801  0.0370  27  GLU A C   
195 O  O   . GLU A 27 ? 0.4212 0.5977 0.5175 -0.0480 0.1312  0.0309  27  GLU A O   
196 C  CB  . GLU A 27 ? 0.4187 0.3276 0.8052 0.0390  0.0932  0.0464  27  GLU A CB  
197 C  CG  . GLU A 27 ? 0.5650 0.5085 0.8418 0.1621  0.0255  0.1517  27  GLU A CG  
198 C  CD  . GLU A 27 ? 0.5557 0.7632 0.8686 0.0066  0.0440  0.2022  27  GLU A CD  
199 O  OE1 . GLU A 27 ? 0.7102 1.0348 1.1328 -0.2603 0.1032  0.2497  27  GLU A OE1 
200 O  OE2 . GLU A 27 ? 0.7478 1.0051 0.8062 -0.1415 -0.0147 0.0584  27  GLU A OE2 
201 N  N   . GLU A 28 ? 0.4011 0.3197 0.5255 -0.0088 0.0569  0.0441  28  GLU A N   
202 C  CA  . GLU A 28 ? 0.4436 0.2500 0.5664 -0.0104 0.0138  -0.0055 28  GLU A CA  
203 C  C   . GLU A 28 ? 0.3676 0.2458 0.4808 -0.0008 0.0789  -0.0281 28  GLU A C   
204 O  O   . GLU A 28 ? 0.3599 0.3498 0.3941 -0.0266 0.0337  -0.0166 28  GLU A O   
205 C  CB  . GLU A 28 ? 0.5539 0.2384 0.6286 0.0625  -0.0142 -0.0346 28  GLU A CB  
206 C  CG  . GLU A 28 ? 0.7919 0.3321 0.7435 0.2092  0.0092  0.0068  28  GLU A CG  
207 C  CD  . GLU A 28 ? 0.8728 0.4760 0.8700 0.2363  -0.0303 0.2004  28  GLU A CD  
208 O  OE1 . GLU A 28 ? 0.8976 0.8041 1.0570 0.0973  0.0001  0.3809  28  GLU A OE1 
209 O  OE2 . GLU A 28 ? 1.0922 0.7923 1.0531 0.3647  -0.1125 0.3604  28  GLU A OE2 
210 N  N   . ILE A 29 ? 0.3638 0.2436 0.4749 -0.0056 0.0623  -0.0348 29  ILE A N   
211 C  CA  . ILE A 29 ? 0.2835 0.2543 0.3821 -0.0126 0.0597  -0.0481 29  ILE A CA  
212 C  C   . ILE A 29 ? 0.2201 0.2480 0.3143 0.0093  0.0407  0.0050  29  ILE A C   
213 O  O   . ILE A 29 ? 0.1958 0.3128 0.4080 0.0321  0.0503  0.0466  29  ILE A O   
214 C  CB  . ILE A 29 ? 0.2517 0.3173 0.3874 -0.0425 0.0622  -0.0827 29  ILE A CB  
215 C  CG1 . ILE A 29 ? 0.2498 0.3440 0.3791 -0.0180 0.0440  -0.0783 29  ILE A CG1 
216 C  CG2 . ILE A 29 ? 0.2640 0.3541 0.4368 -0.0654 0.0430  -0.0714 29  ILE A CG2 
217 C  CD1 . ILE A 29 ? 0.3307 0.3696 0.3765 0.0434  0.0895  -0.0153 29  ILE A CD1 
218 N  N   . TYR A 30 ? 0.2177 0.2519 0.3480 -0.0070 0.0222  0.0243  30  TYR A N   
219 C  CA  . TYR A 30 ? 0.2218 0.2525 0.3544 -0.0057 0.0508  -0.0202 30  TYR A CA  
220 C  C   . TYR A 30 ? 0.2299 0.2143 0.2997 0.0053  0.0289  0.0328  30  TYR A C   
221 O  O   . TYR A 30 ? 0.2467 0.2459 0.3223 0.0333  0.0198  0.0008  30  TYR A O   
222 C  CB  . TYR A 30 ? 0.2171 0.2529 0.2855 -0.0025 0.0369  0.0283  30  TYR A CB  
223 C  CG  . TYR A 30 ? 0.2323 0.2937 0.2835 0.0579  0.0292  0.0303  30  TYR A CG  
224 C  CD1 . TYR A 30 ? 0.2338 0.3424 0.2546 0.0419  0.0388  0.0202  30  TYR A CD1 
225 C  CD2 . TYR A 30 ? 0.2585 0.3595 0.2673 0.0200  0.0304  0.0115  30  TYR A CD2 
226 C  CE1 . TYR A 30 ? 0.2533 0.3319 0.2715 0.0735  0.0457  0.0072  30  TYR A CE1 
227 C  CE2 . TYR A 30 ? 0.2751 0.4050 0.3532 0.0173  0.1054  -0.0554 30  TYR A CE2 
228 C  CZ  . TYR A 30 ? 0.2633 0.3252 0.3087 0.0734  0.0846  -0.0144 30  TYR A CZ  
229 O  OH  . TYR A 30 ? 0.3454 0.3844 0.2276 0.0530  0.0405  0.0248  30  TYR A OH  
230 N  N   . VAL A 31 ? 0.1919 0.2703 0.3562 0.0325  0.0233  0.0014  31  VAL A N   
231 C  CA  . VAL A 31 ? 0.2085 0.2314 0.3518 0.0457  0.0341  0.0061  31  VAL A CA  
232 C  C   . VAL A 31 ? 0.1852 0.2393 0.2485 0.0473  0.0030  -0.0078 31  VAL A C   
233 O  O   . VAL A 31 ? 0.2003 0.3056 0.2362 0.0209  0.0039  -0.0160 31  VAL A O   
234 C  CB  A VAL A 31 ? 0.2663 0.2910 0.4851 0.1407  0.0800  0.0671  31  VAL A CB  
235 C  CB  B VAL A 31 ? 0.2490 0.2779 0.4491 0.0855  0.0967  0.0895  31  VAL A CB  
236 C  CG1 . VAL A 31 ? 0.2907 0.3762 0.5247 0.1436  0.1497  0.1171  31  VAL A CG1 
237 C  CG2 A VAL A 31 ? 0.3339 0.4514 0.4781 0.1980  0.1300  0.1717  31  VAL A CG2 
238 C  CG2 B VAL A 31 ? 0.2315 0.2591 0.2479 0.0889  -0.0251 0.0195  31  VAL A CG2 
239 N  N   . ILE A 32 ? 0.1786 0.2676 0.2404 0.0262  0.0021  -0.0174 32  ILE A N   
240 C  CA  . ILE A 32 ? 0.1619 0.2546 0.2430 0.0356  -0.0084 -0.0206 32  ILE A CA  
241 C  C   . ILE A 32 ? 0.1634 0.2566 0.2373 0.0437  -0.0195 -0.0167 32  ILE A C   
242 O  O   . ILE A 32 ? 0.1882 0.2715 0.2972 0.0451  0.0160  -0.0346 32  ILE A O   
243 C  CB  . ILE A 32 ? 0.1598 0.2400 0.2901 0.0020  -0.0630 -0.0053 32  ILE A CB  
244 C  CG1 . ILE A 32 ? 0.1966 0.2729 0.2637 0.0393  -0.0292 0.0023  32  ILE A CG1 
245 C  CG2 . ILE A 32 ? 0.2181 0.2390 0.2931 -0.0092 -0.0044 -0.0214 32  ILE A CG2 
246 C  CD1 . ILE A 32 ? 0.1566 0.2979 0.2404 0.0531  -0.0404 -0.0443 32  ILE A CD1 
247 N  N   . ASP A 33 ? 0.1757 0.3042 0.2099 0.0109  -0.0166 0.0018  33  ASP A N   
248 C  CA  . ASP A 33 ? 0.1773 0.2714 0.2270 0.0214  -0.0286 -0.0025 33  ASP A CA  
249 C  C   . ASP A 33 ? 0.1702 0.2624 0.2133 -0.0105 -0.0224 -0.0356 33  ASP A C   
250 O  O   . ASP A 33 ? 0.1980 0.2573 0.2098 0.0383  -0.0056 -0.0192 33  ASP A O   
251 C  CB  . ASP A 33 ? 0.1835 0.3246 0.2258 0.0521  -0.0352 -0.0036 33  ASP A CB  
252 C  CG  . ASP A 33 ? 0.1770 0.3272 0.2401 0.0434  -0.0360 0.0254  33  ASP A CG  
253 O  OD1 . ASP A 33 ? 0.1959 0.3824 0.2617 0.0631  -0.0166 -0.0060 33  ASP A OD1 
254 O  OD2 . ASP A 33 ? 0.2126 0.3728 0.2565 0.0095  -0.0654 0.0380  33  ASP A OD2 
255 N  N   . PRO A 34 ? 0.1848 0.2626 0.2306 0.0380  -0.0120 -0.0280 34  PRO A N   
256 C  CA  . PRO A 34 ? 0.2543 0.2621 0.2101 0.0096  -0.0100 -0.0476 34  PRO A CA  
257 C  C   . PRO A 34 ? 0.2515 0.2873 0.2124 -0.0038 -0.0224 -0.0159 34  PRO A C   
258 O  O   . PRO A 34 ? 0.2319 0.2962 0.2860 0.0057  -0.0200 0.0170  34  PRO A O   
259 C  CB  . PRO A 34 ? 0.2474 0.2960 0.2392 0.0309  0.0077  -0.0594 34  PRO A CB  
260 C  CG  . PRO A 34 ? 0.3190 0.2845 0.3141 0.0586  0.0612  -0.0442 34  PRO A CG  
261 C  CD  . PRO A 34 ? 0.2679 0.2651 0.2839 0.0653  0.0186  -0.0198 34  PRO A CD  
262 N  N   . ASN A 35 ? 0.1834 0.2902 0.2385 0.0372  0.0000  -0.0211 35  ASN A N   
263 C  CA  . ASN A 35 ? 0.1845 0.3302 0.2728 0.0277  -0.0054 -0.0483 35  ASN A CA  
264 C  C   . ASN A 35 ? 0.1652 0.3077 0.2628 0.0111  -0.0152 -0.0303 35  ASN A C   
265 O  O   . ASN A 35 ? 0.1876 0.3170 0.3150 -0.0074 -0.0139 -0.0254 35  ASN A O   
266 C  CB  . ASN A 35 ? 0.1724 0.3423 0.2886 0.0432  -0.0026 -0.0529 35  ASN A CB  
267 C  CG  . ASN A 35 ? 0.2688 0.3819 0.2901 0.0931  0.0130  -0.0533 35  ASN A CG  
268 O  OD1 . ASN A 35 ? 0.2608 0.5287 0.2735 0.1055  0.0108  -0.0606 35  ASN A OD1 
269 N  ND2 . ASN A 35 ? 0.3164 0.3688 0.3492 0.1143  -0.0449 -0.0480 35  ASN A ND2 
270 N  N   . LEU A 36 ? 0.1592 0.2959 0.2717 0.0257  -0.0225 -0.0379 36  LEU A N   
271 C  CA  . LEU A 36 ? 0.1769 0.2673 0.2080 0.0170  -0.0411 -0.0234 36  LEU A CA  
272 C  C   . LEU A 36 ? 0.1657 0.2698 0.2157 0.0144  -0.0375 -0.0226 36  LEU A C   
273 O  O   . LEU A 36 ? 0.1873 0.2691 0.2256 0.0206  -0.0449 -0.0289 36  LEU A O   
274 C  CB  . LEU A 36 ? 0.1960 0.3077 0.2113 0.0099  -0.0384 -0.0126 36  LEU A CB  
275 C  CG  . LEU A 36 ? 0.1961 0.2880 0.2152 0.0056  -0.0406 -0.0093 36  LEU A CG  
276 C  CD1 . LEU A 36 ? 0.1958 0.3350 0.2272 0.0751  -0.0081 0.0144  36  LEU A CD1 
277 C  CD2 . LEU A 36 ? 0.1876 0.2515 0.3316 0.0425  -0.0857 -0.0186 36  LEU A CD2 
278 N  N   . CYS A 37 ? 0.1647 0.2652 0.1864 0.0344  -0.0263 -0.0123 37  CYS A N   
279 C  CA  . CYS A 37 ? 0.1767 0.2309 0.1831 0.0366  -0.0269 -0.0168 37  CYS A CA  
280 C  C   . CYS A 37 ? 0.1764 0.2724 0.2084 0.0526  -0.0108 0.0066  37  CYS A C   
281 O  O   . CYS A 37 ? 0.2060 0.2778 0.2028 0.0155  -0.0008 -0.0176 37  CYS A O   
282 C  CB  . CYS A 37 ? 0.1787 0.2495 0.2066 0.0413  -0.0279 -0.0486 37  CYS A CB  
283 S  SG  . CYS A 37 ? 0.1708 0.2804 0.2000 0.0284  -0.0202 -0.0341 37  CYS A SG  
284 N  N   . THR A 38 ? 0.1546 0.2575 0.2049 0.0184  -0.0161 0.0070  38  THR A N   
285 C  CA  . THR A 38 ? 0.1511 0.2814 0.1971 -0.0129 -0.0222 0.0053  38  THR A CA  
286 C  C   . THR A 38 ? 0.1495 0.2816 0.1937 0.0072  -0.0225 -0.0011 38  THR A C   
287 O  O   . THR A 38 ? 0.1669 0.2625 0.1763 0.0331  0.0051  -0.0217 38  THR A O   
288 C  CB  . THR A 38 ? 0.1329 0.2776 0.2017 -0.0032 -0.0171 0.0039  38  THR A CB  
289 O  OG1 . THR A 38 ? 0.1473 0.3380 0.2256 0.0046  0.0073  -0.0059 38  THR A OG1 
290 C  CG2 . THR A 38 ? 0.1513 0.3493 0.2297 -0.0381 -0.0495 0.0223  38  THR A CG2 
291 N  N   . GLU A 39 ? 0.1540 0.2651 0.1862 0.0048  -0.0225 -0.0426 39  GLU A N   
292 C  CA  . GLU A 39 ? 0.1546 0.2688 0.1712 0.0091  -0.0156 -0.0452 39  GLU A CA  
293 C  C   . GLU A 39 ? 0.1762 0.2670 0.1841 0.0193  -0.0132 -0.0359 39  GLU A C   
294 O  O   . GLU A 39 ? 0.1964 0.2926 0.1990 0.0397  -0.0406 -0.0513 39  GLU A O   
295 C  CB  . GLU A 39 ? 0.1692 0.2457 0.1678 -0.0046 -0.0168 -0.0278 39  GLU A CB  
296 C  CG  . GLU A 39 ? 0.1722 0.2998 0.1822 0.0492  -0.0083 -0.0560 39  GLU A CG  
297 C  CD  . GLU A 39 ? 0.1758 0.2706 0.1796 0.0302  0.0070  -0.0254 39  GLU A CD  
298 O  OE1 . GLU A 39 ? 0.2159 0.2996 0.2012 0.0386  -0.0081 -0.0054 39  GLU A OE1 
299 O  OE2 . GLU A 39 ? 0.1705 0.3080 0.1934 0.0459  0.0054  -0.0508 39  GLU A OE2 
300 N  N   . CYS A 40 ? 0.1608 0.2424 0.1858 0.0152  -0.0135 -0.0330 40  CYS A N   
301 C  CA  . CYS A 40 ? 0.1533 0.2503 0.2324 0.0096  -0.0042 -0.0493 40  CYS A CA  
302 C  C   . CYS A 40 ? 0.1355 0.2438 0.2282 0.0103  -0.0335 -0.0420 40  CYS A C   
303 O  O   . CYS A 40 ? 0.2026 0.2501 0.2326 0.0054  -0.0050 -0.0512 40  CYS A O   
304 C  CB  . CYS A 40 ? 0.1573 0.2686 0.2160 0.0265  0.0109  -0.0122 40  CYS A CB  
305 S  SG  . CYS A 40 ? 0.1683 0.2572 0.1890 0.0167  -0.0066 -0.0322 40  CYS A SG  
306 N  N   . VAL A 41 ? 0.1828 0.2528 0.1924 0.0249  -0.0204 -0.0171 41  VAL A N   
307 C  CA  . VAL A 41 ? 0.2339 0.2460 0.2026 0.0217  -0.0077 -0.0218 41  VAL A CA  
308 C  C   . VAL A 41 ? 0.1467 0.2486 0.2591 0.0363  -0.0011 -0.0256 41  VAL A C   
309 O  O   . VAL A 41 ? 0.1954 0.2956 0.2534 0.0244  -0.0237 -0.0069 41  VAL A O   
310 C  CB  . VAL A 41 ? 0.3742 0.5138 0.2689 -0.2276 0.1028  -0.0890 41  VAL A CB  
311 C  CG1 . VAL A 41 ? 0.2404 0.4102 0.2138 0.1147  -0.0560 -0.0835 41  VAL A CG1 
312 C  CG2 . VAL A 41 ? 0.2199 0.4400 0.2060 0.0939  -0.0017 -0.0784 41  VAL A CG2 
313 N  N   . GLY A 42 ? 0.1992 0.2466 0.2577 -0.0047 -0.0014 -0.0156 42  GLY A N   
314 C  CA  . GLY A 42 ? 0.2039 0.2410 0.2482 -0.0300 -0.0054 0.0073  42  GLY A CA  
315 C  C   . GLY A 42 ? 0.2582 0.2565 0.1842 -0.0135 -0.0126 0.0370  42  GLY A C   
316 O  O   . GLY A 42 ? 0.2774 0.3119 0.2940 -0.0386 0.0270  -0.0437 42  GLY A O   
317 N  N   . HIS A 43 ? 0.2140 0.3040 0.2085 -0.0077 -0.0090 -0.0049 43  HIS A N   
318 C  CA  . HIS A 43 ? 0.2182 0.2009 0.2266 0.0140  -0.0123 -0.0139 43  HIS A CA  
319 C  C   . HIS A 43 ? 0.2380 0.2786 0.2037 0.0392  -0.0182 -0.0178 43  HIS A C   
320 O  O   . HIS A 43 ? 0.2355 0.3171 0.2124 0.0642  -0.0400 -0.0387 43  HIS A O   
321 C  CB  . HIS A 43 ? 0.2477 0.2622 0.1933 -0.0351 -0.0387 0.0068  43  HIS A CB  
322 C  CG  . HIS A 43 ? 0.2430 0.3143 0.1661 -0.0054 -0.0175 -0.0149 43  HIS A CG  
323 N  ND1 . HIS A 43 ? 0.2036 0.3303 0.2036 -0.0148 -0.0277 -0.0471 43  HIS A ND1 
324 C  CD2 . HIS A 43 ? 0.3160 0.2624 0.2155 -0.0014 -0.0802 -0.0099 43  HIS A CD2 
325 C  CE1 . HIS A 43 ? 0.2350 0.2804 0.1780 -0.0275 -0.0309 -0.0352 43  HIS A CE1 
326 N  NE2 . HIS A 43 ? 0.2877 0.2947 0.2059 0.0219  -0.0524 -0.0428 43  HIS A NE2 
327 N  N   . TYR A 44 ? 0.2017 0.2581 0.2312 0.0009  -0.0087 -0.0067 44  TYR A N   
328 C  CA  . TYR A 44 ? 0.1942 0.2907 0.1914 0.0259  0.0131  0.0049  44  TYR A CA  
329 C  C   . TYR A 44 ? 0.2539 0.2405 0.1934 0.0490  0.0132  -0.0022 44  TYR A C   
330 O  O   . TYR A 44 ? 0.2487 0.3449 0.2303 0.0636  -0.0019 -0.0718 44  TYR A O   
331 C  CB  . TYR A 44 ? 0.1911 0.2767 0.1831 0.0102  -0.0091 -0.0225 44  TYR A CB  
332 C  CG  . TYR A 44 ? 0.1797 0.2257 0.1897 0.0056  -0.0032 -0.0144 44  TYR A CG  
333 C  CD1 . TYR A 44 ? 0.2667 0.2524 0.1884 0.0378  -0.0116 -0.0136 44  TYR A CD1 
334 C  CD2 . TYR A 44 ? 0.2503 0.2590 0.1882 0.0418  -0.0390 -0.0682 44  TYR A CD2 
335 C  CE1 . TYR A 44 ? 0.2259 0.2978 0.1935 0.0475  -0.0138 -0.0124 44  TYR A CE1 
336 C  CE2 . TYR A 44 ? 0.3241 0.2735 0.1918 0.0732  -0.0267 -0.0562 44  TYR A CE2 
337 C  CZ  . TYR A 44 ? 0.2737 0.3233 0.1876 0.0697  -0.0257 -0.0442 44  TYR A CZ  
338 O  OH  . TYR A 44 ? 0.2943 0.3970 0.1782 0.0508  -0.0218 -0.0450 44  TYR A OH  
339 N  N   . ASP A 45 ? 0.2802 0.2161 0.1912 0.0348  0.0045  0.0159  45  ASP A N   
340 C  CA  . ASP A 45 ? 0.3492 0.2639 0.1909 0.0145  -0.0010 0.0229  45  ASP A CA  
341 C  C   . ASP A 45 ? 0.2825 0.2793 0.1924 0.0166  -0.0391 0.0164  45  ASP A C   
342 O  O   . ASP A 45 ? 0.2863 0.3176 0.2001 0.0303  -0.0482 -0.0027 45  ASP A O   
343 C  CB  . ASP A 45 ? 0.4378 0.2805 0.2119 0.0362  -0.0631 0.0247  45  ASP A CB  
344 C  CG  . ASP A 45 ? 0.4852 0.2682 0.3613 0.0378  -0.0906 0.0085  45  ASP A CG  
345 O  OD1 . ASP A 45 ? 0.5081 0.3687 0.4849 -0.0429 -0.0711 0.0527  45  ASP A OD1 
346 O  OD2 . ASP A 45 ? 0.6172 0.2938 0.5326 0.1069  -0.0854 0.0103  45  ASP A OD2 
347 N  N   . GLU A 46 ? 0.2818 0.2943 0.2439 0.0033  -0.0236 0.0301  46  GLU A N   
348 C  CA  . GLU A 46 ? 0.4094 0.3207 0.2702 -0.0548 -0.0570 0.0390  46  GLU A CA  
349 C  C   . GLU A 46 ? 0.3034 0.2823 0.2116 0.0016  0.0299  -0.0049 46  GLU A C   
350 O  O   . GLU A 46 ? 0.2699 0.2913 0.2318 0.0089  0.0056  -0.0363 46  GLU A O   
351 C  CB  . GLU A 46 ? 0.4514 0.3258 0.3893 -0.0810 -0.1728 0.0279  46  GLU A CB  
352 C  CG  . GLU A 46 ? 0.5491 0.4383 0.4931 0.0383  -0.1668 0.0924  46  GLU A CG  
353 C  CD  . GLU A 46 ? 0.5513 0.6300 0.5955 0.0833  -0.1988 0.0872  46  GLU A CD  
354 O  OE1 . GLU A 46 ? 0.5324 0.5921 0.5891 0.0281  -0.1555 -0.1491 46  GLU A OE1 
355 O  OE2 . GLU A 46 ? 0.6269 1.1530 0.6795 0.0729  -0.3240 0.0871  46  GLU A OE2 
356 N  N   . PRO A 47 ? 0.2146 0.2950 0.1911 0.0033  -0.0151 -0.0278 47  PRO A N   
357 C  CA  . PRO A 47 ? 0.1864 0.2820 0.1934 0.0209  -0.0136 -0.0289 47  PRO A CA  
358 C  C   . PRO A 47 ? 0.1789 0.3277 0.1951 0.0437  -0.0185 -0.0101 47  PRO A C   
359 O  O   . PRO A 47 ? 0.1720 0.3671 0.2486 0.0723  -0.0336 -0.0111 47  PRO A O   
360 C  CB  . PRO A 47 ? 0.1872 0.2901 0.2020 -0.0054 -0.0136 -0.0423 47  PRO A CB  
361 C  CG  . PRO A 47 ? 0.2348 0.3259 0.2023 0.0291  0.0077  -0.0344 47  PRO A CG  
362 C  CD  . PRO A 47 ? 0.3468 0.3301 0.1892 0.0473  -0.0167 -0.0321 47  PRO A CD  
363 N  N   . GLN A 48 ? 0.2016 0.2871 0.1915 0.0327  -0.0044 -0.0210 48  GLN A N   
364 C  CA  . GLN A 48 ? 0.1925 0.2479 0.2357 0.0269  0.0026  -0.0607 48  GLN A CA  
365 C  C   . GLN A 48 ? 0.1754 0.2690 0.2294 0.0487  0.0118  -0.0265 48  GLN A C   
366 O  O   . GLN A 48 ? 0.1701 0.3130 0.2480 0.0503  0.0150  0.0017  48  GLN A O   
367 C  CB  . GLN A 48 ? 0.2274 0.3439 0.2260 0.0206  -0.0181 -0.0732 48  GLN A CB  
368 C  CG  . GLN A 48 ? 0.3528 0.4040 0.2316 0.0762  0.0160  -0.0759 48  GLN A CG  
369 C  CD  . GLN A 48 ? 0.3738 0.4318 0.3055 0.1157  0.0522  -0.0641 48  GLN A CD  
370 O  OE1 . GLN A 48 ? 0.2952 0.3717 0.3247 0.0622  0.0312  -0.0495 48  GLN A OE1 
371 N  NE2 . GLN A 48 ? 0.4109 0.4313 0.3267 0.0960  0.0146  -0.1204 48  GLN A NE2 
372 N  N   . CYS A 49 ? 0.1613 0.2478 0.2230 0.0276  -0.0122 -0.0490 49  CYS A N   
373 C  CA  . CYS A 49 ? 0.1693 0.2595 0.2233 0.0132  -0.0261 -0.0452 49  CYS A CA  
374 C  C   . CYS A 49 ? 0.1607 0.3073 0.2120 0.0033  -0.0185 -0.0475 49  CYS A C   
375 O  O   . CYS A 49 ? 0.1595 0.3259 0.2539 0.0061  -0.0148 -0.0343 49  CYS A O   
376 C  CB  . CYS A 49 ? 0.1582 0.2450 0.2050 -0.0010 0.0073  -0.0057 49  CYS A CB  
377 S  SG  . CYS A 49 ? 0.1533 0.2996 0.1990 -0.0023 -0.0047 -0.0294 49  CYS A SG  
378 N  N   . GLN A 50 ? 0.1918 0.2837 0.2175 -0.0041 -0.0355 -0.0254 50  GLN A N   
379 C  CA  . GLN A 50 ? 0.1709 0.3135 0.2011 0.0039  -0.0161 -0.0285 50  GLN A CA  
380 C  C   . GLN A 50 ? 0.1731 0.3217 0.2136 -0.0010 -0.0011 -0.0063 50  GLN A C   
381 O  O   . GLN A 50 ? 0.1716 0.4097 0.2671 0.0160  -0.0359 -0.0687 50  GLN A O   
382 C  CB  . GLN A 50 ? 0.2127 0.3134 0.2040 0.0212  -0.0024 -0.0306 50  GLN A CB  
383 C  CG  . GLN A 50 ? 0.2312 0.3576 0.2151 0.0404  0.0111  -0.0392 50  GLN A CG  
384 C  CD  . GLN A 50 ? 0.2135 0.3253 0.2084 0.0208  -0.0089 -0.0313 50  GLN A CD  
385 O  OE1 . GLN A 50 ? 0.2221 0.3273 0.2523 0.0258  -0.0376 -0.0229 50  GLN A OE1 
386 N  NE2 . GLN A 50 ? 0.1489 0.3391 0.2246 0.0241  0.0063  -0.0265 50  GLN A NE2 
387 N  N   . GLN A 51 ? 0.1970 0.3224 0.2178 0.0288  -0.0082 -0.0206 51  GLN A N   
388 C  CA  . GLN A 51 ? 0.1836 0.3507 0.2490 0.0425  -0.0201 0.0075  51  GLN A CA  
389 C  C   . GLN A 51 ? 0.1739 0.3931 0.2868 0.0362  -0.0026 0.0208  51  GLN A C   
390 O  O   . GLN A 51 ? 0.1837 0.4557 0.3231 0.0537  -0.0026 0.0120  51  GLN A O   
391 C  CB  . GLN A 51 ? 0.2067 0.3178 0.3269 0.0693  -0.0286 0.0347  51  GLN A CB  
392 C  CG  . GLN A 51 ? 0.2070 0.3496 0.3787 0.0344  0.0094  0.0177  51  GLN A CG  
393 C  CD  . GLN A 51 ? 0.4517 0.4578 0.3693 0.1371  -0.0368 0.1158  51  GLN A CD  
394 O  OE1 . GLN A 51 ? 0.3389 0.6633 0.4165 0.1334  -0.0616 0.1022  51  GLN A OE1 
395 N  NE2 . GLN A 51 ? 0.4089 0.6909 0.3287 0.0756  0.0065  0.1129  51  GLN A NE2 
396 N  N   . VAL A 52 ? 0.1873 0.3240 0.2952 0.0046  0.0006  0.0154  52  VAL A N   
397 C  CA  . VAL A 52 ? 0.1853 0.3112 0.2565 0.0126  0.0022  -0.0366 52  VAL A CA  
398 C  C   . VAL A 52 ? 0.1714 0.3042 0.2034 0.0200  -0.0014 -0.0198 52  VAL A C   
399 O  O   . VAL A 52 ? 0.1889 0.3298 0.2590 0.0078  0.0316  -0.0356 52  VAL A O   
400 C  CB  . VAL A 52 ? 0.2048 0.3104 0.2798 0.0491  -0.0233 -0.0729 52  VAL A CB  
401 C  CG1 . VAL A 52 ? 0.2931 0.2943 0.2901 0.0601  -0.0510 -0.0536 52  VAL A CG1 
402 C  CG2 . VAL A 52 ? 0.1574 0.2548 0.3506 -0.0124 -0.0216 -0.0367 52  VAL A CG2 
403 N  N   . CYS A 53 ? 0.1762 0.3049 0.2107 0.0199  -0.0055 -0.0265 53  CYS A N   
404 C  CA  . CYS A 53 ? 0.1485 0.2970 0.2559 0.0308  0.0001  -0.0099 53  CYS A CA  
405 C  C   . CYS A 53 ? 0.1628 0.3386 0.2331 0.0023  0.0037  -0.0168 53  CYS A C   
406 O  O   . CYS A 53 ? 0.1629 0.3591 0.2547 0.0228  -0.0103 -0.0129 53  CYS A O   
407 C  CB  . CYS A 53 ? 0.1781 0.2927 0.2414 0.0334  0.0118  -0.0020 53  CYS A CB  
408 S  SG  . CYS A 53 ? 0.1824 0.3046 0.2649 0.0130  -0.0119 -0.0484 53  CYS A SG  
409 N  N   . PRO A 54 ? 0.1398 0.3763 0.2793 0.0227  0.0266  -0.0033 54  PRO A N   
410 C  CA  . PRO A 54 ? 0.1397 0.4660 0.3103 0.0013  0.0379  -0.0139 54  PRO A CA  
411 C  C   . PRO A 54 ? 0.1424 0.4956 0.3289 -0.0525 0.0354  -0.0301 54  PRO A C   
412 O  O   . PRO A 54 ? 0.1631 0.5575 0.3191 -0.0623 0.0204  0.0129  54  PRO A O   
413 C  CB  . PRO A 54 ? 0.1450 0.4675 0.3398 0.0228  0.0624  0.0018  54  PRO A CB  
414 C  CG  . PRO A 54 ? 0.1741 0.3313 0.4264 -0.0176 0.0233  0.0132  54  PRO A CG  
415 C  CD  . PRO A 54 ? 0.1634 0.3501 0.3297 -0.0150 0.0325  0.0446  54  PRO A CD  
416 N  N   . VAL A 55 ? 0.1991 0.4139 0.3007 -0.0468 0.0064  -0.0388 55  VAL A N   
417 C  CA  . VAL A 55 ? 0.2354 0.4271 0.2308 -0.0602 -0.0320 0.0005  55  VAL A CA  
418 C  C   . VAL A 55 ? 0.2132 0.4051 0.2562 -0.0191 -0.0200 -0.0072 55  VAL A C   
419 O  O   . VAL A 55 ? 0.2253 0.4954 0.3075 -0.0620 -0.0208 -0.0861 55  VAL A O   
420 C  CB  . VAL A 55 ? 0.1847 0.4015 0.3060 -0.0235 0.0353  -0.0185 55  VAL A CB  
421 C  CG1 . VAL A 55 ? 0.2104 0.5402 0.2437 -0.0545 0.0149  0.0348  55  VAL A CG1 
422 C  CG2 . VAL A 55 ? 0.2095 0.3674 0.3340 -0.0231 0.0032  -0.0125 55  VAL A CG2 
423 N  N   . ASP A 56 ? 0.1664 0.4537 0.2577 -0.0424 -0.0182 -0.0342 56  ASP A N   
424 C  CA  . ASP A 56 ? 0.2284 0.4319 0.2665 -0.0159 0.0075  0.0057  56  ASP A CA  
425 C  C   . ASP A 56 ? 0.1943 0.4218 0.2759 -0.0398 0.0027  -0.0275 56  ASP A C   
426 O  O   . ASP A 56 ? 0.2328 0.4477 0.2554 -0.0018 -0.0211 -0.0060 56  ASP A O   
427 C  CB  . ASP A 56 ? 0.2991 0.5270 0.3162 -0.0115 -0.0200 0.0782  56  ASP A CB  
428 C  CG  . ASP A 56 ? 0.2779 0.5397 0.4828 -0.0022 -0.1412 0.0194  56  ASP A CG  
429 O  OD1 . ASP A 56 ? 0.2439 0.5581 0.3817 -0.0052 -0.0581 0.0284  56  ASP A OD1 
430 O  OD2 . ASP A 56 ? 0.3508 0.6462 0.9498 -0.0025 -0.3226 -0.0986 56  ASP A OD2 
431 N  N   . CYS A 57 ? 0.1826 0.4047 0.2376 -0.0141 -0.0034 -0.0969 57  CYS A N   
432 C  CA  . CYS A 57 ? 0.1997 0.3472 0.2767 -0.0426 0.0226  -0.0573 57  CYS A CA  
433 C  C   . CYS A 57 ? 0.1804 0.3587 0.2685 -0.0235 0.0273  -0.0311 57  CYS A C   
434 O  O   . CYS A 57 ? 0.2144 0.3923 0.2566 0.0147  0.0380  -0.0268 57  CYS A O   
435 C  CB  . CYS A 57 ? 0.2133 0.4120 0.2505 -0.0464 0.0631  -0.0433 57  CYS A CB  
436 S  SG  . CYS A 57 ? 0.2239 0.3495 0.2732 0.0006  0.0174  -0.0559 57  CYS A SG  
437 N  N   . ILE A 58 ? 0.1964 0.3480 0.2448 -0.0402 0.0084  -0.0624 58  ILE A N   
438 C  CA  . ILE A 58 ? 0.1836 0.3221 0.2372 -0.0137 0.0315  -0.0547 58  ILE A CA  
439 C  C   . ILE A 58 ? 0.1640 0.2923 0.2238 0.0010  -0.0066 -0.0506 58  ILE A C   
440 O  O   . ILE A 58 ? 0.2134 0.2903 0.2436 0.0366  0.0079  -0.0292 58  ILE A O   
441 C  CB  . ILE A 58 ? 0.1619 0.3351 0.2290 -0.0068 -0.0070 -0.0575 58  ILE A CB  
442 C  CG1 . ILE A 58 ? 0.1541 0.3123 0.2447 0.0124  0.0133  -0.0776 58  ILE A CG1 
443 C  CG2 . ILE A 58 ? 0.1476 0.3203 0.2246 0.0235  -0.0113 -0.0050 58  ILE A CG2 
444 C  CD1 . ILE A 58 ? 0.2660 0.3470 0.2444 0.0373  -0.0122 -0.0897 58  ILE A CD1 
445 N  N   . PRO A 59 ? 0.1971 0.3058 0.2207 0.0238  -0.0016 -0.0526 59  PRO A N   
446 C  CA  . PRO A 59 ? 0.2000 0.3336 0.2113 -0.0210 -0.0201 -0.0588 59  PRO A CA  
447 C  C   . PRO A 59 ? 0.1952 0.2854 0.2191 0.0002  -0.0210 -0.0551 59  PRO A C   
448 O  O   . PRO A 59 ? 0.2034 0.3292 0.2115 0.0344  -0.0218 -0.0713 59  PRO A O   
449 C  CB  . PRO A 59 ? 0.1985 0.3684 0.2273 -0.0213 -0.0166 -0.0899 59  PRO A CB  
450 C  CG  . PRO A 59 ? 0.2817 0.3289 0.2638 -0.0096 0.0150  -0.0957 59  PRO A CG  
451 C  CD  . PRO A 59 ? 0.2499 0.3013 0.2486 -0.0058 0.0082  -0.0702 59  PRO A CD  
452 N  N   . LEU A 60 ? 0.1782 0.2945 0.2413 0.0161  -0.0115 -0.0412 60  LEU A N   
453 C  CA  . LEU A 60 ? 0.1734 0.3214 0.2231 0.0332  -0.0176 -0.0384 60  LEU A CA  
454 C  C   . LEU A 60 ? 0.1943 0.3099 0.2170 0.0278  0.0030  -0.0372 60  LEU A C   
455 O  O   . LEU A 60 ? 0.2396 0.3326 0.2781 0.0176  0.0078  -0.0796 60  LEU A O   
456 C  CB  . LEU A 60 ? 0.1832 0.3372 0.2487 0.0512  -0.0008 -0.0134 60  LEU A CB  
457 C  CG  . LEU A 60 ? 0.2021 0.3246 0.2286 0.0360  -0.0522 -0.0354 60  LEU A CG  
458 C  CD1 . LEU A 60 ? 0.1482 0.3723 0.2314 0.0414  -0.0363 -0.0152 60  LEU A CD1 
459 C  CD2 . LEU A 60 ? 0.1970 0.3923 0.1725 -0.0257 0.0004  0.0022  60  LEU A CD2 
460 N  N   . ASP A 61 ? 0.1844 0.3139 0.2139 0.0489  0.0225  -0.0204 61  ASP A N   
461 C  CA  . ASP A 61 ? 0.2376 0.3239 0.2065 0.0732  0.0007  -0.0716 61  ASP A CA  
462 C  C   . ASP A 61 ? 0.2506 0.2829 0.1999 0.0393  0.0104  -0.0577 61  ASP A C   
463 O  O   . ASP A 61 ? 0.2474 0.2505 0.2265 0.0522  0.0004  -0.0261 61  ASP A O   
464 C  CB  . ASP A 61 ? 0.2469 0.3579 0.1905 0.0922  0.0092  -0.0291 61  ASP A CB  
465 C  CG  . ASP A 61 ? 0.2353 0.3186 0.2521 0.0441  0.0360  0.0153  61  ASP A CG  
466 O  OD1 . ASP A 61 ? 0.3514 0.2887 0.2834 0.0189  0.0460  0.0186  61  ASP A OD1 
467 O  OD2 . ASP A 61 ? 0.2844 0.3937 0.2544 0.1208  0.0329  0.0215  61  ASP A OD2 
468 N  N   . ASP A 62 ? 0.2524 0.2956 0.2313 0.0409  0.0152  -0.0842 62  ASP A N   
469 C  CA  . ASP A 62 ? 0.2602 0.3755 0.2062 0.0648  -0.0055 -0.0865 62  ASP A CA  
470 C  C   . ASP A 62 ? 0.2499 0.2659 0.2609 0.0419  0.0378  -0.0211 62  ASP A C   
471 O  O   . ASP A 62 ? 0.2926 0.3658 0.2911 0.0663  0.0705  -0.0751 62  ASP A O   
472 C  CB  . ASP A 62 ? 0.3033 0.4637 0.2621 0.0485  -0.0052 -0.1627 62  ASP A CB  
473 C  CG  . ASP A 62 ? 0.3472 0.4150 0.4788 0.0019  -0.1198 -0.1158 62  ASP A CG  
474 O  OD1 . ASP A 62 ? 0.4251 0.3941 0.5413 -0.0208 -0.1918 -0.0111 62  ASP A OD1 
475 O  OD2 . ASP A 62 ? 0.3302 0.4278 0.5252 -0.0601 -0.0616 -0.0705 62  ASP A OD2 
476 N  N   . ALA A 63 ? 0.2848 0.2478 0.2849 0.0802  0.0038  -0.0042 63  ALA A N   
477 C  CA  . ALA A 63 ? 0.2568 0.2952 0.3118 0.0879  0.0430  -0.0138 63  ALA A CA  
478 C  C   . ALA A 63 ? 0.2553 0.3344 0.3399 0.0774  0.0313  -0.0345 63  ALA A C   
479 O  O   . ALA A 63 ? 0.2594 0.4165 0.3264 0.0825  0.0082  -0.0044 63  ALA A O   
480 C  CB  . ALA A 63 ? 0.3488 0.3035 0.3618 0.1019  -0.0554 0.0197  63  ALA A CB  
481 N  N   . ASN A 64 ? 0.2976 0.3114 0.2364 0.0699  0.0220  -0.0261 64  ASN A N   
482 C  CA  . ASN A 64 ? 0.2757 0.3235 0.2403 0.0575  0.0006  0.0013  64  ASN A CA  
483 C  C   . ASN A 64 ? 0.1676 0.3163 0.2363 0.0660  0.0170  -0.0136 64  ASN A C   
484 O  O   . ASN A 64 ? 0.1899 0.3158 0.2842 0.0431  0.0152  -0.0619 64  ASN A O   
485 C  CB  . ASN A 64 ? 0.2881 0.3737 0.2276 0.0462  -0.0319 -0.0157 64  ASN A CB  
486 C  CG  . ASN A 64 ? 0.2745 0.4496 0.2413 0.0880  -0.0192 0.0083  64  ASN A CG  
487 O  OD1 . ASN A 64 ? 0.4329 0.4093 0.3220 0.1046  0.0367  0.0397  64  ASN A OD1 
488 N  ND2 . ASN A 64 ? 0.2768 0.5979 0.4264 0.0917  -0.0862 -0.0369 64  ASN A ND2 
489 N  N   . VAL A 65 ? 0.2128 0.3152 0.2368 0.0465  0.0221  -0.0020 65  VAL A N   
490 C  CA  . VAL A 65 ? 0.2485 0.2812 0.2248 0.0295  -0.0086 -0.0279 65  VAL A CA  
491 C  C   . VAL A 65 ? 0.2120 0.2875 0.2033 0.0450  -0.0121 -0.0425 65  VAL A C   
492 O  O   . VAL A 65 ? 0.2161 0.3169 0.3272 0.0606  -0.0021 -0.0252 65  VAL A O   
493 C  CB  . VAL A 65 ? 0.2071 0.3026 0.2326 0.0457  -0.0441 -0.0474 65  VAL A CB  
494 C  CG1 . VAL A 65 ? 0.2712 0.3460 0.2316 0.0721  -0.0628 -0.0308 65  VAL A CG1 
495 C  CG2 . VAL A 65 ? 0.2515 0.3441 0.2996 0.0019  0.0499  -0.1149 65  VAL A CG2 
496 N  N   . GLU A 66 ? 0.2302 0.2789 0.2075 0.0341  0.0128  -0.0396 66  GLU A N   
497 C  CA  . GLU A 66 ? 0.2306 0.2753 0.2178 0.0211  0.0478  -0.0205 66  GLU A CA  
498 C  C   . GLU A 66 ? 0.1943 0.2976 0.2278 0.0136  0.0189  -0.0083 66  GLU A C   
499 O  O   . GLU A 66 ? 0.1965 0.3561 0.2578 0.0347  0.0280  -0.0137 66  GLU A O   
500 C  CB  . GLU A 66 ? 0.1961 0.2824 0.2163 0.0048  0.0195  -0.0250 66  GLU A CB  
501 C  CG  . GLU A 66 ? 0.1923 0.3233 0.2350 0.0563  0.0025  -0.0302 66  GLU A CG  
502 C  CD  . GLU A 66 ? 0.2177 0.3298 0.2282 -0.0123 0.0042  -0.0055 66  GLU A CD  
503 O  OE1 . GLU A 66 ? 0.2171 0.3280 0.2504 0.0046  0.0207  -0.0026 66  GLU A OE1 
504 O  OE2 . GLU A 66 ? 0.2437 0.4858 0.2670 -0.0667 -0.0079 -0.0339 66  GLU A OE2 
505 N  N   . SER A 67 ? 0.2211 0.3053 0.2178 0.0090  0.0438  0.0007  67  SER A N   
506 C  CA  . SER A 67 ? 0.2286 0.3035 0.2300 0.0116  0.0205  -0.0015 67  SER A CA  
507 C  C   . SER A 67 ? 0.2343 0.3029 0.2208 0.0122  0.0097  0.0034  67  SER A C   
508 O  O   . SER A 67 ? 0.1990 0.2960 0.2295 0.0002  -0.0025 -0.0037 67  SER A O   
509 C  CB  . SER A 67 ? 0.2271 0.2821 0.2482 0.0103  0.0258  0.0083  67  SER A CB  
510 O  OG  . SER A 67 ? 0.2242 0.3066 0.2808 0.0236  0.0105  0.0106  67  SER A OG  
511 N  N   . LYS A 68 ? 0.2640 0.3100 0.2160 0.0294  -0.0051 -0.0095 68  LYS A N   
512 C  CA  . LYS A 68 ? 0.2210 0.3148 0.1986 0.0234  -0.0089 -0.0066 68  LYS A CA  
513 C  C   . LYS A 68 ? 0.2194 0.3010 0.2488 0.0190  -0.0236 0.0140  68  LYS A C   
514 O  O   . LYS A 68 ? 0.2250 0.3770 0.2594 0.0270  -0.0528 -0.0038 68  LYS A O   
515 C  CB  . LYS A 68 ? 0.2246 0.3276 0.1913 0.0424  -0.0207 -0.0283 68  LYS A CB  
516 C  CG  . LYS A 68 ? 0.3138 0.3404 0.3130 0.0493  -0.0515 -0.0938 68  LYS A CG  
517 C  CD  . LYS A 68 ? 0.4868 0.4389 0.3966 0.1989  -0.0274 -0.0854 68  LYS A CD  
518 C  CE  . LYS A 68 ? 0.4828 0.4248 0.5803 0.2244  -0.0271 -0.1397 68  LYS A CE  
519 N  NZ  . LYS A 68 ? 0.7358 0.4465 0.7295 0.2418  -0.2350 -0.1286 68  LYS A NZ  
520 N  N   . ASP A 69 ? 0.2195 0.2946 0.3018 0.0192  -0.0041 0.0153  69  ASP A N   
521 C  CA  . ASP A 69 ? 0.2188 0.3856 0.2829 0.0199  -0.0074 0.0216  69  ASP A CA  
522 C  C   . ASP A 69 ? 0.2639 0.3885 0.2606 0.0574  -0.0074 0.0016  69  ASP A C   
523 O  O   . ASP A 69 ? 0.2376 0.3934 0.2549 -0.0135 0.0153  0.0320  69  ASP A O   
524 C  CB  . ASP A 69 ? 0.2402 0.4186 0.2569 -0.0583 -0.0118 -0.0233 69  ASP A CB  
525 C  CG  . ASP A 69 ? 0.4042 0.4192 0.3177 -0.0974 0.0351  0.0073  69  ASP A CG  
526 O  OD1 . ASP A 69 ? 0.3979 0.4309 0.3535 -0.0387 -0.0436 0.0251  69  ASP A OD1 
527 O  OD2 . ASP A 69 ? 0.5933 0.5258 0.2950 -0.0989 0.0558  0.0181  69  ASP A OD2 
528 N  N   . GLN A 70 ? 0.1730 0.3896 0.2494 0.0263  0.0144  0.0224  70  GLN A N   
529 C  CA  . GLN A 70 ? 0.1868 0.3932 0.2402 0.0720  0.0183  0.0012  70  GLN A CA  
530 C  C   . GLN A 70 ? 0.1909 0.3950 0.2241 0.0573  0.0094  -0.0027 70  GLN A C   
531 O  O   . GLN A 70 ? 0.2010 0.3653 0.2330 -0.0215 -0.0156 -0.0187 70  GLN A O   
532 C  CB  . GLN A 70 ? 0.1783 0.3905 0.2409 0.0669  0.0376  0.0023  70  GLN A CB  
533 C  CG  . GLN A 70 ? 0.2250 0.4530 0.2103 0.0682  0.0525  -0.0033 70  GLN A CG  
534 C  CD  . GLN A 70 ? 0.2592 0.4978 0.3171 0.0649  0.0733  -0.0782 70  GLN A CD  
535 O  OE1 . GLN A 70 ? 0.2554 0.4532 0.3711 0.0909  0.0419  -0.0949 70  GLN A OE1 
536 N  NE2 . GLN A 70 ? 0.2778 0.5929 0.4221 0.0598  0.1014  -0.1632 70  GLN A NE2 
537 N  N   . LEU A 71 ? 0.1800 0.3222 0.2382 0.0420  0.0254  0.0154  71  LEU A N   
538 C  CA  . LEU A 71 ? 0.1726 0.3309 0.2032 0.0129  -0.0074 -0.0271 71  LEU A CA  
539 C  C   . LEU A 71 ? 0.2032 0.3350 0.2335 -0.0146 -0.0374 -0.0256 71  LEU A C   
540 O  O   . LEU A 71 ? 0.1917 0.3705 0.2266 -0.0122 -0.0323 -0.0410 71  LEU A O   
541 C  CB  . LEU A 71 ? 0.1648 0.3584 0.2203 -0.0402 -0.0023 -0.0054 71  LEU A CB  
542 C  CG  . LEU A 71 ? 0.1588 0.3279 0.2445 0.0076  -0.0198 0.0005  71  LEU A CG  
543 C  CD1 . LEU A 71 ? 0.1516 0.2952 0.2359 -0.0113 -0.0172 0.0213  71  LEU A CD1 
544 C  CD2 . LEU A 71 ? 0.2030 0.3028 0.2198 0.0696  -0.0131 -0.0152 71  LEU A CD2 
545 N  N   . MET A 72 ? 0.1957 0.3289 0.2763 0.0074  -0.0073 -0.0145 72  MET A N   
546 C  CA  . MET A 72 ? 0.2708 0.3105 0.2703 0.0196  -0.0341 0.0018  72  MET A CA  
547 C  C   . MET A 72 ? 0.2439 0.3544 0.3091 -0.0244 -0.0340 -0.0162 72  MET A C   
548 O  O   . MET A 72 ? 0.2517 0.3800 0.2431 -0.0126 -0.0137 0.0479  72  MET A O   
549 C  CB  . MET A 72 ? 0.3488 0.3494 0.3372 -0.0370 -0.0216 0.0536  72  MET A CB  
550 C  CG  . MET A 72 ? 0.3344 0.3347 0.4142 -0.0679 0.0167  0.0471  72  MET A CG  
551 S  SD  . MET A 72 ? 0.3463 0.4163 0.3665 0.0048  -0.0227 0.0328  72  MET A SD  
552 C  CE  . MET A 72 ? 0.3180 0.5016 1.0149 -0.0219 -0.0397 0.4366  72  MET A CE  
553 N  N   . GLU A 73 ? 0.2218 0.3619 0.2546 -0.0278 -0.0245 0.0358  73  GLU A N   
554 C  CA  . GLU A 73 ? 0.2137 0.4065 0.2520 -0.0397 -0.0211 0.0336  73  GLU A CA  
555 C  C   . GLU A 73 ? 0.1870 0.3471 0.2446 -0.0022 -0.0203 0.0096  73  GLU A C   
556 O  O   . GLU A 73 ? 0.1968 0.3883 0.2427 -0.0076 -0.0230 0.0143  73  GLU A O   
557 C  CB  . GLU A 73 ? 0.1948 0.4578 0.2831 -0.0485 0.0162  0.0367  73  GLU A CB  
558 C  CG  . GLU A 73 ? 0.2979 0.6786 0.4680 0.1246  0.0011  0.0938  73  GLU A CG  
559 C  CD  . GLU A 73 ? 0.3560 0.8236 0.6760 0.1795  0.0990  0.0452  73  GLU A CD  
560 O  OE1 . GLU A 73 ? 0.3437 1.2459 0.9367 0.2937  0.1162  0.1187  73  GLU A OE1 
561 O  OE2 . GLU A 73 ? 0.3807 1.1266 0.7986 -0.0306 0.2441  -0.2603 73  GLU A OE2 
562 N  N   . LYS A 74 ? 0.1819 0.3372 0.2719 0.0010  -0.0071 0.0093  74  LYS A N   
563 C  CA  . LYS A 74 ? 0.1837 0.3189 0.2729 0.0218  -0.0069 0.0085  74  LYS A CA  
564 C  C   . LYS A 74 ? 0.1795 0.3114 0.2536 0.0198  -0.0305 0.0079  74  LYS A C   
565 O  O   . LYS A 74 ? 0.2016 0.3697 0.2589 0.0026  -0.0508 0.0058  74  LYS A O   
566 C  CB  . LYS A 74 ? 0.2154 0.2951 0.2845 0.0199  0.0083  -0.0005 74  LYS A CB  
567 C  CG  . LYS A 74 ? 0.2044 0.3403 0.2611 -0.0054 -0.0336 0.0136  74  LYS A CG  
568 C  CD  . LYS A 74 ? 0.2637 0.3346 0.2325 -0.0311 -0.0467 0.0098  74  LYS A CD  
569 C  CE  . LYS A 74 ? 0.2342 0.3561 0.2980 -0.0053 0.0077  -0.0463 74  LYS A CE  
570 N  NZ  . LYS A 74 ? 0.2378 0.3068 0.2601 0.0224  -0.0006 -0.0317 74  LYS A NZ  
571 N  N   . TYR A 75 ? 0.2254 0.2752 0.2759 0.0249  -0.0481 -0.0164 75  TYR A N   
572 C  CA  . TYR A 75 ? 0.1970 0.2782 0.2977 0.0030  -0.0527 -0.0359 75  TYR A CA  
573 C  C   . TYR A 75 ? 0.2079 0.3549 0.2430 -0.0394 -0.0323 -0.0263 75  TYR A C   
574 O  O   . TYR A 75 ? 0.2496 0.3052 0.2334 -0.0106 -0.0362 0.0039  75  TYR A O   
575 C  CB  . TYR A 75 ? 0.1851 0.2995 0.3059 0.0212  -0.0336 -0.0244 75  TYR A CB  
576 C  CG  . TYR A 75 ? 0.2091 0.2832 0.2846 0.0120  -0.0302 -0.0090 75  TYR A CG  
577 C  CD1 . TYR A 75 ? 0.2966 0.3217 0.1860 -0.0027 -0.0313 -0.0208 75  TYR A CD1 
578 C  CD2 . TYR A 75 ? 0.2686 0.3024 0.3161 -0.0226 -0.0349 -0.0138 75  TYR A CD2 
579 C  CE1 . TYR A 75 ? 0.2955 0.3158 0.2240 0.0089  -0.0364 -0.0277 75  TYR A CE1 
580 C  CE2 . TYR A 75 ? 0.3314 0.3054 0.2919 -0.0484 -0.0423 -0.0289 75  TYR A CE2 
581 C  CZ  . TYR A 75 ? 0.3425 0.3129 0.2943 0.0009  -0.0341 -0.0185 75  TYR A CZ  
582 O  OH  . TYR A 75 ? 0.3223 0.3257 0.3805 -0.0022 -0.0468 -0.0594 75  TYR A OH  
583 N  N   . ARG A 76 ? 0.2284 0.3066 0.2504 -0.0401 -0.0435 0.0168  76  ARG A N   
584 C  CA  . ARG A 76 ? 0.2300 0.3401 0.2634 -0.0518 -0.0486 0.0064  76  ARG A CA  
585 C  C   . ARG A 76 ? 0.1868 0.3979 0.2797 -0.0281 -0.0327 0.0176  76  ARG A C   
586 O  O   . ARG A 76 ? 0.2762 0.3535 0.3211 -0.0522 -0.1088 0.0314  76  ARG A O   
587 C  CB  . ARG A 76 ? 0.2856 0.4704 0.3214 -0.1331 -0.0510 0.0682  76  ARG A CB  
588 C  CG  . ARG A 76 ? 0.3534 0.4639 0.3439 -0.1777 -0.1018 0.0972  76  ARG A CG  
589 C  CD  . ARG A 76 ? 0.5161 0.5511 0.3805 -0.2356 -0.0426 0.1224  76  ARG A CD  
590 N  NE  . ARG A 76 ? 0.5918 0.5583 0.3884 -0.1116 0.0299  0.1385  76  ARG A NE  
591 C  CZ  . ARG A 76 ? 0.5133 0.6177 0.3689 -0.1566 0.0036  0.1591  76  ARG A CZ  
592 N  NH1 . ARG A 76 ? 0.4934 0.5591 0.3744 -0.2641 0.0160  0.0938  76  ARG A NH1 
593 N  NH2 . ARG A 76 ? 0.6407 0.7337 0.5475 -0.1632 -0.2651 0.1403  76  ARG A NH2 
594 N  N   . LYS A 77 ? 0.2639 0.3698 0.2671 -0.0456 -0.0924 0.0419  77  LYS A N   
595 C  CA  . LYS A 77 ? 0.2454 0.3993 0.2375 -0.0472 -0.0866 0.0435  77  LYS A CA  
596 C  C   . LYS A 77 ? 0.2773 0.3860 0.2420 -0.1135 -0.0866 0.0258  77  LYS A C   
597 O  O   . LYS A 77 ? 0.3388 0.5223 0.2408 -0.1021 -0.1004 0.0777  77  LYS A O   
598 C  CB  . LYS A 77 ? 0.1901 0.3918 0.3720 -0.0394 -0.0428 0.0467  77  LYS A CB  
599 C  CG  . LYS A 77 ? 0.2194 0.4347 0.4730 -0.0484 0.0323  0.0204  77  LYS A CG  
600 C  CD  . LYS A 77 ? 0.4013 0.5253 0.5438 -0.0204 0.0996  -0.0481 77  LYS A CD  
601 C  CE  . LYS A 77 ? 0.4532 0.6619 0.5654 -0.0231 0.1510  -0.0592 77  LYS A CE  
602 N  NZ  . LYS A 77 ? 0.8012 0.8249 0.4499 0.0278  0.0506  -0.0768 77  LYS A NZ  
603 N  N   . ILE A 78 ? 0.2561 0.3115 0.2994 -0.0594 -0.0582 -0.0049 78  ILE A N   
604 C  CA  . ILE A 78 ? 0.2337 0.3374 0.2747 -0.0543 -0.0811 -0.0035 78  ILE A CA  
605 C  C   . ILE A 78 ? 0.2741 0.3469 0.2804 -0.0639 -0.0752 -0.0108 78  ILE A C   
606 O  O   . ILE A 78 ? 0.2830 0.3953 0.2801 -0.0343 -0.0885 -0.0210 78  ILE A O   
607 C  CB  . ILE A 78 ? 0.2129 0.3420 0.2602 -0.0247 -0.0793 -0.0067 78  ILE A CB  
608 C  CG1 . ILE A 78 ? 0.2613 0.3512 0.2065 -0.0722 -0.0646 -0.0016 78  ILE A CG1 
609 C  CG2 . ILE A 78 ? 0.2189 0.3553 0.3044 0.0235  -0.0507 0.0167  78  ILE A CG2 
610 C  CD1 . ILE A 78 ? 0.2203 0.4020 0.2894 -0.0831 -0.0508 -0.0277 78  ILE A CD1 
611 N  N   . THR A 79 ? 0.3030 0.3443 0.3124 -0.0408 -0.0694 -0.0144 79  THR A N   
612 C  CA  . THR A 79 ? 0.2752 0.3582 0.2764 -0.0395 -0.0563 -0.0069 79  THR A CA  
613 C  C   . THR A 79 ? 0.3148 0.4131 0.3024 -0.0717 -0.0592 -0.0513 79  THR A C   
614 O  O   . THR A 79 ? 0.3442 0.4601 0.3994 -0.0091 -0.1297 -0.1227 79  THR A O   
615 C  CB  . THR A 79 ? 0.3511 0.3323 0.2667 -0.0317 -0.0834 0.0036  79  THR A CB  
616 O  OG1 . THR A 79 ? 0.2809 0.3347 0.3223 -0.0257 -0.0503 0.0098  79  THR A OG1 
617 C  CG2 . THR A 79 ? 0.2526 0.4432 0.2871 -0.0178 -0.0251 0.0231  79  THR A CG2 
618 N  N   . GLY A 80 ? 0.2830 0.5268 0.3689 -0.0878 -0.0580 -0.0632 80  GLY A N   
619 C  CA  . GLY A 80 ? 0.3001 0.4811 0.5109 -0.0750 -0.0441 -0.1088 80  GLY A CA  
620 C  C   . GLY A 80 ? 0.4788 0.5055 0.5682 -0.1317 -0.1332 -0.0611 80  GLY A C   
621 O  O   . GLY A 80 ? 0.3999 0.4998 0.7053 -0.1074 -0.0351 -0.0715 80  GLY A O   
622 N  N   A LYS A 81 ? 0.5621 0.4750 0.5681 -0.1210 -0.1866 -0.0498 81  LYS A N   
623 N  N   B LYS A 81 ? 0.5490 0.4749 0.5580 -0.1261 -0.2026 -0.0574 81  LYS A N   
624 C  CA  A LYS A 81 ? 0.5730 0.4262 0.5687 -0.1316 -0.1806 -0.0940 81  LYS A CA  
625 C  CA  B LYS A 81 ? 0.5951 0.4505 0.5916 -0.1373 -0.1923 -0.0696 81  LYS A CA  
626 C  C   A LYS A 81 ? 0.5815 0.4352 0.5898 -0.1468 -0.1701 -0.0543 81  LYS A C   
627 C  C   B LYS A 81 ? 0.6657 0.4814 0.5177 -0.1009 -0.1926 -0.0446 81  LYS A C   
628 O  O   A LYS A 81 ? 0.5319 0.3792 0.6078 -0.2612 -0.0577 -0.0261 81  LYS A O   
629 O  O   B LYS A 81 ? 0.6328 0.7154 0.5128 -0.3243 -0.1659 -0.0713 81  LYS A O   
630 C  CB  A LYS A 81 ? 0.5745 0.3709 0.6318 -0.1237 -0.1565 -0.0892 81  LYS A CB  
631 C  CB  B LYS A 81 ? 0.5883 0.3785 0.5834 -0.0860 -0.1764 -0.0934 81  LYS A CB  
632 C  CG  A LYS A 81 ? 0.5570 0.4002 0.6088 -0.0889 -0.0814 -0.0688 81  LYS A CG  
633 C  CG  B LYS A 81 ? 0.6291 0.3187 0.6271 -0.0724 -0.1031 -0.1079 81  LYS A CG  
634 C  CD  A LYS A 81 ? 0.6270 0.3624 0.6068 -0.0534 -0.0009 -0.0618 81  LYS A CD  
635 C  CD  B LYS A 81 ? 0.5610 0.3059 0.5838 -0.0221 -0.0529 -0.0248 81  LYS A CD  
636 C  CE  A LYS A 81 ? 0.5829 0.2815 0.5735 0.0161  0.0545  -0.1073 81  LYS A CE  
637 C  CE  B LYS A 81 ? 0.5324 0.3522 0.5680 0.0337  -0.0940 0.0335  81  LYS A CE  
638 N  NZ  A LYS A 81 ? 0.2994 0.3351 0.5832 0.0899  0.1039  -0.0318 81  LYS A NZ  
639 N  NZ  B LYS A 81 ? 0.5864 0.3379 0.6059 -0.0009 -0.0008 0.1723  81  LYS A NZ  
640 FE FE1 . SF4 B .  ? 0.1859 0.3037 0.2744 0.0037  0.0160  -0.0354 201 SF4 A FE1 
641 FE FE2 . SF4 B .  ? 0.1942 0.3205 0.2466 0.0150  0.0142  -0.0268 201 SF4 A FE2 
642 FE FE3 . SF4 B .  ? 0.1786 0.2990 0.2328 0.0112  0.0009  -0.0297 201 SF4 A FE3 
643 FE FE4 . SF4 B .  ? 0.1790 0.3309 0.2478 0.0075  0.0065  -0.0403 201 SF4 A FE4 
644 S  S1  . SF4 B .  ? 0.1832 0.2941 0.2419 0.0256  0.0121  -0.0241 201 SF4 A S1  
645 S  S2  . SF4 B .  ? 0.1793 0.3108 0.2556 0.0095  -0.0023 -0.0368 201 SF4 A S2  
646 S  S3  . SF4 B .  ? 0.1761 0.3022 0.2718 -0.0036 0.0211  -0.0317 201 SF4 A S3  
647 S  S4  . SF4 B .  ? 0.2053 0.2917 0.2445 0.0062  0.0052  -0.0209 201 SF4 A S4  
648 FE FE1 . SF4 C .  ? 0.1647 0.2714 0.1956 0.0247  -0.0148 -0.0244 202 SF4 A FE1 
649 FE FE2 . SF4 C .  ? 0.1605 0.2696 0.1941 0.0231  -0.0163 -0.0310 202 SF4 A FE2 
650 FE FE3 . SF4 C .  ? 0.1668 0.2718 0.1948 0.0162  -0.0123 -0.0303 202 SF4 A FE3 
651 FE FE4 . SF4 C .  ? 0.1625 0.2721 0.1916 0.0215  -0.0156 -0.0233 202 SF4 A FE4 
652 S  S1  . SF4 C .  ? 0.1683 0.2775 0.1792 0.0212  -0.0205 -0.0138 202 SF4 A S1  
653 S  S2  . SF4 C .  ? 0.1638 0.2673 0.1921 0.0174  -0.0007 -0.0181 202 SF4 A S2  
654 S  S3  . SF4 C .  ? 0.1726 0.2704 0.1924 0.0264  -0.0144 -0.0163 202 SF4 A S3  
655 S  S4  . SF4 C .  ? 0.1535 0.2995 0.1875 0.0170  -0.0279 -0.0286 202 SF4 A S4  
# 
loop_
_pdbx_poly_seq_scheme.asym_id 
_pdbx_poly_seq_scheme.entity_id 
_pdbx_poly_seq_scheme.seq_id 
_pdbx_poly_seq_scheme.mon_id 
_pdbx_poly_seq_scheme.ndb_seq_num 
_pdbx_poly_seq_scheme.pdb_seq_num 
_pdbx_poly_seq_scheme.auth_seq_num 
_pdbx_poly_seq_scheme.pdb_mon_id 
_pdbx_poly_seq_scheme.auth_mon_id 
_pdbx_poly_seq_scheme.pdb_strand_id 
_pdbx_poly_seq_scheme.pdb_ins_code 
_pdbx_poly_seq_scheme.hetero 
A 1 1  SER 1  1  1  SER SER A . n 
A 1 2  LEU 2  2  2  LEU LEU A . n 
A 1 3  LYS 3  3  3  LYS LYS A . n 
A 1 4  ILE 4  4  4  ILE ILE A . n 
A 1 5  THR 5  5  5  THR THR A . n 
A 1 6  ASP 6  6  6  ASP ASP A . n 
A 1 7  ASP 7  7  7  ASP ASP A . n 
A 1 8  CYS 8  8  8  CYS CYS A . n 
A 1 9  ILE 9  9  9  ILE ILE A . n 
A 1 10 ASN 10 10 10 ASN ASN A . n 
A 1 11 CYS 11 11 11 CYS CYS A . n 
A 1 12 ASP 12 12 12 ASP ASP A . n 
A 1 13 VAL 13 13 13 VAL VAL A . n 
A 1 14 CYS 14 14 14 CYS CYS A . n 
A 1 15 GLU 15 15 15 GLU GLU A . n 
A 1 16 PRO 16 16 16 PRO PRO A . n 
A 1 17 GLU 17 17 17 GLU GLU A . n 
A 1 18 CYS 18 18 18 CYS CYS A . n 
A 1 19 PRO 19 19 19 PRO PRO A . n 
A 1 20 ASN 20 20 20 ASN ASN A . n 
A 1 21 GLY 21 21 21 GLY GLY A . n 
A 1 22 ALA 22 22 22 ALA ALA A . n 
A 1 23 ILE 23 23 23 ILE ILE A . n 
A 1 24 SER 24 24 24 SER SER A . n 
A 1 25 GLN 25 25 25 GLN GLN A . n 
A 1 26 GLY 26 26 26 GLY GLY A . n 
A 1 27 GLU 27 27 27 GLU GLU A . n 
A 1 28 GLU 28 28 28 GLU GLU A . n 
A 1 29 ILE 29 29 29 ILE ILE A . n 
A 1 30 TYR 30 30 30 TYR TYR A . n 
A 1 31 VAL 31 31 31 VAL VAL A . n 
A 1 32 ILE 32 32 32 ILE ILE A . n 
A 1 33 ASP 33 33 33 ASP ASP A . n 
A 1 34 PRO 34 34 34 PRO PRO A . n 
A 1 35 ASN 35 35 35 ASN ASN A . n 
A 1 36 LEU 36 36 36 LEU LEU A . n 
A 1 37 CYS 37 37 37 CYS CYS A . n 
A 1 38 THR 38 38 38 THR THR A . n 
A 1 39 GLU 39 39 39 GLU GLU A . n 
A 1 40 CYS 40 40 40 CYS CYS A . n 
A 1 41 VAL 41 41 41 VAL VAL A . n 
A 1 42 GLY 42 42 42 GLY GLY A . n 
A 1 43 HIS 43 43 43 HIS HIS A . n 
A 1 44 TYR 44 44 44 TYR TYR A . n 
A 1 45 ASP 45 45 45 ASP ASP A . n 
A 1 46 GLU 46 46 46 GLU GLU A . n 
A 1 47 PRO 47 47 47 PRO PRO A . n 
A 1 48 GLN 48 48 48 GLN GLN A . n 
A 1 49 CYS 49 49 49 CYS CYS A . n 
A 1 50 GLN 50 50 50 GLN GLN A . n 
A 1 51 GLN 51 51 51 GLN GLN A . n 
A 1 52 VAL 52 52 52 VAL VAL A . n 
A 1 53 CYS 53 53 53 CYS CYS A . n 
A 1 54 PRO 54 54 54 PRO PRO A . n 
A 1 55 VAL 55 55 55 VAL VAL A . n 
A 1 56 ASP 56 56 56 ASP ASP A . n 
A 1 57 CYS 57 57 57 CYS CYS A . n 
A 1 58 ILE 58 58 58 ILE ILE A . n 
A 1 59 PRO 59 59 59 PRO PRO A . n 
A 1 60 LEU 60 60 60 LEU LEU A . n 
A 1 61 ASP 61 61 61 ASP ASP A . n 
A 1 62 ASP 62 62 62 ASP ASP A . n 
A 1 63 ALA 63 63 63 ALA ALA A . n 
A 1 64 ASN 64 64 64 ASN ASN A . n 
A 1 65 VAL 65 65 65 VAL VAL A . n 
A 1 66 GLU 66 66 66 GLU GLU A . n 
A 1 67 SER 67 67 67 SER SER A . n 
A 1 68 LYS 68 68 68 LYS LYS A . n 
A 1 69 ASP 69 69 69 ASP ASP A . n 
A 1 70 GLN 70 70 70 GLN GLN A . n 
A 1 71 LEU 71 71 71 LEU LEU A . n 
A 1 72 MET 72 72 72 MET MET A . n 
A 1 73 GLU 73 73 73 GLU GLU A . n 
A 1 74 LYS 74 74 74 LYS LYS A . n 
A 1 75 TYR 75 75 75 TYR TYR A . n 
A 1 76 ARG 76 76 76 ARG ARG A . n 
A 1 77 LYS 77 77 77 LYS LYS A . n 
A 1 78 ILE 78 78 78 ILE ILE A . n 
A 1 79 THR 79 79 79 THR THR A . n 
A 1 80 GLY 80 80 80 GLY GLY A . n 
A 1 81 LYS 81 81 81 LYS LYS A . n 
A 1 82 ALA 82 82 ?  ?   ?   A . n 
# 
loop_
_pdbx_nonpoly_scheme.asym_id 
_pdbx_nonpoly_scheme.entity_id 
_pdbx_nonpoly_scheme.mon_id 
_pdbx_nonpoly_scheme.ndb_seq_num 
_pdbx_nonpoly_scheme.pdb_seq_num 
_pdbx_nonpoly_scheme.auth_seq_num 
_pdbx_nonpoly_scheme.pdb_mon_id 
_pdbx_nonpoly_scheme.auth_mon_id 
_pdbx_nonpoly_scheme.pdb_strand_id 
_pdbx_nonpoly_scheme.pdb_ins_code 
B 2 SF4 1   201 201 SF4 FS4 A . 
C 2 SF4 1   202 202 SF4 FS4 A . 
D 3 HOH 1   203 1   HOH HOH A . 
D 3 HOH 2   204 2   HOH HOH A . 
D 3 HOH 3   205 3   HOH HOH A . 
D 3 HOH 4   206 4   HOH HOH A . 
D 3 HOH 5   207 5   HOH HOH A . 
D 3 HOH 6   208 6   HOH HOH A . 
D 3 HOH 7   209 7   HOH HOH A . 
D 3 HOH 8   210 8   HOH HOH A . 
D 3 HOH 9   211 9   HOH HOH A . 
D 3 HOH 10  212 10  HOH HOH A . 
D 3 HOH 11  213 11  HOH HOH A . 
D 3 HOH 12  214 12  HOH HOH A . 
D 3 HOH 13  215 13  HOH HOH A . 
D 3 HOH 14  216 14  HOH HOH A . 
D 3 HOH 15  217 15  HOH HOH A . 
D 3 HOH 16  218 16  HOH HOH A . 
D 3 HOH 17  219 17  HOH HOH A . 
D 3 HOH 18  220 18  HOH HOH A . 
D 3 HOH 19  221 19  HOH HOH A . 
D 3 HOH 20  222 20  HOH HOH A . 
D 3 HOH 21  223 21  HOH HOH A . 
D 3 HOH 22  224 22  HOH HOH A . 
D 3 HOH 23  225 23  HOH HOH A . 
D 3 HOH 24  226 24  HOH HOH A . 
D 3 HOH 25  227 25  HOH HOH A . 
D 3 HOH 26  228 26  HOH HOH A . 
D 3 HOH 27  229 27  HOH HOH A . 
D 3 HOH 28  230 28  HOH HOH A . 
D 3 HOH 29  231 29  HOH HOH A . 
D 3 HOH 30  232 30  HOH HOH A . 
D 3 HOH 31  233 31  HOH HOH A . 
D 3 HOH 32  234 32  HOH HOH A . 
D 3 HOH 33  235 33  HOH HOH A . 
D 3 HOH 34  236 34  HOH HOH A . 
D 3 HOH 35  237 35  HOH HOH A . 
D 3 HOH 36  238 36  HOH HOH A . 
D 3 HOH 37  239 37  HOH HOH A . 
D 3 HOH 38  240 38  HOH HOH A . 
D 3 HOH 39  241 39  HOH HOH A . 
D 3 HOH 40  242 40  HOH HOH A . 
D 3 HOH 41  243 41  HOH HOH A . 
D 3 HOH 42  244 42  HOH HOH A . 
D 3 HOH 43  245 43  HOH HOH A . 
D 3 HOH 44  246 44  HOH HOH A . 
D 3 HOH 45  247 45  HOH HOH A . 
D 3 HOH 46  248 46  HOH HOH A . 
D 3 HOH 47  249 47  HOH HOH A . 
D 3 HOH 48  250 48  HOH HOH A . 
D 3 HOH 49  251 49  HOH HOH A . 
D 3 HOH 50  252 50  HOH HOH A . 
D 3 HOH 51  253 51  HOH HOH A . 
D 3 HOH 52  254 52  HOH HOH A . 
D 3 HOH 53  255 53  HOH HOH A . 
D 3 HOH 54  256 54  HOH HOH A . 
D 3 HOH 55  257 55  HOH HOH A . 
D 3 HOH 56  258 56  HOH HOH A . 
D 3 HOH 57  259 57  HOH HOH A . 
D 3 HOH 58  260 58  HOH HOH A . 
D 3 HOH 59  261 59  HOH HOH A . 
D 3 HOH 60  262 60  HOH HOH A . 
D 3 HOH 61  263 61  HOH HOH A . 
D 3 HOH 62  264 62  HOH HOH A . 
D 3 HOH 63  265 63  HOH HOH A . 
D 3 HOH 64  266 64  HOH HOH A . 
D 3 HOH 65  267 65  HOH HOH A . 
D 3 HOH 66  268 66  HOH HOH A . 
D 3 HOH 67  269 67  HOH HOH A . 
D 3 HOH 68  270 68  HOH HOH A . 
D 3 HOH 69  271 69  HOH HOH A . 
D 3 HOH 70  272 70  HOH HOH A . 
D 3 HOH 71  273 71  HOH HOH A . 
D 3 HOH 72  274 72  HOH HOH A . 
D 3 HOH 73  275 73  HOH HOH A . 
D 3 HOH 74  276 74  HOH HOH A . 
D 3 HOH 75  277 75  HOH HOH A . 
D 3 HOH 76  278 76  HOH HOH A . 
D 3 HOH 77  279 77  HOH HOH A . 
D 3 HOH 78  280 78  HOH HOH A . 
D 3 HOH 79  281 79  HOH HOH A . 
D 3 HOH 80  282 80  HOH HOH A . 
D 3 HOH 81  283 81  HOH HOH A . 
D 3 HOH 82  284 82  HOH HOH A . 
D 3 HOH 83  285 83  HOH HOH A . 
D 3 HOH 84  286 84  HOH HOH A . 
D 3 HOH 85  287 85  HOH HOH A . 
D 3 HOH 86  288 86  HOH HOH A . 
D 3 HOH 87  289 87  HOH HOH A . 
D 3 HOH 88  290 88  HOH HOH A . 
D 3 HOH 89  291 89  HOH HOH A . 
D 3 HOH 90  292 90  HOH HOH A . 
D 3 HOH 91  293 91  HOH HOH A . 
D 3 HOH 92  294 92  HOH HOH A . 
D 3 HOH 93  295 93  HOH HOH A . 
D 3 HOH 94  296 94  HOH HOH A . 
D 3 HOH 95  297 95  HOH HOH A . 
D 3 HOH 96  298 96  HOH HOH A . 
D 3 HOH 97  299 97  HOH HOH A . 
D 3 HOH 98  300 98  HOH HOH A . 
D 3 HOH 99  301 99  HOH HOH A . 
D 3 HOH 100 302 100 HOH HOH A . 
D 3 HOH 101 303 101 HOH HOH A . 
D 3 HOH 102 304 102 HOH HOH A . 
D 3 HOH 103 305 103 HOH HOH A . 
D 3 HOH 104 306 104 HOH HOH A . 
D 3 HOH 105 307 105 HOH HOH A . 
D 3 HOH 106 308 106 HOH HOH A . 
D 3 HOH 107 309 107 HOH HOH A . 
D 3 HOH 108 310 108 HOH HOH A . 
D 3 HOH 109 311 109 HOH HOH A . 
D 3 HOH 110 312 110 HOH HOH A . 
D 3 HOH 111 313 111 HOH HOH A . 
D 3 HOH 112 314 112 HOH HOH A . 
D 3 HOH 113 315 113 HOH HOH A . 
D 3 HOH 114 316 114 HOH HOH A . 
D 3 HOH 115 317 115 HOH HOH A . 
D 3 HOH 116 318 116 HOH HOH A . 
D 3 HOH 117 319 117 HOH HOH A . 
D 3 HOH 118 320 118 HOH HOH A . 
D 3 HOH 119 321 119 HOH HOH A . 
D 3 HOH 120 322 120 HOH HOH A . 
D 3 HOH 121 323 121 HOH HOH A . 
D 3 HOH 122 324 122 HOH HOH A . 
D 3 HOH 123 325 123 HOH HOH A . 
D 3 HOH 124 326 124 HOH HOH A . 
D 3 HOH 125 327 125 HOH HOH A . 
D 3 HOH 126 328 126 HOH HOH A . 
D 3 HOH 127 329 127 HOH HOH A . 
D 3 HOH 128 330 128 HOH HOH A . 
D 3 HOH 129 331 129 HOH HOH A . 
D 3 HOH 130 332 130 HOH HOH A . 
D 3 HOH 131 333 131 HOH HOH A . 
D 3 HOH 132 334 132 HOH HOH A . 
D 3 HOH 133 335 133 HOH HOH A . 
D 3 HOH 134 336 134 HOH HOH A . 
D 3 HOH 135 337 135 HOH HOH A . 
D 3 HOH 136 338 136 HOH HOH A . 
D 3 HOH 137 339 137 HOH HOH A . 
D 3 HOH 138 340 138 HOH HOH A . 
D 3 HOH 139 341 139 HOH HOH A . 
D 3 HOH 140 342 140 HOH HOH A . 
D 3 HOH 141 343 141 HOH HOH A . 
# 
_pdbx_struct_assembly.id                   1 
_pdbx_struct_assembly.details              author_defined_assembly 
_pdbx_struct_assembly.method_details       ? 
_pdbx_struct_assembly.oligomeric_details   monomeric 
_pdbx_struct_assembly.oligomeric_count     1 
# 
_pdbx_struct_assembly_gen.assembly_id       1 
_pdbx_struct_assembly_gen.oper_expression   1 
_pdbx_struct_assembly_gen.asym_id_list      A,B,C,D 
# 
_pdbx_struct_oper_list.id                   1 
_pdbx_struct_oper_list.type                 'identity operation' 
_pdbx_struct_oper_list.name                 1_555 
_pdbx_struct_oper_list.symmetry_operation   x,y,z 
_pdbx_struct_oper_list.matrix[1][1]         1.0000000000 
_pdbx_struct_oper_list.matrix[1][2]         0.0000000000 
_pdbx_struct_oper_list.matrix[1][3]         0.0000000000 
_pdbx_struct_oper_list.vector[1]            0.0000000000 
_pdbx_struct_oper_list.matrix[2][1]         0.0000000000 
_pdbx_struct_oper_list.matrix[2][2]         1.0000000000 
_pdbx_struct_oper_list.matrix[2][3]         0.0000000000 
_pdbx_struct_oper_list.vector[2]            0.0000000000 
_pdbx_struct_oper_list.matrix[3][1]         0.0000000000 
_pdbx_struct_oper_list.matrix[3][2]         0.0000000000 
_pdbx_struct_oper_list.matrix[3][3]         1.0000000000 
_pdbx_struct_oper_list.vector[3]            0.0000000000 
# 
loop_
_pdbx_struct_conn_angle.id 
_pdbx_struct_conn_angle.ptnr1_label_atom_id 
_pdbx_struct_conn_angle.ptnr1_label_alt_id 
_pdbx_struct_conn_angle.ptnr1_label_asym_id 
_pdbx_struct_conn_angle.ptnr1_label_comp_id 
_pdbx_struct_conn_angle.ptnr1_label_seq_id 
_pdbx_struct_conn_angle.ptnr1_auth_atom_id 
_pdbx_struct_conn_angle.ptnr1_auth_asym_id 
_pdbx_struct_conn_angle.ptnr1_auth_comp_id 
_pdbx_struct_conn_angle.ptnr1_auth_seq_id 
_pdbx_struct_conn_angle.ptnr1_PDB_ins_code 
_pdbx_struct_conn_angle.ptnr1_symmetry 
_pdbx_struct_conn_angle.ptnr2_label_atom_id 
_pdbx_struct_conn_angle.ptnr2_label_alt_id 
_pdbx_struct_conn_angle.ptnr2_label_asym_id 
_pdbx_struct_conn_angle.ptnr2_label_comp_id 
_pdbx_struct_conn_angle.ptnr2_label_seq_id 
_pdbx_struct_conn_angle.ptnr2_auth_atom_id 
_pdbx_struct_conn_angle.ptnr2_auth_asym_id 
_pdbx_struct_conn_angle.ptnr2_auth_comp_id 
_pdbx_struct_conn_angle.ptnr2_auth_seq_id 
_pdbx_struct_conn_angle.ptnr2_PDB_ins_code 
_pdbx_struct_conn_angle.ptnr2_symmetry 
_pdbx_struct_conn_angle.ptnr3_label_atom_id 
_pdbx_struct_conn_angle.ptnr3_label_alt_id 
_pdbx_struct_conn_angle.ptnr3_label_asym_id 
_pdbx_struct_conn_angle.ptnr3_label_comp_id 
_pdbx_struct_conn_angle.ptnr3_label_seq_id 
_pdbx_struct_conn_angle.ptnr3_auth_atom_id 
_pdbx_struct_conn_angle.ptnr3_auth_asym_id 
_pdbx_struct_conn_angle.ptnr3_auth_comp_id 
_pdbx_struct_conn_angle.ptnr3_auth_seq_id 
_pdbx_struct_conn_angle.ptnr3_PDB_ins_code 
_pdbx_struct_conn_angle.ptnr3_symmetry 
_pdbx_struct_conn_angle.value 
_pdbx_struct_conn_angle.value_esd 
1  SG ? A CYS 8  ? A CYS 8   ? 1_555 FE1 ? B SF4 . ? A SF4 201 ? 1_555 S2 ? B SF4 . ? A SF4 201 ? 1_555 117.5 ? 
2  SG ? A CYS 8  ? A CYS 8   ? 1_555 FE1 ? B SF4 . ? A SF4 201 ? 1_555 S3 ? B SF4 . ? A SF4 201 ? 1_555 118.7 ? 
3  S2 ? B SF4 .  ? A SF4 201 ? 1_555 FE1 ? B SF4 . ? A SF4 201 ? 1_555 S3 ? B SF4 . ? A SF4 201 ? 1_555 104.9 ? 
4  SG ? A CYS 8  ? A CYS 8   ? 1_555 FE1 ? B SF4 . ? A SF4 201 ? 1_555 S4 ? B SF4 . ? A SF4 201 ? 1_555 105.4 ? 
5  S2 ? B SF4 .  ? A SF4 201 ? 1_555 FE1 ? B SF4 . ? A SF4 201 ? 1_555 S4 ? B SF4 . ? A SF4 201 ? 1_555 105.9 ? 
6  S3 ? B SF4 .  ? A SF4 201 ? 1_555 FE1 ? B SF4 . ? A SF4 201 ? 1_555 S4 ? B SF4 . ? A SF4 201 ? 1_555 102.8 ? 
7  SG ? A CYS 11 ? A CYS 11  ? 1_555 FE2 ? B SF4 . ? A SF4 201 ? 1_555 S1 ? B SF4 . ? A SF4 201 ? 1_555 103.6 ? 
8  SG ? A CYS 11 ? A CYS 11  ? 1_555 FE2 ? B SF4 . ? A SF4 201 ? 1_555 S3 ? B SF4 . ? A SF4 201 ? 1_555 120.3 ? 
9  S1 ? B SF4 .  ? A SF4 201 ? 1_555 FE2 ? B SF4 . ? A SF4 201 ? 1_555 S3 ? B SF4 . ? A SF4 201 ? 1_555 104.2 ? 
10 SG ? A CYS 11 ? A CYS 11  ? 1_555 FE2 ? B SF4 . ? A SF4 201 ? 1_555 S4 ? B SF4 . ? A SF4 201 ? 1_555 119.8 ? 
11 S1 ? B SF4 .  ? A SF4 201 ? 1_555 FE2 ? B SF4 . ? A SF4 201 ? 1_555 S4 ? B SF4 . ? A SF4 201 ? 1_555 102.9 ? 
12 S3 ? B SF4 .  ? A SF4 201 ? 1_555 FE2 ? B SF4 . ? A SF4 201 ? 1_555 S4 ? B SF4 . ? A SF4 201 ? 1_555 103.6 ? 
13 SG ? A CYS 14 ? A CYS 14  ? 1_555 FE3 ? B SF4 . ? A SF4 201 ? 1_555 S1 ? B SF4 . ? A SF4 201 ? 1_555 109.2 ? 
14 SG ? A CYS 14 ? A CYS 14  ? 1_555 FE3 ? B SF4 . ? A SF4 201 ? 1_555 S2 ? B SF4 . ? A SF4 201 ? 1_555 119.6 ? 
15 S1 ? B SF4 .  ? A SF4 201 ? 1_555 FE3 ? B SF4 . ? A SF4 201 ? 1_555 S2 ? B SF4 . ? A SF4 201 ? 1_555 103.9 ? 
16 SG ? A CYS 14 ? A CYS 14  ? 1_555 FE3 ? B SF4 . ? A SF4 201 ? 1_555 S4 ? B SF4 . ? A SF4 201 ? 1_555 112.3 ? 
17 S1 ? B SF4 .  ? A SF4 201 ? 1_555 FE3 ? B SF4 . ? A SF4 201 ? 1_555 S4 ? B SF4 . ? A SF4 201 ? 1_555 104.1 ? 
18 S2 ? B SF4 .  ? A SF4 201 ? 1_555 FE3 ? B SF4 . ? A SF4 201 ? 1_555 S4 ? B SF4 . ? A SF4 201 ? 1_555 106.4 ? 
19 SG ? A CYS 18 ? A CYS 18  ? 1_555 FE4 ? C SF4 . ? A SF4 202 ? 1_555 S1 ? C SF4 . ? A SF4 202 ? 1_555 112.5 ? 
20 SG ? A CYS 18 ? A CYS 18  ? 1_555 FE4 ? C SF4 . ? A SF4 202 ? 1_555 S2 ? C SF4 . ? A SF4 202 ? 1_555 118.8 ? 
21 S1 ? C SF4 .  ? A SF4 202 ? 1_555 FE4 ? C SF4 . ? A SF4 202 ? 1_555 S2 ? C SF4 . ? A SF4 202 ? 1_555 102.9 ? 
22 SG ? A CYS 18 ? A CYS 18  ? 1_555 FE4 ? C SF4 . ? A SF4 202 ? 1_555 S3 ? C SF4 . ? A SF4 202 ? 1_555 106.8 ? 
23 S1 ? C SF4 .  ? A SF4 202 ? 1_555 FE4 ? C SF4 . ? A SF4 202 ? 1_555 S3 ? C SF4 . ? A SF4 202 ? 1_555 109.0 ? 
24 S2 ? C SF4 .  ? A SF4 202 ? 1_555 FE4 ? C SF4 . ? A SF4 202 ? 1_555 S3 ? C SF4 . ? A SF4 202 ? 1_555 106.4 ? 
25 SG ? A CYS 37 ? A CYS 37  ? 1_555 FE1 ? C SF4 . ? A SF4 202 ? 1_555 S2 ? C SF4 . ? A SF4 202 ? 1_555 113.1 ? 
26 SG ? A CYS 37 ? A CYS 37  ? 1_555 FE1 ? C SF4 . ? A SF4 202 ? 1_555 S3 ? C SF4 . ? A SF4 202 ? 1_555 118.2 ? 
27 S2 ? C SF4 .  ? A SF4 202 ? 1_555 FE1 ? C SF4 . ? A SF4 202 ? 1_555 S3 ? C SF4 . ? A SF4 202 ? 1_555 106.1 ? 
28 SG ? A CYS 37 ? A CYS 37  ? 1_555 FE1 ? C SF4 . ? A SF4 202 ? 1_555 S4 ? C SF4 . ? A SF4 202 ? 1_555 109.4 ? 
29 S2 ? C SF4 .  ? A SF4 202 ? 1_555 FE1 ? C SF4 . ? A SF4 202 ? 1_555 S4 ? C SF4 . ? A SF4 202 ? 1_555 106.0 ? 
30 S3 ? C SF4 .  ? A SF4 202 ? 1_555 FE1 ? C SF4 . ? A SF4 202 ? 1_555 S4 ? C SF4 . ? A SF4 202 ? 1_555 102.9 ? 
31 SG ? A CYS 40 ? A CYS 40  ? 1_555 FE2 ? C SF4 . ? A SF4 202 ? 1_555 S1 ? C SF4 . ? A SF4 202 ? 1_555 96.1  ? 
32 SG ? A CYS 40 ? A CYS 40  ? 1_555 FE2 ? C SF4 . ? A SF4 202 ? 1_555 S3 ? C SF4 . ? A SF4 202 ? 1_555 122.7 ? 
33 S1 ? C SF4 .  ? A SF4 202 ? 1_555 FE2 ? C SF4 . ? A SF4 202 ? 1_555 S3 ? C SF4 . ? A SF4 202 ? 1_555 106.1 ? 
34 SG ? A CYS 40 ? A CYS 40  ? 1_555 FE2 ? C SF4 . ? A SF4 202 ? 1_555 S4 ? C SF4 . ? A SF4 202 ? 1_555 123.7 ? 
35 S1 ? C SF4 .  ? A SF4 202 ? 1_555 FE2 ? C SF4 . ? A SF4 202 ? 1_555 S4 ? C SF4 . ? A SF4 202 ? 1_555 103.3 ? 
36 S3 ? C SF4 .  ? A SF4 202 ? 1_555 FE2 ? C SF4 . ? A SF4 202 ? 1_555 S4 ? C SF4 . ? A SF4 202 ? 1_555 101.7 ? 
37 SG ? A CYS 49 ? A CYS 49  ? 1_555 FE3 ? C SF4 . ? A SF4 202 ? 1_555 S1 ? C SF4 . ? A SF4 202 ? 1_555 111.5 ? 
38 SG ? A CYS 49 ? A CYS 49  ? 1_555 FE3 ? C SF4 . ? A SF4 202 ? 1_555 S2 ? C SF4 . ? A SF4 202 ? 1_555 123.3 ? 
39 S1 ? C SF4 .  ? A SF4 202 ? 1_555 FE3 ? C SF4 . ? A SF4 202 ? 1_555 S2 ? C SF4 . ? A SF4 202 ? 1_555 102.8 ? 
40 SG ? A CYS 49 ? A CYS 49  ? 1_555 FE3 ? C SF4 . ? A SF4 202 ? 1_555 S4 ? C SF4 . ? A SF4 202 ? 1_555 107.4 ? 
41 S1 ? C SF4 .  ? A SF4 202 ? 1_555 FE3 ? C SF4 . ? A SF4 202 ? 1_555 S4 ? C SF4 . ? A SF4 202 ? 1_555 105.2 ? 
42 S2 ? C SF4 .  ? A SF4 202 ? 1_555 FE3 ? C SF4 . ? A SF4 202 ? 1_555 S4 ? C SF4 . ? A SF4 202 ? 1_555 105.3 ? 
43 SG ? A CYS 53 ? A CYS 53  ? 1_555 FE4 ? B SF4 . ? A SF4 201 ? 1_555 S1 ? B SF4 . ? A SF4 201 ? 1_555 109.7 ? 
44 SG ? A CYS 53 ? A CYS 53  ? 1_555 FE4 ? B SF4 . ? A SF4 201 ? 1_555 S2 ? B SF4 . ? A SF4 201 ? 1_555 124.1 ? 
45 S1 ? B SF4 .  ? A SF4 201 ? 1_555 FE4 ? B SF4 . ? A SF4 201 ? 1_555 S2 ? B SF4 . ? A SF4 201 ? 1_555 101.3 ? 
46 SG ? A CYS 53 ? A CYS 53  ? 1_555 FE4 ? B SF4 . ? A SF4 201 ? 1_555 S3 ? B SF4 . ? A SF4 201 ? 1_555 114.0 ? 
47 S1 ? B SF4 .  ? A SF4 201 ? 1_555 FE4 ? B SF4 . ? A SF4 201 ? 1_555 S3 ? B SF4 . ? A SF4 201 ? 1_555 101.5 ? 
48 S2 ? B SF4 .  ? A SF4 201 ? 1_555 FE4 ? B SF4 . ? A SF4 201 ? 1_555 S3 ? B SF4 . ? A SF4 201 ? 1_555 103.4 ? 
# 
loop_
_pdbx_audit_revision_history.ordinal 
_pdbx_audit_revision_history.data_content_type 
_pdbx_audit_revision_history.major_revision 
_pdbx_audit_revision_history.minor_revision 
_pdbx_audit_revision_history.revision_date 
1 'Structure model' 1 0 2006-04-18 
2 'Structure model' 1 1 2008-05-01 
3 'Structure model' 1 2 2011-07-13 
4 'Structure model' 1 3 2023-08-30 
# 
_pdbx_audit_revision_details.ordinal             1 
_pdbx_audit_revision_details.revision_ordinal    1 
_pdbx_audit_revision_details.data_content_type   'Structure model' 
_pdbx_audit_revision_details.provider            repository 
_pdbx_audit_revision_details.type                'Initial release' 
_pdbx_audit_revision_details.description         ? 
_pdbx_audit_revision_details.details             ? 
# 
loop_
_pdbx_audit_revision_group.ordinal 
_pdbx_audit_revision_group.revision_ordinal 
_pdbx_audit_revision_group.data_content_type 
_pdbx_audit_revision_group.group 
1 2 'Structure model' 'Version format compliance' 
2 3 'Structure model' 'Version format compliance' 
3 4 'Structure model' 'Data collection'           
4 4 'Structure model' 'Database references'       
5 4 'Structure model' 'Derived calculations'      
6 4 'Structure model' 'Refinement description'    
# 
loop_
_pdbx_audit_revision_category.ordinal 
_pdbx_audit_revision_category.revision_ordinal 
_pdbx_audit_revision_category.data_content_type 
_pdbx_audit_revision_category.category 
1 4 'Structure model' chem_comp_atom                
2 4 'Structure model' chem_comp_bond                
3 4 'Structure model' database_2                    
4 4 'Structure model' diffrn_source                 
5 4 'Structure model' pdbx_initial_refinement_model 
6 4 'Structure model' pdbx_struct_conn_angle        
7 4 'Structure model' struct_conn                   
8 4 'Structure model' struct_site                   
# 
loop_
_pdbx_audit_revision_item.ordinal 
_pdbx_audit_revision_item.revision_ordinal 
_pdbx_audit_revision_item.data_content_type 
_pdbx_audit_revision_item.item 
1  4 'Structure model' '_database_2.pdbx_DOI'                        
2  4 'Structure model' '_database_2.pdbx_database_accession'         
3  4 'Structure model' '_diffrn_source.pdbx_synchrotron_site'        
4  4 'Structure model' '_pdbx_struct_conn_angle.ptnr1_auth_seq_id'   
5  4 'Structure model' '_pdbx_struct_conn_angle.ptnr1_label_asym_id' 
6  4 'Structure model' '_pdbx_struct_conn_angle.ptnr1_label_atom_id' 
7  4 'Structure model' '_pdbx_struct_conn_angle.ptnr1_label_seq_id'  
8  4 'Structure model' '_pdbx_struct_conn_angle.ptnr2_auth_seq_id'   
9  4 'Structure model' '_pdbx_struct_conn_angle.ptnr2_label_asym_id' 
10 4 'Structure model' '_pdbx_struct_conn_angle.ptnr2_label_atom_id' 
11 4 'Structure model' '_pdbx_struct_conn_angle.ptnr3_auth_seq_id'   
12 4 'Structure model' '_pdbx_struct_conn_angle.ptnr3_label_asym_id' 
13 4 'Structure model' '_pdbx_struct_conn_angle.ptnr3_label_atom_id' 
14 4 'Structure model' '_pdbx_struct_conn_angle.value'               
15 4 'Structure model' '_struct_conn.pdbx_dist_value'                
16 4 'Structure model' '_struct_conn.ptnr1_auth_comp_id'             
17 4 'Structure model' '_struct_conn.ptnr1_auth_seq_id'              
18 4 'Structure model' '_struct_conn.ptnr1_label_asym_id'            
19 4 'Structure model' '_struct_conn.ptnr1_label_atom_id'            
20 4 'Structure model' '_struct_conn.ptnr1_label_comp_id'            
21 4 'Structure model' '_struct_conn.ptnr1_label_seq_id'             
22 4 'Structure model' '_struct_conn.ptnr2_auth_comp_id'             
23 4 'Structure model' '_struct_conn.ptnr2_auth_seq_id'              
24 4 'Structure model' '_struct_conn.ptnr2_label_asym_id'            
25 4 'Structure model' '_struct_conn.ptnr2_label_atom_id'            
26 4 'Structure model' '_struct_conn.ptnr2_label_comp_id'            
27 4 'Structure model' '_struct_conn.ptnr2_label_seq_id'             
28 4 'Structure model' '_struct_site.pdbx_auth_asym_id'              
29 4 'Structure model' '_struct_site.pdbx_auth_comp_id'              
30 4 'Structure model' '_struct_site.pdbx_auth_seq_id'               
# 
loop_
_software.name 
_software.classification 
_software.version 
_software.citation_id 
_software.pdbx_ordinal 
DENZO     'data reduction' . ? 1 
SCALEPACK 'data scaling'   . ? 2 
MOLREP    phasing          . ? 3 
SHELXL-97 refinement       . ? 4 
# 
_pdbx_validate_torsion.id              1 
_pdbx_validate_torsion.PDB_model_num   1 
_pdbx_validate_torsion.auth_comp_id    ASP 
_pdbx_validate_torsion.auth_asym_id    A 
_pdbx_validate_torsion.auth_seq_id     12 
_pdbx_validate_torsion.PDB_ins_code    ? 
_pdbx_validate_torsion.label_alt_id    ? 
_pdbx_validate_torsion.phi             75.71 
_pdbx_validate_torsion.psi             -8.03 
# 
_pdbx_unobs_or_zero_occ_residues.id               1 
_pdbx_unobs_or_zero_occ_residues.PDB_model_num    1 
_pdbx_unobs_or_zero_occ_residues.polymer_flag     Y 
_pdbx_unobs_or_zero_occ_residues.occupancy_flag   1 
_pdbx_unobs_or_zero_occ_residues.auth_asym_id     A 
_pdbx_unobs_or_zero_occ_residues.auth_comp_id     ALA 
_pdbx_unobs_or_zero_occ_residues.auth_seq_id      82 
_pdbx_unobs_or_zero_occ_residues.PDB_ins_code     ? 
_pdbx_unobs_or_zero_occ_residues.label_asym_id    A 
_pdbx_unobs_or_zero_occ_residues.label_comp_id    ALA 
_pdbx_unobs_or_zero_occ_residues.label_seq_id     82 
# 
loop_
_chem_comp_atom.comp_id 
_chem_comp_atom.atom_id 
_chem_comp_atom.type_symbol 
_chem_comp_atom.pdbx_aromatic_flag 
_chem_comp_atom.pdbx_stereo_config 
_chem_comp_atom.pdbx_ordinal 
ALA N    N  N N 1   
ALA CA   C  N S 2   
ALA C    C  N N 3   
ALA O    O  N N 4   
ALA CB   C  N N 5   
ALA OXT  O  N N 6   
ALA H    H  N N 7   
ALA H2   H  N N 8   
ALA HA   H  N N 9   
ALA HB1  H  N N 10  
ALA HB2  H  N N 11  
ALA HB3  H  N N 12  
ALA HXT  H  N N 13  
ARG N    N  N N 14  
ARG CA   C  N S 15  
ARG C    C  N N 16  
ARG O    O  N N 17  
ARG CB   C  N N 18  
ARG CG   C  N N 19  
ARG CD   C  N N 20  
ARG NE   N  N N 21  
ARG CZ   C  N N 22  
ARG NH1  N  N N 23  
ARG NH2  N  N N 24  
ARG OXT  O  N N 25  
ARG H    H  N N 26  
ARG H2   H  N N 27  
ARG HA   H  N N 28  
ARG HB2  H  N N 29  
ARG HB3  H  N N 30  
ARG HG2  H  N N 31  
ARG HG3  H  N N 32  
ARG HD2  H  N N 33  
ARG HD3  H  N N 34  
ARG HE   H  N N 35  
ARG HH11 H  N N 36  
ARG HH12 H  N N 37  
ARG HH21 H  N N 38  
ARG HH22 H  N N 39  
ARG HXT  H  N N 40  
ASN N    N  N N 41  
ASN CA   C  N S 42  
ASN C    C  N N 43  
ASN O    O  N N 44  
ASN CB   C  N N 45  
ASN CG   C  N N 46  
ASN OD1  O  N N 47  
ASN ND2  N  N N 48  
ASN OXT  O  N N 49  
ASN H    H  N N 50  
ASN H2   H  N N 51  
ASN HA   H  N N 52  
ASN HB2  H  N N 53  
ASN HB3  H  N N 54  
ASN HD21 H  N N 55  
ASN HD22 H  N N 56  
ASN HXT  H  N N 57  
ASP N    N  N N 58  
ASP CA   C  N S 59  
ASP C    C  N N 60  
ASP O    O  N N 61  
ASP CB   C  N N 62  
ASP CG   C  N N 63  
ASP OD1  O  N N 64  
ASP OD2  O  N N 65  
ASP OXT  O  N N 66  
ASP H    H  N N 67  
ASP H2   H  N N 68  
ASP HA   H  N N 69  
ASP HB2  H  N N 70  
ASP HB3  H  N N 71  
ASP HD2  H  N N 72  
ASP HXT  H  N N 73  
CYS N    N  N N 74  
CYS CA   C  N R 75  
CYS C    C  N N 76  
CYS O    O  N N 77  
CYS CB   C  N N 78  
CYS SG   S  N N 79  
CYS OXT  O  N N 80  
CYS H    H  N N 81  
CYS H2   H  N N 82  
CYS HA   H  N N 83  
CYS HB2  H  N N 84  
CYS HB3  H  N N 85  
CYS HG   H  N N 86  
CYS HXT  H  N N 87  
GLN N    N  N N 88  
GLN CA   C  N S 89  
GLN C    C  N N 90  
GLN O    O  N N 91  
GLN CB   C  N N 92  
GLN CG   C  N N 93  
GLN CD   C  N N 94  
GLN OE1  O  N N 95  
GLN NE2  N  N N 96  
GLN OXT  O  N N 97  
GLN H    H  N N 98  
GLN H2   H  N N 99  
GLN HA   H  N N 100 
GLN HB2  H  N N 101 
GLN HB3  H  N N 102 
GLN HG2  H  N N 103 
GLN HG3  H  N N 104 
GLN HE21 H  N N 105 
GLN HE22 H  N N 106 
GLN HXT  H  N N 107 
GLU N    N  N N 108 
GLU CA   C  N S 109 
GLU C    C  N N 110 
GLU O    O  N N 111 
GLU CB   C  N N 112 
GLU CG   C  N N 113 
GLU CD   C  N N 114 
GLU OE1  O  N N 115 
GLU OE2  O  N N 116 
GLU OXT  O  N N 117 
GLU H    H  N N 118 
GLU H2   H  N N 119 
GLU HA   H  N N 120 
GLU HB2  H  N N 121 
GLU HB3  H  N N 122 
GLU HG2  H  N N 123 
GLU HG3  H  N N 124 
GLU HE2  H  N N 125 
GLU HXT  H  N N 126 
GLY N    N  N N 127 
GLY CA   C  N N 128 
GLY C    C  N N 129 
GLY O    O  N N 130 
GLY OXT  O  N N 131 
GLY H    H  N N 132 
GLY H2   H  N N 133 
GLY HA2  H  N N 134 
GLY HA3  H  N N 135 
GLY HXT  H  N N 136 
HIS N    N  N N 137 
HIS CA   C  N S 138 
HIS C    C  N N 139 
HIS O    O  N N 140 
HIS CB   C  N N 141 
HIS CG   C  Y N 142 
HIS ND1  N  Y N 143 
HIS CD2  C  Y N 144 
HIS CE1  C  Y N 145 
HIS NE2  N  Y N 146 
HIS OXT  O  N N 147 
HIS H    H  N N 148 
HIS H2   H  N N 149 
HIS HA   H  N N 150 
HIS HB2  H  N N 151 
HIS HB3  H  N N 152 
HIS HD1  H  N N 153 
HIS HD2  H  N N 154 
HIS HE1  H  N N 155 
HIS HE2  H  N N 156 
HIS HXT  H  N N 157 
HOH O    O  N N 158 
HOH H1   H  N N 159 
HOH H2   H  N N 160 
ILE N    N  N N 161 
ILE CA   C  N S 162 
ILE C    C  N N 163 
ILE O    O  N N 164 
ILE CB   C  N S 165 
ILE CG1  C  N N 166 
ILE CG2  C  N N 167 
ILE CD1  C  N N 168 
ILE OXT  O  N N 169 
ILE H    H  N N 170 
ILE H2   H  N N 171 
ILE HA   H  N N 172 
ILE HB   H  N N 173 
ILE HG12 H  N N 174 
ILE HG13 H  N N 175 
ILE HG21 H  N N 176 
ILE HG22 H  N N 177 
ILE HG23 H  N N 178 
ILE HD11 H  N N 179 
ILE HD12 H  N N 180 
ILE HD13 H  N N 181 
ILE HXT  H  N N 182 
LEU N    N  N N 183 
LEU CA   C  N S 184 
LEU C    C  N N 185 
LEU O    O  N N 186 
LEU CB   C  N N 187 
LEU CG   C  N N 188 
LEU CD1  C  N N 189 
LEU CD2  C  N N 190 
LEU OXT  O  N N 191 
LEU H    H  N N 192 
LEU H2   H  N N 193 
LEU HA   H  N N 194 
LEU HB2  H  N N 195 
LEU HB3  H  N N 196 
LEU HG   H  N N 197 
LEU HD11 H  N N 198 
LEU HD12 H  N N 199 
LEU HD13 H  N N 200 
LEU HD21 H  N N 201 
LEU HD22 H  N N 202 
LEU HD23 H  N N 203 
LEU HXT  H  N N 204 
LYS N    N  N N 205 
LYS CA   C  N S 206 
LYS C    C  N N 207 
LYS O    O  N N 208 
LYS CB   C  N N 209 
LYS CG   C  N N 210 
LYS CD   C  N N 211 
LYS CE   C  N N 212 
LYS NZ   N  N N 213 
LYS OXT  O  N N 214 
LYS H    H  N N 215 
LYS H2   H  N N 216 
LYS HA   H  N N 217 
LYS HB2  H  N N 218 
LYS HB3  H  N N 219 
LYS HG2  H  N N 220 
LYS HG3  H  N N 221 
LYS HD2  H  N N 222 
LYS HD3  H  N N 223 
LYS HE2  H  N N 224 
LYS HE3  H  N N 225 
LYS HZ1  H  N N 226 
LYS HZ2  H  N N 227 
LYS HZ3  H  N N 228 
LYS HXT  H  N N 229 
MET N    N  N N 230 
MET CA   C  N S 231 
MET C    C  N N 232 
MET O    O  N N 233 
MET CB   C  N N 234 
MET CG   C  N N 235 
MET SD   S  N N 236 
MET CE   C  N N 237 
MET OXT  O  N N 238 
MET H    H  N N 239 
MET H2   H  N N 240 
MET HA   H  N N 241 
MET HB2  H  N N 242 
MET HB3  H  N N 243 
MET HG2  H  N N 244 
MET HG3  H  N N 245 
MET HE1  H  N N 246 
MET HE2  H  N N 247 
MET HE3  H  N N 248 
MET HXT  H  N N 249 
PRO N    N  N N 250 
PRO CA   C  N S 251 
PRO C    C  N N 252 
PRO O    O  N N 253 
PRO CB   C  N N 254 
PRO CG   C  N N 255 
PRO CD   C  N N 256 
PRO OXT  O  N N 257 
PRO H    H  N N 258 
PRO HA   H  N N 259 
PRO HB2  H  N N 260 
PRO HB3  H  N N 261 
PRO HG2  H  N N 262 
PRO HG3  H  N N 263 
PRO HD2  H  N N 264 
PRO HD3  H  N N 265 
PRO HXT  H  N N 266 
SER N    N  N N 267 
SER CA   C  N S 268 
SER C    C  N N 269 
SER O    O  N N 270 
SER CB   C  N N 271 
SER OG   O  N N 272 
SER OXT  O  N N 273 
SER H    H  N N 274 
SER H2   H  N N 275 
SER HA   H  N N 276 
SER HB2  H  N N 277 
SER HB3  H  N N 278 
SER HG   H  N N 279 
SER HXT  H  N N 280 
SF4 FE1  FE N N 281 
SF4 FE2  FE N N 282 
SF4 FE3  FE N N 283 
SF4 FE4  FE N N 284 
SF4 S1   S  N N 285 
SF4 S2   S  N N 286 
SF4 S3   S  N N 287 
SF4 S4   S  N N 288 
THR N    N  N N 289 
THR CA   C  N S 290 
THR C    C  N N 291 
THR O    O  N N 292 
THR CB   C  N R 293 
THR OG1  O  N N 294 
THR CG2  C  N N 295 
THR OXT  O  N N 296 
THR H    H  N N 297 
THR H2   H  N N 298 
THR HA   H  N N 299 
THR HB   H  N N 300 
THR HG1  H  N N 301 
THR HG21 H  N N 302 
THR HG22 H  N N 303 
THR HG23 H  N N 304 
THR HXT  H  N N 305 
TYR N    N  N N 306 
TYR CA   C  N S 307 
TYR C    C  N N 308 
TYR O    O  N N 309 
TYR CB   C  N N 310 
TYR CG   C  Y N 311 
TYR CD1  C  Y N 312 
TYR CD2  C  Y N 313 
TYR CE1  C  Y N 314 
TYR CE2  C  Y N 315 
TYR CZ   C  Y N 316 
TYR OH   O  N N 317 
TYR OXT  O  N N 318 
TYR H    H  N N 319 
TYR H2   H  N N 320 
TYR HA   H  N N 321 
TYR HB2  H  N N 322 
TYR HB3  H  N N 323 
TYR HD1  H  N N 324 
TYR HD2  H  N N 325 
TYR HE1  H  N N 326 
TYR HE2  H  N N 327 
TYR HH   H  N N 328 
TYR HXT  H  N N 329 
VAL N    N  N N 330 
VAL CA   C  N S 331 
VAL C    C  N N 332 
VAL O    O  N N 333 
VAL CB   C  N N 334 
VAL CG1  C  N N 335 
VAL CG2  C  N N 336 
VAL OXT  O  N N 337 
VAL H    H  N N 338 
VAL H2   H  N N 339 
VAL HA   H  N N 340 
VAL HB   H  N N 341 
VAL HG11 H  N N 342 
VAL HG12 H  N N 343 
VAL HG13 H  N N 344 
VAL HG21 H  N N 345 
VAL HG22 H  N N 346 
VAL HG23 H  N N 347 
VAL HXT  H  N N 348 
# 
loop_
_chem_comp_bond.comp_id 
_chem_comp_bond.atom_id_1 
_chem_comp_bond.atom_id_2 
_chem_comp_bond.value_order 
_chem_comp_bond.pdbx_aromatic_flag 
_chem_comp_bond.pdbx_stereo_config 
_chem_comp_bond.pdbx_ordinal 
ALA N   CA   sing N N 1   
ALA N   H    sing N N 2   
ALA N   H2   sing N N 3   
ALA CA  C    sing N N 4   
ALA CA  CB   sing N N 5   
ALA CA  HA   sing N N 6   
ALA C   O    doub N N 7   
ALA C   OXT  sing N N 8   
ALA CB  HB1  sing N N 9   
ALA CB  HB2  sing N N 10  
ALA CB  HB3  sing N N 11  
ALA OXT HXT  sing N N 12  
ARG N   CA   sing N N 13  
ARG N   H    sing N N 14  
ARG N   H2   sing N N 15  
ARG CA  C    sing N N 16  
ARG CA  CB   sing N N 17  
ARG CA  HA   sing N N 18  
ARG C   O    doub N N 19  
ARG C   OXT  sing N N 20  
ARG CB  CG   sing N N 21  
ARG CB  HB2  sing N N 22  
ARG CB  HB3  sing N N 23  
ARG CG  CD   sing N N 24  
ARG CG  HG2  sing N N 25  
ARG CG  HG3  sing N N 26  
ARG CD  NE   sing N N 27  
ARG CD  HD2  sing N N 28  
ARG CD  HD3  sing N N 29  
ARG NE  CZ   sing N N 30  
ARG NE  HE   sing N N 31  
ARG CZ  NH1  sing N N 32  
ARG CZ  NH2  doub N N 33  
ARG NH1 HH11 sing N N 34  
ARG NH1 HH12 sing N N 35  
ARG NH2 HH21 sing N N 36  
ARG NH2 HH22 sing N N 37  
ARG OXT HXT  sing N N 38  
ASN N   CA   sing N N 39  
ASN N   H    sing N N 40  
ASN N   H2   sing N N 41  
ASN CA  C    sing N N 42  
ASN CA  CB   sing N N 43  
ASN CA  HA   sing N N 44  
ASN C   O    doub N N 45  
ASN C   OXT  sing N N 46  
ASN CB  CG   sing N N 47  
ASN CB  HB2  sing N N 48  
ASN CB  HB3  sing N N 49  
ASN CG  OD1  doub N N 50  
ASN CG  ND2  sing N N 51  
ASN ND2 HD21 sing N N 52  
ASN ND2 HD22 sing N N 53  
ASN OXT HXT  sing N N 54  
ASP N   CA   sing N N 55  
ASP N   H    sing N N 56  
ASP N   H2   sing N N 57  
ASP CA  C    sing N N 58  
ASP CA  CB   sing N N 59  
ASP CA  HA   sing N N 60  
ASP C   O    doub N N 61  
ASP C   OXT  sing N N 62  
ASP CB  CG   sing N N 63  
ASP CB  HB2  sing N N 64  
ASP CB  HB3  sing N N 65  
ASP CG  OD1  doub N N 66  
ASP CG  OD2  sing N N 67  
ASP OD2 HD2  sing N N 68  
ASP OXT HXT  sing N N 69  
CYS N   CA   sing N N 70  
CYS N   H    sing N N 71  
CYS N   H2   sing N N 72  
CYS CA  C    sing N N 73  
CYS CA  CB   sing N N 74  
CYS CA  HA   sing N N 75  
CYS C   O    doub N N 76  
CYS C   OXT  sing N N 77  
CYS CB  SG   sing N N 78  
CYS CB  HB2  sing N N 79  
CYS CB  HB3  sing N N 80  
CYS SG  HG   sing N N 81  
CYS OXT HXT  sing N N 82  
GLN N   CA   sing N N 83  
GLN N   H    sing N N 84  
GLN N   H2   sing N N 85  
GLN CA  C    sing N N 86  
GLN CA  CB   sing N N 87  
GLN CA  HA   sing N N 88  
GLN C   O    doub N N 89  
GLN C   OXT  sing N N 90  
GLN CB  CG   sing N N 91  
GLN CB  HB2  sing N N 92  
GLN CB  HB3  sing N N 93  
GLN CG  CD   sing N N 94  
GLN CG  HG2  sing N N 95  
GLN CG  HG3  sing N N 96  
GLN CD  OE1  doub N N 97  
GLN CD  NE2  sing N N 98  
GLN NE2 HE21 sing N N 99  
GLN NE2 HE22 sing N N 100 
GLN OXT HXT  sing N N 101 
GLU N   CA   sing N N 102 
GLU N   H    sing N N 103 
GLU N   H2   sing N N 104 
GLU CA  C    sing N N 105 
GLU CA  CB   sing N N 106 
GLU CA  HA   sing N N 107 
GLU C   O    doub N N 108 
GLU C   OXT  sing N N 109 
GLU CB  CG   sing N N 110 
GLU CB  HB2  sing N N 111 
GLU CB  HB3  sing N N 112 
GLU CG  CD   sing N N 113 
GLU CG  HG2  sing N N 114 
GLU CG  HG3  sing N N 115 
GLU CD  OE1  doub N N 116 
GLU CD  OE2  sing N N 117 
GLU OE2 HE2  sing N N 118 
GLU OXT HXT  sing N N 119 
GLY N   CA   sing N N 120 
GLY N   H    sing N N 121 
GLY N   H2   sing N N 122 
GLY CA  C    sing N N 123 
GLY CA  HA2  sing N N 124 
GLY CA  HA3  sing N N 125 
GLY C   O    doub N N 126 
GLY C   OXT  sing N N 127 
GLY OXT HXT  sing N N 128 
HIS N   CA   sing N N 129 
HIS N   H    sing N N 130 
HIS N   H2   sing N N 131 
HIS CA  C    sing N N 132 
HIS CA  CB   sing N N 133 
HIS CA  HA   sing N N 134 
HIS C   O    doub N N 135 
HIS C   OXT  sing N N 136 
HIS CB  CG   sing N N 137 
HIS CB  HB2  sing N N 138 
HIS CB  HB3  sing N N 139 
HIS CG  ND1  sing Y N 140 
HIS CG  CD2  doub Y N 141 
HIS ND1 CE1  doub Y N 142 
HIS ND1 HD1  sing N N 143 
HIS CD2 NE2  sing Y N 144 
HIS CD2 HD2  sing N N 145 
HIS CE1 NE2  sing Y N 146 
HIS CE1 HE1  sing N N 147 
HIS NE2 HE2  sing N N 148 
HIS OXT HXT  sing N N 149 
HOH O   H1   sing N N 150 
HOH O   H2   sing N N 151 
ILE N   CA   sing N N 152 
ILE N   H    sing N N 153 
ILE N   H2   sing N N 154 
ILE CA  C    sing N N 155 
ILE CA  CB   sing N N 156 
ILE CA  HA   sing N N 157 
ILE C   O    doub N N 158 
ILE C   OXT  sing N N 159 
ILE CB  CG1  sing N N 160 
ILE CB  CG2  sing N N 161 
ILE CB  HB   sing N N 162 
ILE CG1 CD1  sing N N 163 
ILE CG1 HG12 sing N N 164 
ILE CG1 HG13 sing N N 165 
ILE CG2 HG21 sing N N 166 
ILE CG2 HG22 sing N N 167 
ILE CG2 HG23 sing N N 168 
ILE CD1 HD11 sing N N 169 
ILE CD1 HD12 sing N N 170 
ILE CD1 HD13 sing N N 171 
ILE OXT HXT  sing N N 172 
LEU N   CA   sing N N 173 
LEU N   H    sing N N 174 
LEU N   H2   sing N N 175 
LEU CA  C    sing N N 176 
LEU CA  CB   sing N N 177 
LEU CA  HA   sing N N 178 
LEU C   O    doub N N 179 
LEU C   OXT  sing N N 180 
LEU CB  CG   sing N N 181 
LEU CB  HB2  sing N N 182 
LEU CB  HB3  sing N N 183 
LEU CG  CD1  sing N N 184 
LEU CG  CD2  sing N N 185 
LEU CG  HG   sing N N 186 
LEU CD1 HD11 sing N N 187 
LEU CD1 HD12 sing N N 188 
LEU CD1 HD13 sing N N 189 
LEU CD2 HD21 sing N N 190 
LEU CD2 HD22 sing N N 191 
LEU CD2 HD23 sing N N 192 
LEU OXT HXT  sing N N 193 
LYS N   CA   sing N N 194 
LYS N   H    sing N N 195 
LYS N   H2   sing N N 196 
LYS CA  C    sing N N 197 
LYS CA  CB   sing N N 198 
LYS CA  HA   sing N N 199 
LYS C   O    doub N N 200 
LYS C   OXT  sing N N 201 
LYS CB  CG   sing N N 202 
LYS CB  HB2  sing N N 203 
LYS CB  HB3  sing N N 204 
LYS CG  CD   sing N N 205 
LYS CG  HG2  sing N N 206 
LYS CG  HG3  sing N N 207 
LYS CD  CE   sing N N 208 
LYS CD  HD2  sing N N 209 
LYS CD  HD3  sing N N 210 
LYS CE  NZ   sing N N 211 
LYS CE  HE2  sing N N 212 
LYS CE  HE3  sing N N 213 
LYS NZ  HZ1  sing N N 214 
LYS NZ  HZ2  sing N N 215 
LYS NZ  HZ3  sing N N 216 
LYS OXT HXT  sing N N 217 
MET N   CA   sing N N 218 
MET N   H    sing N N 219 
MET N   H2   sing N N 220 
MET CA  C    sing N N 221 
MET CA  CB   sing N N 222 
MET CA  HA   sing N N 223 
MET C   O    doub N N 224 
MET C   OXT  sing N N 225 
MET CB  CG   sing N N 226 
MET CB  HB2  sing N N 227 
MET CB  HB3  sing N N 228 
MET CG  SD   sing N N 229 
MET CG  HG2  sing N N 230 
MET CG  HG3  sing N N 231 
MET SD  CE   sing N N 232 
MET CE  HE1  sing N N 233 
MET CE  HE2  sing N N 234 
MET CE  HE3  sing N N 235 
MET OXT HXT  sing N N 236 
PRO N   CA   sing N N 237 
PRO N   CD   sing N N 238 
PRO N   H    sing N N 239 
PRO CA  C    sing N N 240 
PRO CA  CB   sing N N 241 
PRO CA  HA   sing N N 242 
PRO C   O    doub N N 243 
PRO C   OXT  sing N N 244 
PRO CB  CG   sing N N 245 
PRO CB  HB2  sing N N 246 
PRO CB  HB3  sing N N 247 
PRO CG  CD   sing N N 248 
PRO CG  HG2  sing N N 249 
PRO CG  HG3  sing N N 250 
PRO CD  HD2  sing N N 251 
PRO CD  HD3  sing N N 252 
PRO OXT HXT  sing N N 253 
SER N   CA   sing N N 254 
SER N   H    sing N N 255 
SER N   H2   sing N N 256 
SER CA  C    sing N N 257 
SER CA  CB   sing N N 258 
SER CA  HA   sing N N 259 
SER C   O    doub N N 260 
SER C   OXT  sing N N 261 
SER CB  OG   sing N N 262 
SER CB  HB2  sing N N 263 
SER CB  HB3  sing N N 264 
SER OG  HG   sing N N 265 
SER OXT HXT  sing N N 266 
SF4 FE1 S2   sing N N 267 
SF4 FE1 S3   sing N N 268 
SF4 FE1 S4   sing N N 269 
SF4 FE2 S1   sing N N 270 
SF4 FE2 S3   sing N N 271 
SF4 FE2 S4   sing N N 272 
SF4 FE3 S1   sing N N 273 
SF4 FE3 S2   sing N N 274 
SF4 FE3 S4   sing N N 275 
SF4 FE4 S1   sing N N 276 
SF4 FE4 S2   sing N N 277 
SF4 FE4 S3   sing N N 278 
THR N   CA   sing N N 279 
THR N   H    sing N N 280 
THR N   H2   sing N N 281 
THR CA  C    sing N N 282 
THR CA  CB   sing N N 283 
THR CA  HA   sing N N 284 
THR C   O    doub N N 285 
THR C   OXT  sing N N 286 
THR CB  OG1  sing N N 287 
THR CB  CG2  sing N N 288 
THR CB  HB   sing N N 289 
THR OG1 HG1  sing N N 290 
THR CG2 HG21 sing N N 291 
THR CG2 HG22 sing N N 292 
THR CG2 HG23 sing N N 293 
THR OXT HXT  sing N N 294 
TYR N   CA   sing N N 295 
TYR N   H    sing N N 296 
TYR N   H2   sing N N 297 
TYR CA  C    sing N N 298 
TYR CA  CB   sing N N 299 
TYR CA  HA   sing N N 300 
TYR C   O    doub N N 301 
TYR C   OXT  sing N N 302 
TYR CB  CG   sing N N 303 
TYR CB  HB2  sing N N 304 
TYR CB  HB3  sing N N 305 
TYR CG  CD1  doub Y N 306 
TYR CG  CD2  sing Y N 307 
TYR CD1 CE1  sing Y N 308 
TYR CD1 HD1  sing N N 309 
TYR CD2 CE2  doub Y N 310 
TYR CD2 HD2  sing N N 311 
TYR CE1 CZ   doub Y N 312 
TYR CE1 HE1  sing N N 313 
TYR CE2 CZ   sing Y N 314 
TYR CE2 HE2  sing N N 315 
TYR CZ  OH   sing N N 316 
TYR OH  HH   sing N N 317 
TYR OXT HXT  sing N N 318 
VAL N   CA   sing N N 319 
VAL N   H    sing N N 320 
VAL N   H2   sing N N 321 
VAL CA  C    sing N N 322 
VAL CA  CB   sing N N 323 
VAL CA  HA   sing N N 324 
VAL C   O    doub N N 325 
VAL C   OXT  sing N N 326 
VAL CB  CG1  sing N N 327 
VAL CB  CG2  sing N N 328 
VAL CB  HB   sing N N 329 
VAL CG1 HG11 sing N N 330 
VAL CG1 HG12 sing N N 331 
VAL CG1 HG13 sing N N 332 
VAL CG2 HG21 sing N N 333 
VAL CG2 HG22 sing N N 334 
VAL CG2 HG23 sing N N 335 
VAL OXT HXT  sing N N 336 
# 
loop_
_pdbx_entity_nonpoly.entity_id 
_pdbx_entity_nonpoly.name 
_pdbx_entity_nonpoly.comp_id 
2 'IRON/SULFUR CLUSTER' SF4 
3 water                 HOH 
# 
_pdbx_initial_refinement_model.id               1 
_pdbx_initial_refinement_model.entity_id_list   ? 
_pdbx_initial_refinement_model.type             'experimental model' 
_pdbx_initial_refinement_model.source_name      PDB 
_pdbx_initial_refinement_model.accession_code   1BLU 
_pdbx_initial_refinement_model.details          'PDB ENTRY 1BLU' 
# 
